data_1EFL
#
_entry.id   1EFL
#
_cell.length_a   228.8
_cell.length_b   117.0
_cell.length_c   114.3
_cell.angle_alpha   90.0
_cell.angle_beta   109.2
_cell.angle_gamma   90.0
#
_symmetry.space_group_name_H-M   'C 1 2 1'
#
loop_
_entity.id
_entity.type
_entity.pdbx_description
1 polymer 'MALIC ENZYME'
2 non-polymer 'MAGNESIUM ION'
3 non-polymer NICOTINAMIDE-ADENINE-DINUCLEOTIDE
4 non-polymer TARTRONATE
5 water water
#
_entity_poly.entity_id   1
_entity_poly.type   'polypeptide(L)'
_entity_poly.pdbx_seq_one_letter_code
;(MSE)LSRLRVVSTTCTLACRHLHIKEKGKPL(MSE)LNPRTNKG(MSE)AFTLQERQ(MSE)LGLQGLLPPKIETQDIQ
ALRFHRNLKK(MSE)TSPLEKYIYI(MSE)GIQERNEKLFYRILQDDIESL(MSE)PIVYTPTVGLACSQYGHIFRRPKG
LFISISDRGHVRSIVDNWPENHVKAVVVTDGERILGLGDLGVYG(MSE)GIPVGKLCLYTACAGIRPDRCLPVCIDVGTD
NIALLKDPFY(MSE)GLYQKRDRTQQYDDLIDEF(MSE)KAITDRYGRNTLIQFEDFGNHNAFRFLRKYREKYCTFNDDI
QGTAAVALAGLLAAQKVISKPISEHKILFLGAGEAALGIANLIV(MSE)S(MSE)VENGLSEQEAQKKIW(MSE)FDKYG
LLVKGRKAKIDSYQEPFTHSAPESIPDTFEDAVNILKPSTIIGVAGAGRLFTPDVIRA(MSE)ASINERPVIFALSNPTA
QAECTAEEAYTLTEGRCLFASGSPFGPVKLTDGRVFTPGQGNNVYIFPGVALAVILCNTRHISDSVFLEAAKALTSQLTD
EELAQGRLYPPLANIQEVSINIAIKVTEYLYANK(MSE)AFRYPEPEDKAKYVKERTWRSEYDSLLPDVYEWPESASSPP
VITE
;
_entity_poly.pdbx_strand_id   A,B,C,D
#
# COMPACT_ATOMS: atom_id res chain seq x y z
N ILE A 21 -0.58 -13.26 2.49
CA ILE A 21 -0.50 -11.79 2.76
C ILE A 21 -0.01 -11.01 1.54
N LYS A 22 -0.25 -9.71 1.51
CA LYS A 22 0.11 -8.89 0.34
C LYS A 22 1.15 -7.79 0.52
N GLU A 23 1.74 -7.69 1.71
CA GLU A 23 2.74 -6.66 1.88
C GLU A 23 4.09 -7.21 2.25
N LYS A 24 5.12 -6.44 1.96
CA LYS A 24 6.47 -6.84 2.26
C LYS A 24 7.23 -5.66 2.86
N GLY A 25 8.42 -5.92 3.38
CA GLY A 25 9.19 -4.84 3.97
C GLY A 25 8.83 -4.55 5.41
N LYS A 26 9.10 -3.31 5.85
CA LYS A 26 8.82 -2.90 7.23
C LYS A 26 7.39 -3.14 7.70
N PRO A 27 6.39 -2.85 6.85
CA PRO A 27 4.98 -3.03 7.20
C PRO A 27 4.65 -4.39 7.79
N LEU A 28 5.50 -5.38 7.56
CA LEU A 28 5.26 -6.71 8.10
C LEU A 28 5.70 -6.74 9.57
N LEU A 30 5.50 -3.84 11.50
CA LEU A 30 4.57 -2.94 12.17
C LEU A 30 3.22 -3.59 12.43
N ASN A 31 2.81 -4.48 11.54
CA ASN A 31 1.53 -5.16 11.71
C ASN A 31 1.76 -6.32 12.68
N PRO A 32 1.22 -6.24 13.90
CA PRO A 32 1.39 -7.29 14.89
C PRO A 32 0.74 -8.61 14.51
N ARG A 33 -0.18 -8.55 13.57
CA ARG A 33 -0.89 -9.73 13.12
C ARG A 33 0.04 -10.58 12.26
N THR A 34 1.10 -9.97 11.74
CA THR A 34 2.09 -10.62 10.87
C THR A 34 3.51 -10.65 11.42
N ASN A 35 3.81 -9.72 12.32
CA ASN A 35 5.11 -9.56 12.97
C ASN A 35 5.52 -10.81 13.72
N LYS A 36 6.77 -11.23 13.50
CA LYS A 36 7.32 -12.45 14.12
C LYS A 36 8.52 -12.08 14.97
N GLY A 37 9.05 -10.90 14.72
CA GLY A 37 10.22 -10.48 15.46
C GLY A 37 11.39 -11.21 14.85
N ALA A 39 12.03 -13.91 14.81
CA ALA A 39 11.63 -15.28 14.48
C ALA A 39 11.45 -15.44 12.97
N PHE A 40 11.53 -14.34 12.24
CA PHE A 40 11.42 -14.39 10.79
C PHE A 40 12.65 -15.19 10.33
N THR A 41 12.45 -16.23 9.52
CA THR A 41 13.57 -17.03 9.04
C THR A 41 14.42 -16.16 8.13
N LEU A 42 15.63 -16.60 7.82
CA LEU A 42 16.50 -15.82 6.94
C LEU A 42 15.93 -15.74 5.54
N GLN A 43 15.15 -16.76 5.21
CA GLN A 43 14.51 -16.85 3.91
C GLN A 43 13.47 -15.76 3.82
N GLU A 44 12.58 -15.74 4.82
CA GLU A 44 11.56 -14.72 4.88
C GLU A 44 12.26 -13.38 4.82
N ARG A 45 13.15 -13.13 5.78
CA ARG A 45 13.89 -11.89 5.85
C ARG A 45 14.35 -11.45 4.47
N GLN A 46 15.29 -12.21 3.92
CA GLN A 46 15.83 -11.92 2.58
C GLN A 46 14.73 -11.80 1.53
N LEU A 48 11.22 -11.23 1.98
CA LEU A 48 10.23 -10.17 2.18
C LEU A 48 10.81 -8.78 2.38
N GLY A 49 12.12 -8.66 2.24
CA GLY A 49 12.76 -7.37 2.39
C GLY A 49 12.98 -6.88 3.81
N LEU A 50 13.12 -7.79 4.76
CA LEU A 50 13.32 -7.42 6.15
C LEU A 50 14.79 -7.51 6.54
N GLN A 51 15.60 -8.12 5.69
CA GLN A 51 17.01 -8.28 5.99
C GLN A 51 17.70 -6.95 6.30
N GLY A 52 18.37 -6.90 7.44
CA GLY A 52 19.05 -5.68 7.84
C GLY A 52 18.21 -4.87 8.80
N LEU A 53 16.90 -5.14 8.83
CA LEU A 53 15.97 -4.44 9.70
C LEU A 53 15.81 -5.15 11.04
N LEU A 54 16.42 -6.33 11.15
CA LEU A 54 16.37 -7.12 12.37
C LEU A 54 17.80 -7.53 12.75
N PRO A 55 18.04 -7.83 14.02
CA PRO A 55 19.41 -8.22 14.34
C PRO A 55 19.77 -9.56 13.66
N PRO A 56 21.05 -9.74 13.29
CA PRO A 56 21.49 -10.97 12.62
C PRO A 56 21.01 -12.26 13.26
N LYS A 57 20.60 -12.21 14.53
CA LYS A 57 20.14 -13.41 15.23
C LYS A 57 18.73 -13.77 14.82
N ILE A 58 18.50 -15.08 14.68
CA ILE A 58 17.19 -15.59 14.34
C ILE A 58 16.76 -16.44 15.53
N GLU A 59 15.72 -15.98 16.21
CA GLU A 59 15.24 -16.66 17.40
C GLU A 59 14.15 -17.68 17.08
N THR A 60 13.74 -18.40 18.12
CA THR A 60 12.66 -19.35 18.02
C THR A 60 11.58 -18.75 18.92
N GLN A 61 10.35 -19.17 18.73
CA GLN A 61 9.30 -18.65 19.58
C GLN A 61 9.64 -19.13 21.00
N ASP A 62 10.28 -20.30 21.09
CA ASP A 62 10.68 -20.86 22.38
C ASP A 62 11.44 -19.84 23.19
N ILE A 63 12.46 -19.26 22.57
CA ILE A 63 13.33 -18.27 23.18
C ILE A 63 12.60 -16.96 23.43
N GLN A 64 11.80 -16.55 22.47
CA GLN A 64 11.05 -15.33 22.60
C GLN A 64 10.17 -15.40 23.83
N ALA A 65 9.54 -16.56 24.06
CA ALA A 65 8.67 -16.74 25.22
C ALA A 65 9.50 -16.66 26.50
N LEU A 66 10.70 -17.22 26.43
CA LEU A 66 11.65 -17.24 27.56
C LEU A 66 11.96 -15.82 28.04
N ARG A 67 12.31 -14.99 27.07
CA ARG A 67 12.64 -13.61 27.33
C ARG A 67 11.45 -12.96 28.03
N PHE A 68 10.24 -13.28 27.61
CA PHE A 68 9.07 -12.71 28.25
C PHE A 68 8.86 -13.22 29.67
N HIS A 69 8.86 -14.55 29.82
CA HIS A 69 8.64 -15.14 31.12
C HIS A 69 9.70 -14.75 32.11
N ARG A 70 10.87 -14.37 31.60
CA ARG A 70 11.96 -13.99 32.47
C ARG A 70 11.81 -12.55 32.89
N ASN A 71 11.33 -11.73 31.96
CA ASN A 71 11.11 -10.30 32.18
C ASN A 71 9.89 -10.07 33.05
N LEU A 72 8.95 -11.00 32.96
CA LEU A 72 7.72 -10.89 33.71
C LEU A 72 7.91 -11.25 35.17
N LYS A 73 8.79 -12.20 35.44
CA LYS A 73 9.04 -12.62 36.81
C LYS A 73 9.66 -11.50 37.65
N LYS A 74 10.28 -10.54 36.97
CA LYS A 74 10.91 -9.42 37.64
C LYS A 74 9.90 -8.33 37.99
N THR A 76 6.54 -6.64 39.67
CA THR A 76 6.00 -6.84 40.99
C THR A 76 4.48 -6.69 41.08
N SER A 77 3.95 -5.61 40.53
CA SER A 77 2.51 -5.41 40.56
C SER A 77 1.80 -6.02 39.36
N PRO A 78 0.56 -6.51 39.55
CA PRO A 78 -0.23 -7.12 38.47
C PRO A 78 -0.58 -6.18 37.33
N LEU A 79 -0.81 -4.91 37.63
CA LEU A 79 -1.15 -3.96 36.58
C LEU A 79 0.06 -3.63 35.72
N GLU A 80 1.24 -3.84 36.28
CA GLU A 80 2.51 -3.60 35.59
C GLU A 80 2.73 -4.77 34.62
N LYS A 81 2.29 -5.94 35.06
CA LYS A 81 2.39 -7.15 34.27
C LYS A 81 1.31 -7.14 33.21
N TYR A 82 0.13 -6.64 33.57
CA TYR A 82 -0.98 -6.55 32.63
C TYR A 82 -0.58 -5.62 31.50
N ILE A 83 0.07 -4.51 31.84
CA ILE A 83 0.51 -3.56 30.81
C ILE A 83 1.56 -4.21 29.91
N TYR A 84 2.36 -5.09 30.49
CA TYR A 84 3.41 -5.77 29.76
C TYR A 84 2.84 -6.81 28.79
N ILE A 85 2.12 -7.79 29.31
CA ILE A 85 1.57 -8.82 28.45
C ILE A 85 0.66 -8.22 27.39
N GLY A 87 0.84 -5.59 26.00
CA GLY A 87 1.66 -4.87 25.05
C GLY A 87 2.27 -5.77 24.00
N ILE A 88 2.31 -7.07 24.27
CA ILE A 88 2.86 -8.02 23.30
C ILE A 88 1.81 -8.11 22.20
N GLN A 89 0.55 -8.28 22.59
CA GLN A 89 -0.54 -8.37 21.64
C GLN A 89 -0.50 -7.31 20.55
N GLU A 90 0.00 -6.13 20.88
CA GLU A 90 0.08 -5.04 19.90
C GLU A 90 1.41 -5.02 19.22
N ARG A 91 2.23 -6.04 19.51
CA ARG A 91 3.57 -6.19 18.97
C ARG A 91 3.64 -7.46 18.11
N ASN A 92 3.36 -8.62 18.72
CA ASN A 92 3.42 -9.89 18.00
C ASN A 92 2.32 -10.81 18.50
N GLU A 93 1.19 -10.78 17.81
CA GLU A 93 0.02 -11.58 18.17
C GLU A 93 0.31 -13.04 18.48
N LYS A 94 0.99 -13.73 17.58
CA LYS A 94 1.29 -15.15 17.77
C LYS A 94 2.09 -15.45 19.02
N LEU A 95 3.04 -14.57 19.37
CA LEU A 95 3.83 -14.81 20.58
C LEU A 95 2.97 -14.51 21.80
N PHE A 96 2.07 -13.54 21.65
CA PHE A 96 1.19 -13.13 22.72
C PHE A 96 0.30 -14.28 23.19
N TYR A 97 -0.27 -15.02 22.25
CA TYR A 97 -1.13 -16.13 22.62
C TYR A 97 -0.31 -17.32 23.05
N ARG A 98 0.94 -17.36 22.59
CA ARG A 98 1.84 -18.44 22.95
C ARG A 98 2.20 -18.26 24.43
N ILE A 99 2.33 -17.00 24.84
CA ILE A 99 2.64 -16.59 26.23
C ILE A 99 1.48 -16.97 27.15
N LEU A 100 0.26 -16.72 26.68
CA LEU A 100 -0.95 -17.03 27.41
C LEU A 100 -1.09 -18.55 27.45
N GLN A 101 -0.85 -19.17 26.30
CA GLN A 101 -0.93 -20.61 26.17
C GLN A 101 0.03 -21.30 27.11
N ASP A 102 1.20 -20.72 27.30
CA ASP A 102 2.21 -21.31 28.16
C ASP A 102 1.76 -21.51 29.59
N ASP A 103 0.99 -20.57 30.13
CA ASP A 103 0.50 -20.67 31.51
C ASP A 103 -0.79 -19.85 31.74
N ILE A 104 -1.90 -20.40 31.29
CA ILE A 104 -3.18 -19.73 31.42
C ILE A 104 -3.61 -19.56 32.87
N GLU A 105 -3.42 -20.59 33.68
CA GLU A 105 -3.77 -20.58 35.08
C GLU A 105 -3.12 -19.45 35.84
N SER A 106 -1.95 -19.00 35.40
CA SER A 106 -1.26 -17.94 36.10
C SER A 106 -1.44 -16.58 35.49
N LEU A 107 -1.67 -16.53 34.19
CA LEU A 107 -1.86 -15.26 33.49
C LEU A 107 -3.31 -14.82 33.51
N PRO A 109 -5.48 -14.26 36.14
CA PRO A 109 -5.70 -13.15 37.09
C PRO A 109 -5.17 -11.80 36.62
N ILE A 110 -4.19 -11.81 35.71
CA ILE A 110 -3.62 -10.57 35.24
C ILE A 110 -4.30 -10.06 34.00
N VAL A 111 -4.53 -10.96 33.07
CA VAL A 111 -5.15 -10.57 31.81
C VAL A 111 -6.68 -10.47 31.94
N TYR A 112 -7.22 -11.20 32.91
CA TYR A 112 -8.65 -11.24 33.19
C TYR A 112 -8.86 -10.83 34.66
N THR A 113 -10.05 -11.06 35.20
CA THR A 113 -10.33 -10.70 36.58
C THR A 113 -9.33 -11.34 37.54
N PRO A 114 -8.94 -10.61 38.58
CA PRO A 114 -9.33 -9.25 38.98
C PRO A 114 -8.55 -8.07 38.42
N THR A 115 -7.38 -8.31 37.85
CA THR A 115 -6.55 -7.23 37.33
C THR A 115 -7.13 -6.45 36.17
N VAL A 116 -8.03 -7.07 35.41
CA VAL A 116 -8.64 -6.39 34.27
C VAL A 116 -9.52 -5.25 34.79
N GLY A 117 -10.19 -5.49 35.93
CA GLY A 117 -11.05 -4.47 36.50
C GLY A 117 -10.27 -3.26 37.00
N LEU A 118 -9.11 -3.51 37.59
CA LEU A 118 -8.24 -2.47 38.10
C LEU A 118 -7.66 -1.72 36.90
N ALA A 119 -7.50 -2.44 35.80
CA ALA A 119 -6.99 -1.84 34.59
C ALA A 119 -8.00 -0.84 34.05
N CYS A 120 -9.24 -1.27 33.85
CA CYS A 120 -10.27 -0.37 33.33
C CYS A 120 -10.43 0.85 34.23
N SER A 121 -10.33 0.60 35.53
CA SER A 121 -10.46 1.65 36.54
C SER A 121 -9.51 2.82 36.29
N GLN A 122 -8.53 2.61 35.43
CA GLN A 122 -7.57 3.66 35.10
C GLN A 122 -7.03 3.44 33.70
N TYR A 123 -7.94 3.10 32.79
CA TYR A 123 -7.62 2.85 31.40
C TYR A 123 -6.92 4.03 30.77
N GLY A 124 -7.48 5.23 30.98
CA GLY A 124 -6.90 6.45 30.41
C GLY A 124 -5.53 6.86 30.89
N HIS A 125 -5.11 6.32 32.02
CA HIS A 125 -3.80 6.65 32.57
C HIS A 125 -2.71 5.68 32.08
N ILE A 126 -3.08 4.43 31.82
CA ILE A 126 -2.10 3.45 31.34
C ILE A 126 -2.19 3.23 29.82
N PHE A 127 -3.03 4.00 29.15
CA PHE A 127 -3.22 3.90 27.71
C PHE A 127 -1.93 4.11 26.90
N ARG A 128 -1.63 3.15 26.03
CA ARG A 128 -0.47 3.22 25.17
C ARG A 128 -1.01 3.30 23.75
N ARG A 129 -1.47 2.14 23.25
CA ARG A 129 -2.04 2.03 21.91
C ARG A 129 -3.51 1.64 22.04
N PRO A 130 -4.38 2.13 21.14
CA PRO A 130 -5.80 1.78 21.23
C PRO A 130 -6.11 0.39 20.69
N LYS A 131 -7.17 -0.20 21.22
CA LYS A 131 -7.60 -1.52 20.81
C LYS A 131 -9.12 -1.47 20.68
N GLY A 132 -9.65 -2.16 19.69
CA GLY A 132 -11.08 -2.21 19.48
C GLY A 132 -11.64 -1.05 18.68
N LEU A 133 -12.92 -1.16 18.33
CA LEU A 133 -13.62 -0.14 17.57
C LEU A 133 -14.39 0.69 18.58
N PHE A 134 -14.42 2.00 18.37
CA PHE A 134 -15.12 2.90 19.27
C PHE A 134 -16.30 3.57 18.54
N ILE A 135 -17.51 3.50 19.12
CA ILE A 135 -18.68 4.13 18.52
C ILE A 135 -19.42 5.01 19.54
N SER A 136 -19.31 6.32 19.38
CA SER A 136 -19.96 7.25 20.30
C SER A 136 -21.30 7.75 19.74
N ILE A 137 -22.16 8.22 20.64
CA ILE A 137 -23.46 8.73 20.23
C ILE A 137 -23.32 9.96 19.32
N SER A 138 -22.11 10.50 19.28
CA SER A 138 -21.82 11.65 18.44
C SER A 138 -21.65 11.24 16.96
N ASP A 139 -21.64 9.93 16.71
CA ASP A 139 -21.51 9.39 15.36
C ASP A 139 -22.84 8.81 14.86
N ARG A 140 -23.90 9.03 15.62
CA ARG A 140 -25.20 8.52 15.20
C ARG A 140 -25.47 8.94 13.78
N GLY A 141 -25.80 7.97 12.93
CA GLY A 141 -26.09 8.27 11.54
C GLY A 141 -24.93 7.91 10.64
N HIS A 142 -23.79 7.65 11.25
CA HIS A 142 -22.61 7.32 10.49
C HIS A 142 -21.94 6.11 11.08
N VAL A 143 -22.69 5.32 11.83
CA VAL A 143 -22.10 4.13 12.44
C VAL A 143 -21.50 3.16 11.41
N ARG A 144 -21.99 3.24 10.17
CA ARG A 144 -21.51 2.35 9.11
C ARG A 144 -20.17 2.78 8.54
N SER A 145 -19.95 4.09 8.44
CA SER A 145 -18.68 4.57 7.94
C SER A 145 -17.59 4.10 8.89
N ILE A 146 -17.86 4.18 10.20
CA ILE A 146 -16.92 3.74 11.24
C ILE A 146 -16.64 2.24 11.12
N VAL A 147 -17.70 1.43 11.06
CA VAL A 147 -17.58 -0.02 10.93
C VAL A 147 -16.66 -0.33 9.75
N ASP A 148 -16.90 0.36 8.64
CA ASP A 148 -16.13 0.17 7.44
C ASP A 148 -14.67 0.54 7.64
N ASN A 149 -14.39 1.23 8.74
CA ASN A 149 -13.02 1.66 9.00
C ASN A 149 -12.22 0.56 9.66
N TRP A 150 -12.89 -0.48 10.14
CA TRP A 150 -12.20 -1.60 10.78
C TRP A 150 -11.37 -2.40 9.75
N PRO A 151 -10.06 -2.49 9.97
CA PRO A 151 -9.13 -3.21 9.10
C PRO A 151 -9.49 -4.65 8.73
N GLU A 152 -10.07 -5.40 9.67
CA GLU A 152 -10.45 -6.79 9.40
C GLU A 152 -11.66 -6.86 8.48
N ASN A 153 -11.60 -7.72 7.47
CA ASN A 153 -12.68 -7.84 6.51
C ASN A 153 -13.58 -9.07 6.69
N HIS A 154 -13.23 -9.96 7.61
CA HIS A 154 -14.02 -11.15 7.84
C HIS A 154 -14.25 -11.40 9.33
N VAL A 155 -14.94 -10.48 9.99
CA VAL A 155 -15.20 -10.63 11.42
C VAL A 155 -16.31 -11.67 11.63
N LYS A 156 -16.18 -12.49 12.67
CA LYS A 156 -17.18 -13.52 12.95
C LYS A 156 -17.71 -13.38 14.36
N ALA A 157 -16.98 -12.70 15.23
CA ALA A 157 -17.41 -12.55 16.61
C ALA A 157 -17.17 -11.14 17.13
N VAL A 158 -18.22 -10.55 17.71
CA VAL A 158 -18.15 -9.21 18.27
C VAL A 158 -18.58 -9.25 19.73
N VAL A 159 -17.82 -8.58 20.59
CA VAL A 159 -18.16 -8.50 22.00
C VAL A 159 -18.28 -7.01 22.23
N VAL A 160 -19.50 -6.57 22.53
CA VAL A 160 -19.83 -5.16 22.71
C VAL A 160 -20.20 -4.69 24.11
N THR A 161 -19.89 -3.42 24.38
CA THR A 161 -20.19 -2.85 25.68
C THR A 161 -20.44 -1.34 25.59
N ASP A 162 -20.99 -0.78 26.67
CA ASP A 162 -21.23 0.66 26.76
C ASP A 162 -20.66 1.06 28.13
N GLY A 163 -20.03 0.09 28.78
CA GLY A 163 -19.39 0.31 30.08
C GLY A 163 -20.24 0.85 31.20
N GLU A 164 -21.51 0.46 31.25
CA GLU A 164 -22.39 0.94 32.32
C GLU A 164 -22.29 0.07 33.56
N ARG A 165 -21.99 -1.21 33.36
CA ARG A 165 -21.88 -2.15 34.48
C ARG A 165 -20.61 -2.97 34.33
N ILE A 166 -19.45 -2.31 34.40
CA ILE A 166 -18.17 -3.01 34.24
C ILE A 166 -17.86 -3.84 35.46
N LEU A 167 -18.08 -5.15 35.37
CA LEU A 167 -17.85 -6.05 36.50
C LEU A 167 -18.69 -5.47 37.61
N GLY A 168 -18.21 -5.57 38.84
CA GLY A 168 -18.96 -5.03 39.96
C GLY A 168 -18.48 -3.61 40.25
N LEU A 169 -17.78 -3.02 39.29
CA LEU A 169 -17.22 -1.68 39.44
C LEU A 169 -18.12 -0.56 38.98
N GLY A 170 -19.28 -0.92 38.42
CA GLY A 170 -20.20 0.11 37.97
C GLY A 170 -19.90 0.74 36.63
N ASP A 171 -20.39 1.96 36.47
CA ASP A 171 -20.25 2.75 35.26
C ASP A 171 -18.87 3.33 35.06
N LEU A 172 -18.12 2.78 34.11
CA LEU A 172 -16.76 3.27 33.81
C LEU A 172 -16.71 3.91 32.42
N GLY A 173 -17.87 4.10 31.79
CA GLY A 173 -17.85 4.69 30.46
C GLY A 173 -16.84 4.03 29.55
N VAL A 174 -16.22 4.80 28.66
CA VAL A 174 -15.22 4.30 27.72
C VAL A 174 -14.02 3.61 28.39
N TYR A 175 -13.78 3.90 29.67
CA TYR A 175 -12.68 3.25 30.36
C TYR A 175 -12.94 1.76 30.42
N GLY A 176 -14.13 1.36 30.00
CA GLY A 176 -14.49 -0.05 30.06
C GLY A 176 -14.12 -0.90 28.85
N GLY A 178 -11.64 -2.18 28.16
CA GLY A 178 -10.72 -3.24 28.55
C GLY A 178 -11.46 -4.53 28.77
N ILE A 179 -12.77 -4.45 28.94
CA ILE A 179 -13.57 -5.63 29.15
C ILE A 179 -13.73 -6.47 27.88
N PRO A 180 -14.27 -5.89 26.79
CA PRO A 180 -14.42 -6.67 25.57
C PRO A 180 -13.07 -7.09 25.02
N VAL A 181 -12.04 -6.28 25.24
CA VAL A 181 -10.73 -6.65 24.76
C VAL A 181 -10.25 -7.91 25.47
N GLY A 182 -10.40 -7.97 26.79
CA GLY A 182 -9.97 -9.14 27.54
C GLY A 182 -10.81 -10.40 27.35
N LYS A 183 -12.06 -10.21 26.95
CA LYS A 183 -12.98 -11.33 26.73
C LYS A 183 -12.69 -11.99 25.40
N LEU A 184 -12.36 -11.18 24.38
CA LEU A 184 -12.05 -11.68 23.05
C LEU A 184 -10.67 -12.36 23.06
N CYS A 185 -9.90 -12.07 24.10
CA CYS A 185 -8.59 -12.65 24.25
C CYS A 185 -8.79 -14.08 24.65
N LEU A 186 -9.76 -14.30 25.52
CA LEU A 186 -10.06 -15.62 26.01
C LEU A 186 -10.77 -16.43 24.93
N TYR A 187 -11.30 -15.70 23.95
CA TYR A 187 -11.97 -16.32 22.82
C TYR A 187 -10.90 -17.11 22.08
N THR A 188 -9.75 -16.49 21.90
CA THR A 188 -8.67 -17.16 21.20
C THR A 188 -7.89 -18.06 22.14
N ALA A 189 -7.48 -17.53 23.27
CA ALA A 189 -6.72 -18.33 24.21
C ALA A 189 -7.38 -19.63 24.67
N CYS A 190 -8.71 -19.66 24.78
CA CYS A 190 -9.37 -20.87 25.25
C CYS A 190 -10.02 -21.77 24.19
N ALA A 191 -10.71 -21.17 23.23
CA ALA A 191 -11.38 -21.94 22.19
C ALA A 191 -10.67 -21.86 20.85
N GLY A 192 -9.63 -21.05 20.77
CA GLY A 192 -8.91 -20.96 19.52
C GLY A 192 -9.67 -20.31 18.39
N ILE A 193 -10.40 -19.24 18.68
CA ILE A 193 -11.12 -18.55 17.63
C ILE A 193 -10.06 -17.65 17.04
N ARG A 194 -10.11 -17.42 15.74
CA ARG A 194 -9.10 -16.59 15.07
C ARG A 194 -9.18 -15.15 15.52
N PRO A 195 -8.05 -14.56 15.95
CA PRO A 195 -7.97 -13.17 16.42
C PRO A 195 -8.46 -12.14 15.43
N ASP A 196 -8.12 -12.33 14.17
CA ASP A 196 -8.53 -11.40 13.13
C ASP A 196 -10.01 -11.51 12.80
N ARG A 197 -10.71 -12.41 13.48
CA ARG A 197 -12.13 -12.60 13.21
C ARG A 197 -12.97 -12.06 14.37
N CYS A 198 -12.29 -11.59 15.42
CA CYS A 198 -12.95 -11.03 16.59
C CYS A 198 -12.88 -9.51 16.53
N LEU A 199 -13.89 -8.86 17.09
CA LEU A 199 -13.94 -7.40 17.08
C LEU A 199 -14.55 -6.86 18.37
N PRO A 200 -13.74 -6.15 19.18
CA PRO A 200 -14.26 -5.59 20.43
C PRO A 200 -14.84 -4.25 20.09
N VAL A 201 -15.99 -3.93 20.66
CA VAL A 201 -16.64 -2.67 20.39
C VAL A 201 -17.04 -1.97 21.66
N CYS A 202 -16.90 -0.65 21.67
CA CYS A 202 -17.29 0.12 22.84
C CYS A 202 -18.21 1.24 22.40
N ILE A 203 -19.44 1.21 22.87
CA ILE A 203 -20.42 2.23 22.54
C ILE A 203 -20.38 3.31 23.62
N ASP A 204 -20.00 4.52 23.22
CA ASP A 204 -19.87 5.68 24.13
C ASP A 204 -21.05 6.62 24.00
N VAL A 205 -21.93 6.56 25.00
CA VAL A 205 -23.12 7.40 25.05
C VAL A 205 -23.04 8.40 26.21
N GLY A 206 -21.89 8.46 26.85
CA GLY A 206 -21.72 9.36 27.98
C GLY A 206 -21.51 8.51 29.21
N THR A 207 -21.26 9.16 30.33
CA THR A 207 -21.04 8.44 31.58
C THR A 207 -21.66 9.24 32.74
N ASP A 208 -22.12 8.51 33.75
CA ASP A 208 -22.70 9.15 34.91
C ASP A 208 -21.65 9.24 36.01
N ASN A 209 -20.48 8.68 35.75
CA ASN A 209 -19.38 8.70 36.70
C ASN A 209 -18.85 10.12 36.68
N ILE A 210 -19.15 10.88 37.73
CA ILE A 210 -18.73 12.26 37.82
C ILE A 210 -17.22 12.40 37.96
N ALA A 211 -16.59 11.42 38.60
CA ALA A 211 -15.13 11.43 38.77
C ALA A 211 -14.48 11.41 37.40
N LEU A 212 -15.01 10.57 36.52
CA LEU A 212 -14.51 10.43 35.16
C LEU A 212 -14.81 11.69 34.39
N LEU A 213 -15.96 12.28 34.68
CA LEU A 213 -16.40 13.48 33.98
C LEU A 213 -15.57 14.72 34.26
N LYS A 214 -14.77 14.65 35.32
CA LYS A 214 -13.90 15.78 35.66
C LYS A 214 -12.47 15.31 35.56
N ASP A 215 -12.26 14.19 34.88
CA ASP A 215 -10.91 13.64 34.69
C ASP A 215 -10.31 14.03 33.34
N PRO A 216 -9.15 14.69 33.35
CA PRO A 216 -8.49 15.11 32.10
C PRO A 216 -7.99 13.95 31.23
N PHE A 217 -7.95 12.76 31.81
CA PHE A 217 -7.47 11.62 31.07
C PHE A 217 -8.58 10.71 30.61
N TYR A 218 -9.82 11.08 30.91
CA TYR A 218 -10.93 10.26 30.47
C TYR A 218 -10.91 10.18 28.94
N GLY A 220 -13.58 9.02 26.91
CA GLY A 220 -14.86 9.11 26.24
C GLY A 220 -15.44 10.49 26.17
N LEU A 221 -16.75 10.56 25.95
CA LEU A 221 -17.46 11.82 25.86
C LEU A 221 -17.69 12.37 27.27
N TYR A 222 -17.42 13.67 27.44
CA TYR A 222 -17.61 14.32 28.74
C TYR A 222 -19.06 14.76 28.81
N GLN A 223 -19.94 13.81 29.04
CA GLN A 223 -21.37 14.09 29.13
C GLN A 223 -21.98 12.95 29.91
N LYS A 224 -23.12 13.19 30.53
CA LYS A 224 -23.75 12.14 31.28
C LYS A 224 -24.39 11.15 30.30
N ARG A 225 -24.58 9.92 30.76
CA ARG A 225 -25.16 8.88 29.95
C ARG A 225 -26.46 9.31 29.28
N ASP A 226 -26.50 9.27 27.94
CA ASP A 226 -27.73 9.60 27.20
C ASP A 226 -28.64 8.40 27.37
N ARG A 227 -29.87 8.64 27.80
CA ARG A 227 -30.83 7.56 28.02
C ARG A 227 -32.11 7.69 27.22
N THR A 228 -32.07 8.47 26.15
CA THR A 228 -33.23 8.69 25.31
C THR A 228 -33.37 7.67 24.19
N GLN A 229 -34.21 8.00 23.22
CA GLN A 229 -34.42 7.13 22.07
C GLN A 229 -33.15 7.13 21.25
N GLN A 230 -32.43 8.26 21.30
CA GLN A 230 -31.19 8.42 20.58
C GLN A 230 -30.26 7.25 20.88
N TYR A 231 -30.36 6.76 22.11
CA TYR A 231 -29.56 5.65 22.58
C TYR A 231 -29.95 4.37 21.85
N ASP A 232 -31.25 4.13 21.75
CA ASP A 232 -31.78 2.95 21.09
C ASP A 232 -31.53 2.93 19.59
N ASP A 233 -31.55 4.09 18.93
CA ASP A 233 -31.25 4.09 17.50
C ASP A 233 -29.84 3.56 17.41
N LEU A 234 -28.95 4.21 18.14
CA LEU A 234 -27.55 3.85 18.08
C LEU A 234 -27.30 2.35 18.14
N ILE A 235 -27.78 1.67 19.17
CA ILE A 235 -27.54 0.24 19.22
C ILE A 235 -28.13 -0.42 17.99
N ASP A 236 -29.27 0.07 17.54
CA ASP A 236 -29.92 -0.46 16.34
C ASP A 236 -29.03 -0.22 15.12
N GLU A 237 -28.60 1.02 14.96
CA GLU A 237 -27.75 1.40 13.85
C GLU A 237 -26.47 0.59 13.87
N PHE A 238 -26.04 0.22 15.06
CA PHE A 238 -24.84 -0.56 15.24
C PHE A 238 -25.08 -2.00 14.79
N LYS A 240 -27.26 -3.26 12.90
CA LYS A 240 -27.49 -3.30 11.47
C LYS A 240 -26.21 -3.06 10.68
N ALA A 241 -25.42 -2.07 11.11
CA ALA A 241 -24.18 -1.76 10.41
C ALA A 241 -23.22 -2.94 10.47
N ILE A 242 -23.12 -3.58 11.63
CA ILE A 242 -22.24 -4.72 11.77
C ILE A 242 -22.62 -5.86 10.83
N THR A 243 -23.87 -6.28 10.88
CA THR A 243 -24.34 -7.37 10.04
C THR A 243 -24.32 -7.02 8.55
N ASP A 244 -24.49 -5.75 8.23
CA ASP A 244 -24.49 -5.31 6.85
C ASP A 244 -23.11 -5.50 6.23
N ARG A 245 -22.08 -5.48 7.04
CA ARG A 245 -20.71 -5.62 6.53
C ARG A 245 -20.11 -6.99 6.69
N TYR A 246 -20.46 -7.65 7.79
CA TYR A 246 -19.88 -8.94 8.08
C TYR A 246 -20.83 -10.11 8.02
N GLY A 247 -22.10 -9.85 7.81
CA GLY A 247 -23.03 -10.97 7.74
C GLY A 247 -24.12 -10.96 8.78
N ARG A 248 -25.26 -11.54 8.41
CA ARG A 248 -26.40 -11.59 9.29
C ARG A 248 -26.25 -12.58 10.41
N ASN A 249 -25.30 -13.50 10.31
CA ASN A 249 -25.13 -14.46 11.38
C ASN A 249 -23.87 -14.23 12.21
N THR A 250 -23.39 -12.99 12.19
CA THR A 250 -22.22 -12.61 12.96
C THR A 250 -22.59 -12.70 14.44
N LEU A 251 -21.73 -13.33 15.22
CA LEU A 251 -21.97 -13.49 16.65
C LEU A 251 -21.76 -12.19 17.36
N ILE A 252 -22.79 -11.72 18.07
CA ILE A 252 -22.68 -10.46 18.82
C ILE A 252 -23.00 -10.73 20.28
N GLN A 253 -21.97 -10.66 21.11
CA GLN A 253 -22.12 -10.92 22.54
C GLN A 253 -22.11 -9.62 23.31
N PHE A 254 -23.23 -9.32 23.96
CA PHE A 254 -23.34 -8.09 24.75
C PHE A 254 -22.65 -8.33 26.08
N GLU A 255 -21.87 -7.35 26.51
CA GLU A 255 -21.17 -7.51 27.78
C GLU A 255 -21.27 -6.26 28.64
N ASP A 256 -21.44 -6.49 29.94
CA ASP A 256 -21.54 -5.44 30.96
C ASP A 256 -22.38 -4.18 30.63
N PHE A 257 -23.64 -4.41 30.26
CA PHE A 257 -24.58 -3.34 29.95
C PHE A 257 -25.39 -3.22 31.23
N GLY A 258 -26.15 -2.15 31.38
CA GLY A 258 -26.95 -2.01 32.58
C GLY A 258 -28.04 -3.07 32.59
N ASN A 259 -28.60 -3.33 33.77
CA ASN A 259 -29.66 -4.31 33.93
C ASN A 259 -30.85 -4.08 32.95
N HIS A 260 -31.42 -2.88 33.00
CA HIS A 260 -32.53 -2.50 32.14
C HIS A 260 -32.26 -2.85 30.67
N ASN A 261 -31.13 -2.36 30.13
CA ASN A 261 -30.74 -2.57 28.75
C ASN A 261 -30.34 -3.99 28.34
N ALA A 262 -29.66 -4.71 29.22
CA ALA A 262 -29.24 -6.06 28.91
C ALA A 262 -30.43 -6.92 28.54
N PHE A 263 -31.44 -6.93 29.38
CA PHE A 263 -32.65 -7.72 29.15
C PHE A 263 -33.48 -7.26 27.97
N ARG A 264 -33.65 -5.96 27.81
CA ARG A 264 -34.45 -5.46 26.72
C ARG A 264 -33.77 -5.60 25.36
N PHE A 265 -32.44 -5.60 25.36
CA PHE A 265 -31.74 -5.74 24.10
C PHE A 265 -31.67 -7.21 23.73
N LEU A 266 -31.55 -8.09 24.72
CA LEU A 266 -31.49 -9.54 24.50
C LEU A 266 -32.82 -10.01 23.94
N ARG A 267 -33.91 -9.52 24.54
CA ARG A 267 -35.24 -9.88 24.08
C ARG A 267 -35.55 -9.19 22.75
N LYS A 268 -34.81 -8.14 22.44
CA LYS A 268 -35.06 -7.40 21.21
C LYS A 268 -34.37 -8.00 19.98
N TYR A 269 -33.18 -8.53 20.18
CA TYR A 269 -32.43 -9.08 19.05
C TYR A 269 -32.17 -10.58 19.04
N ARG A 270 -32.32 -11.24 20.17
CA ARG A 270 -32.05 -12.65 20.23
C ARG A 270 -32.69 -13.47 19.09
N GLU A 271 -33.79 -12.96 18.53
CA GLU A 271 -34.48 -13.65 17.45
C GLU A 271 -34.27 -12.97 16.12
N LYS A 272 -33.60 -11.82 16.14
CA LYS A 272 -33.34 -11.07 14.92
C LYS A 272 -31.91 -11.31 14.41
N TYR A 273 -30.96 -11.26 15.35
CA TYR A 273 -29.55 -11.46 15.06
C TYR A 273 -29.04 -12.66 15.81
N CYS A 274 -27.77 -13.00 15.60
CA CYS A 274 -27.15 -14.10 16.34
C CYS A 274 -26.48 -13.43 17.53
N THR A 275 -27.24 -13.27 18.61
CA THR A 275 -26.75 -12.57 19.77
C THR A 275 -27.04 -13.26 21.07
N PHE A 276 -26.24 -12.93 22.07
CA PHE A 276 -26.43 -13.46 23.41
C PHE A 276 -25.75 -12.50 24.37
N ASN A 277 -26.15 -12.54 25.62
CA ASN A 277 -25.57 -11.66 26.61
C ASN A 277 -24.82 -12.50 27.62
N ASP A 278 -23.50 -12.36 27.60
CA ASP A 278 -22.66 -13.13 28.48
C ASP A 278 -23.10 -13.10 29.94
N ASP A 279 -23.28 -11.88 30.44
CA ASP A 279 -23.66 -11.68 31.83
C ASP A 279 -24.97 -12.36 32.24
N ILE A 280 -25.93 -12.46 31.32
CA ILE A 280 -27.19 -13.11 31.65
C ILE A 280 -27.11 -14.63 31.49
N GLN A 281 -26.86 -15.10 30.26
CA GLN A 281 -26.79 -16.53 29.94
C GLN A 281 -25.46 -17.24 30.16
N GLY A 282 -24.36 -16.56 29.92
CA GLY A 282 -23.06 -17.20 30.16
C GLY A 282 -22.95 -17.57 31.64
N THR A 283 -23.29 -16.61 32.49
CA THR A 283 -23.26 -16.82 33.94
C THR A 283 -24.17 -17.95 34.36
N ALA A 284 -25.31 -18.05 33.69
CA ALA A 284 -26.28 -19.10 34.01
C ALA A 284 -25.64 -20.46 33.84
N ALA A 285 -25.13 -20.70 32.64
CA ALA A 285 -24.53 -21.99 32.32
C ALA A 285 -23.46 -22.41 33.32
N VAL A 286 -22.56 -21.51 33.69
CA VAL A 286 -21.48 -21.85 34.64
C VAL A 286 -21.97 -22.15 36.05
N ALA A 287 -22.90 -21.37 36.55
CA ALA A 287 -23.41 -21.62 37.90
C ALA A 287 -24.20 -22.91 37.89
N LEU A 288 -24.94 -23.15 36.82
CA LEU A 288 -25.72 -24.39 36.75
C LEU A 288 -24.77 -25.60 36.70
N ALA A 289 -23.68 -25.44 35.96
CA ALA A 289 -22.72 -26.52 35.85
C ALA A 289 -22.13 -26.81 37.23
N GLY A 290 -21.79 -25.74 37.96
CA GLY A 290 -21.23 -25.91 39.28
C GLY A 290 -22.24 -26.49 40.24
N LEU A 291 -23.48 -26.03 40.13
CA LEU A 291 -24.53 -26.53 41.01
C LEU A 291 -24.73 -28.01 40.72
N LEU A 292 -24.65 -28.38 39.44
CA LEU A 292 -24.80 -29.76 38.99
C LEU A 292 -23.76 -30.68 39.60
N ALA A 293 -22.52 -30.20 39.68
CA ALA A 293 -21.43 -30.98 40.25
C ALA A 293 -21.69 -31.15 41.73
N ALA A 294 -22.22 -30.11 42.34
CA ALA A 294 -22.54 -30.09 43.77
C ALA A 294 -23.56 -31.16 44.14
N GLN A 295 -24.55 -31.35 43.28
CA GLN A 295 -25.58 -32.37 43.52
C GLN A 295 -24.90 -33.73 43.50
N LYS A 296 -23.84 -33.83 42.72
CA LYS A 296 -23.11 -35.09 42.62
C LYS A 296 -22.61 -35.53 43.97
N VAL A 297 -22.31 -34.56 44.84
CA VAL A 297 -21.78 -34.88 46.17
C VAL A 297 -22.87 -34.93 47.23
N ILE A 298 -23.84 -34.04 47.11
CA ILE A 298 -24.92 -33.99 48.07
C ILE A 298 -26.05 -34.96 47.79
N SER A 299 -26.34 -35.19 46.51
CA SER A 299 -27.42 -36.09 46.14
C SER A 299 -28.68 -35.82 46.97
N LYS A 300 -28.99 -34.54 47.16
CA LYS A 300 -30.16 -34.12 47.93
C LYS A 300 -31.43 -34.22 47.10
N PRO A 301 -32.55 -34.64 47.71
CA PRO A 301 -33.82 -34.76 46.97
C PRO A 301 -34.26 -33.44 46.33
N ILE A 302 -34.54 -33.49 45.02
CA ILE A 302 -34.98 -32.31 44.28
C ILE A 302 -36.07 -31.55 45.01
N SER A 303 -36.85 -32.26 45.81
CA SER A 303 -37.93 -31.63 46.56
C SER A 303 -37.40 -30.71 47.65
N GLU A 304 -36.45 -31.21 48.43
CA GLU A 304 -35.88 -30.45 49.52
C GLU A 304 -34.82 -29.42 49.11
N HIS A 305 -34.84 -29.03 47.84
CA HIS A 305 -33.90 -28.05 47.30
C HIS A 305 -34.50 -26.65 47.47
N LYS A 306 -33.70 -25.72 47.97
CA LYS A 306 -34.15 -24.35 48.18
C LYS A 306 -32.98 -23.43 47.92
N ILE A 307 -33.15 -22.45 47.04
CA ILE A 307 -32.08 -21.52 46.69
C ILE A 307 -32.39 -20.04 46.95
N LEU A 308 -31.43 -19.35 47.54
CA LEU A 308 -31.58 -17.94 47.83
C LEU A 308 -30.45 -17.16 47.19
N PHE A 309 -30.80 -16.21 46.34
CA PHE A 309 -29.85 -15.36 45.65
C PHE A 309 -29.67 -14.06 46.42
N LEU A 310 -28.45 -13.51 46.35
CA LEU A 310 -28.17 -12.23 46.94
C LEU A 310 -28.06 -11.42 45.66
N GLY A 311 -29.06 -10.60 45.39
CA GLY A 311 -29.08 -9.84 44.16
C GLY A 311 -30.21 -10.42 43.29
N ALA A 312 -30.77 -9.60 42.42
CA ALA A 312 -31.86 -10.07 41.57
C ALA A 312 -31.71 -9.51 40.17
N GLY A 313 -30.46 -9.28 39.76
CA GLY A 313 -30.18 -8.71 38.44
C GLY A 313 -29.88 -9.70 37.33
N GLU A 314 -29.19 -9.22 36.31
CA GLU A 314 -28.83 -10.02 35.15
C GLU A 314 -28.43 -11.45 35.49
N ALA A 315 -27.35 -11.61 36.24
CA ALA A 315 -26.85 -12.93 36.62
C ALA A 315 -27.84 -13.79 37.42
N ALA A 316 -28.40 -13.22 38.48
CA ALA A 316 -29.35 -13.94 39.34
C ALA A 316 -30.54 -14.44 38.54
N LEU A 317 -31.12 -13.55 37.76
CA LEU A 317 -32.28 -13.92 36.98
C LEU A 317 -31.90 -14.94 35.92
N GLY A 318 -30.73 -14.80 35.33
CA GLY A 318 -30.29 -15.77 34.32
C GLY A 318 -30.01 -17.15 34.92
N ILE A 319 -29.30 -17.19 36.04
CA ILE A 319 -28.99 -18.44 36.70
C ILE A 319 -30.29 -19.09 37.09
N ALA A 320 -31.17 -18.29 37.70
CA ALA A 320 -32.47 -18.76 38.17
C ALA A 320 -33.19 -19.51 37.06
N ASN A 321 -33.40 -18.85 35.92
CA ASN A 321 -34.09 -19.50 34.82
C ASN A 321 -33.45 -20.81 34.40
N LEU A 322 -32.17 -20.80 34.08
CA LEU A 322 -31.54 -22.04 33.65
C LEU A 322 -31.73 -23.12 34.68
N ILE A 323 -31.73 -22.75 35.95
CA ILE A 323 -31.91 -23.74 37.01
C ILE A 323 -33.31 -24.32 36.97
N VAL A 324 -34.30 -23.46 36.74
CA VAL A 324 -35.66 -23.95 36.70
C VAL A 324 -35.77 -24.85 35.48
N SER A 326 -33.57 -26.88 34.34
CA SER A 326 -33.00 -28.17 34.66
C SER A 326 -34.01 -28.95 35.51
N VAL A 328 -37.43 -28.53 35.56
CA VAL A 328 -38.52 -28.92 34.68
C VAL A 328 -38.12 -30.22 33.97
N GLU A 329 -36.96 -30.19 33.34
CA GLU A 329 -36.41 -31.31 32.58
C GLU A 329 -36.22 -32.52 33.48
N ASN A 330 -36.31 -32.32 34.79
CA ASN A 330 -36.13 -33.41 35.76
C ASN A 330 -37.40 -33.72 36.54
N GLY A 331 -38.55 -33.32 35.99
CA GLY A 331 -39.80 -33.56 36.65
C GLY A 331 -40.46 -32.26 37.05
N LEU A 332 -40.18 -31.80 38.26
CA LEU A 332 -40.74 -30.56 38.77
C LEU A 332 -41.26 -29.67 37.66
N SER A 333 -42.52 -29.26 37.76
CA SER A 333 -43.10 -28.40 36.74
C SER A 333 -42.51 -27.00 36.85
N GLU A 334 -42.59 -26.23 35.77
CA GLU A 334 -42.09 -24.86 35.75
C GLU A 334 -42.49 -24.16 37.05
N GLN A 335 -43.76 -24.27 37.42
CA GLN A 335 -44.26 -23.63 38.64
C GLN A 335 -43.63 -24.14 39.93
N GLU A 336 -43.65 -25.44 40.14
CA GLU A 336 -43.08 -26.00 41.37
C GLU A 336 -41.60 -25.71 41.50
N ALA A 337 -40.92 -25.54 40.37
CA ALA A 337 -39.49 -25.26 40.33
C ALA A 337 -39.21 -23.81 40.78
N GLN A 338 -39.92 -22.87 40.17
CA GLN A 338 -39.81 -21.44 40.48
C GLN A 338 -40.09 -21.14 41.93
N LYS A 339 -40.88 -21.99 42.56
CA LYS A 339 -41.22 -21.81 43.95
C LYS A 339 -40.04 -22.21 44.83
N LYS A 340 -39.01 -22.80 44.22
CA LYS A 340 -37.84 -23.21 44.97
C LYS A 340 -36.81 -22.09 45.01
N ILE A 341 -37.05 -21.03 44.24
CA ILE A 341 -36.12 -19.90 44.14
C ILE A 341 -36.59 -18.61 44.80
N TRP A 342 -35.76 -18.06 45.66
CA TRP A 342 -36.07 -16.80 46.36
C TRP A 342 -34.90 -15.87 46.07
N PHE A 344 -33.01 -11.92 47.11
CA PHE A 344 -32.87 -10.81 48.04
C PHE A 344 -32.05 -9.71 47.37
N ASP A 345 -32.66 -8.57 47.04
CA ASP A 345 -31.89 -7.52 46.39
C ASP A 345 -31.61 -6.35 47.34
N LYS A 346 -31.20 -5.21 46.81
CA LYS A 346 -30.86 -4.08 47.68
C LYS A 346 -32.00 -3.52 48.54
N TYR A 347 -33.23 -3.91 48.23
CA TYR A 347 -34.38 -3.46 48.99
C TYR A 347 -34.92 -4.57 49.86
N GLY A 348 -34.25 -5.72 49.86
CA GLY A 348 -34.73 -6.83 50.66
C GLY A 348 -35.28 -7.99 49.85
N LEU A 349 -35.99 -8.89 50.52
CA LEU A 349 -36.57 -10.07 49.89
C LEU A 349 -37.64 -9.70 48.88
N LEU A 350 -37.61 -10.39 47.74
CA LEU A 350 -38.60 -10.17 46.69
C LEU A 350 -39.81 -10.99 47.09
N VAL A 351 -40.85 -10.30 47.57
CA VAL A 351 -42.09 -10.94 48.00
C VAL A 351 -43.23 -10.15 47.38
N LYS A 352 -44.34 -10.82 47.09
CA LYS A 352 -45.50 -10.19 46.48
C LYS A 352 -46.05 -8.98 47.23
N GLY A 353 -46.17 -7.86 46.53
CA GLY A 353 -46.70 -6.65 47.13
C GLY A 353 -45.74 -5.76 47.88
N ARG A 354 -44.44 -6.01 47.77
CA ARG A 354 -43.46 -5.18 48.47
C ARG A 354 -43.44 -3.79 47.84
N LYS A 355 -43.01 -2.78 48.62
CA LYS A 355 -42.97 -1.44 48.07
C LYS A 355 -42.01 -1.36 46.88
N ALA A 356 -40.77 -1.82 47.08
CA ALA A 356 -39.80 -1.79 45.97
C ALA A 356 -40.36 -2.54 44.77
N LYS A 357 -40.14 -1.99 43.58
CA LYS A 357 -40.62 -2.60 42.35
C LYS A 357 -40.02 -3.95 41.98
N ILE A 358 -40.86 -4.78 41.36
CA ILE A 358 -40.51 -6.12 40.87
C ILE A 358 -40.77 -6.09 39.37
N ASP A 359 -39.80 -6.53 38.57
CA ASP A 359 -40.01 -6.48 37.14
C ASP A 359 -40.52 -7.80 36.56
N SER A 360 -40.87 -7.75 35.28
CA SER A 360 -41.37 -8.91 34.55
C SER A 360 -40.64 -10.21 34.88
N TYR A 361 -39.32 -10.14 34.75
CA TYR A 361 -38.46 -11.28 34.98
C TYR A 361 -38.41 -11.77 36.41
N GLN A 362 -38.68 -10.86 37.35
CA GLN A 362 -38.64 -11.23 38.77
C GLN A 362 -39.93 -11.81 39.24
N GLU A 363 -41.02 -11.34 38.64
CA GLU A 363 -42.34 -11.84 39.01
C GLU A 363 -42.32 -13.33 39.42
N PRO A 364 -41.93 -14.24 38.51
CA PRO A 364 -41.89 -15.69 38.76
C PRO A 364 -41.22 -16.14 40.04
N PHE A 365 -40.29 -15.34 40.54
CA PHE A 365 -39.57 -15.72 41.75
C PHE A 365 -39.93 -14.88 42.96
N THR A 366 -40.97 -14.07 42.79
CA THR A 366 -41.49 -13.23 43.85
C THR A 366 -42.63 -14.04 44.42
N HIS A 367 -42.55 -14.42 45.69
CA HIS A 367 -43.62 -15.20 46.29
C HIS A 367 -44.40 -14.45 47.35
N SER A 368 -45.44 -15.09 47.85
CA SER A 368 -46.22 -14.48 48.90
C SER A 368 -45.22 -14.41 50.06
N ALA A 369 -45.26 -13.31 50.81
CA ALA A 369 -44.33 -13.09 51.92
C ALA A 369 -44.32 -14.17 52.99
N PRO A 370 -43.12 -14.51 53.49
CA PRO A 370 -43.03 -15.53 54.53
C PRO A 370 -43.60 -15.01 55.85
N GLU A 371 -43.58 -15.86 56.86
CA GLU A 371 -44.05 -15.56 58.20
C GLU A 371 -43.54 -14.18 58.60
N SER A 372 -42.23 -14.10 58.80
CA SER A 372 -41.59 -12.85 59.14
C SER A 372 -40.84 -12.40 57.90
N ILE A 373 -40.81 -11.09 57.66
CA ILE A 373 -40.11 -10.53 56.52
C ILE A 373 -38.67 -10.17 56.95
N PRO A 374 -37.66 -10.80 56.31
CA PRO A 374 -36.27 -10.52 56.67
C PRO A 374 -35.86 -9.10 56.36
N ASP A 375 -35.04 -8.56 57.26
CA ASP A 375 -34.51 -7.21 57.15
C ASP A 375 -33.08 -7.31 56.60
N THR A 376 -32.36 -8.36 57.04
CA THR A 376 -30.99 -8.61 56.59
C THR A 376 -30.92 -9.95 55.87
N PHE A 377 -29.87 -10.15 55.08
CA PHE A 377 -29.69 -11.40 54.34
C PHE A 377 -29.53 -12.56 55.31
N GLU A 378 -29.00 -12.28 56.49
CA GLU A 378 -28.83 -13.31 57.50
C GLU A 378 -30.20 -13.70 58.03
N ASP A 379 -31.14 -12.78 57.94
CA ASP A 379 -32.49 -13.05 58.37
C ASP A 379 -33.09 -14.00 57.37
N ALA A 380 -32.97 -13.61 56.11
CA ALA A 380 -33.49 -14.41 54.99
C ALA A 380 -32.98 -15.82 55.10
N VAL A 381 -31.69 -15.96 55.38
CA VAL A 381 -31.07 -17.27 55.51
C VAL A 381 -31.66 -18.06 56.69
N ASN A 382 -32.02 -17.37 57.75
CA ASN A 382 -32.58 -18.04 58.91
C ASN A 382 -34.08 -18.27 58.82
N ILE A 383 -34.77 -17.39 58.11
CA ILE A 383 -36.22 -17.50 57.92
C ILE A 383 -36.48 -18.56 56.85
N LEU A 384 -35.81 -18.42 55.70
CA LEU A 384 -35.97 -19.34 54.59
C LEU A 384 -35.24 -20.67 54.77
N LYS A 385 -34.02 -20.63 55.30
CA LYS A 385 -33.22 -21.84 55.51
C LYS A 385 -32.85 -22.46 54.16
N PRO A 386 -32.19 -21.68 53.27
CA PRO A 386 -31.82 -22.22 51.95
C PRO A 386 -30.79 -23.34 51.98
N SER A 387 -30.75 -24.10 50.90
CA SER A 387 -29.79 -25.19 50.81
C SER A 387 -28.63 -24.67 49.96
N THR A 388 -28.90 -23.61 49.19
CA THR A 388 -27.90 -22.98 48.35
C THR A 388 -28.01 -21.46 48.47
N ILE A 389 -26.85 -20.81 48.54
CA ILE A 389 -26.77 -19.36 48.64
C ILE A 389 -25.86 -18.87 47.50
N ILE A 390 -26.39 -18.01 46.64
CA ILE A 390 -25.63 -17.50 45.51
C ILE A 390 -25.55 -15.96 45.45
N GLY A 391 -24.37 -15.43 45.75
CA GLY A 391 -24.17 -14.00 45.75
C GLY A 391 -23.86 -13.45 44.39
N VAL A 392 -24.69 -12.53 43.94
CA VAL A 392 -24.53 -11.93 42.63
C VAL A 392 -24.96 -10.45 42.63
N ALA A 393 -24.65 -9.77 43.74
CA ALA A 393 -24.97 -8.36 43.90
C ALA A 393 -23.82 -7.42 43.47
N GLY A 394 -22.58 -7.88 43.68
CA GLY A 394 -21.42 -7.08 43.32
C GLY A 394 -21.30 -5.91 44.29
N ALA A 395 -21.74 -6.16 45.52
CA ALA A 395 -21.76 -5.16 46.59
C ALA A 395 -20.74 -5.31 47.72
N GLY A 396 -19.91 -6.34 47.68
CA GLY A 396 -18.94 -6.52 48.74
C GLY A 396 -19.20 -7.78 49.54
N ARG A 397 -18.60 -7.86 50.72
CA ARG A 397 -18.70 -9.03 51.62
C ARG A 397 -20.04 -9.23 52.29
N LEU A 398 -21.10 -9.40 51.51
CA LEU A 398 -22.42 -9.55 52.09
C LEU A 398 -22.65 -10.94 52.68
N PHE A 399 -21.66 -11.83 52.52
CA PHE A 399 -21.78 -13.17 53.09
C PHE A 399 -20.93 -13.21 54.34
N THR A 400 -21.37 -12.43 55.32
CA THR A 400 -20.72 -12.30 56.62
C THR A 400 -20.49 -13.67 57.25
N PRO A 401 -19.58 -13.75 58.22
CA PRO A 401 -19.36 -15.06 58.82
C PRO A 401 -20.66 -15.56 59.44
N ASP A 402 -21.50 -14.63 59.86
CA ASP A 402 -22.77 -14.97 60.49
C ASP A 402 -23.71 -15.65 59.49
N VAL A 403 -23.60 -15.24 58.22
CA VAL A 403 -24.41 -15.82 57.16
C VAL A 403 -23.88 -17.23 56.86
N ILE A 404 -22.56 -17.33 56.78
CA ILE A 404 -21.88 -18.58 56.50
C ILE A 404 -22.11 -19.60 57.60
N ARG A 405 -21.91 -19.19 58.84
CA ARG A 405 -22.10 -20.08 59.96
C ARG A 405 -23.58 -20.43 60.02
N ALA A 406 -24.41 -19.48 59.61
CA ALA A 406 -25.85 -19.70 59.60
C ALA A 406 -26.04 -20.90 58.68
N ALA A 408 -23.87 -23.06 57.47
CA ALA A 408 -23.21 -24.25 58.02
C ALA A 408 -24.07 -24.94 59.07
N SER A 409 -24.86 -24.15 59.77
CA SER A 409 -25.73 -24.67 60.82
C SER A 409 -27.01 -25.25 60.23
N ILE A 410 -27.56 -24.57 59.24
CA ILE A 410 -28.78 -25.04 58.61
C ILE A 410 -28.49 -26.29 57.75
N ASN A 411 -27.40 -26.24 56.99
CA ASN A 411 -27.03 -27.34 56.10
C ASN A 411 -25.76 -28.09 56.46
N GLU A 412 -25.85 -29.42 56.45
CA GLU A 412 -24.71 -30.28 56.73
C GLU A 412 -23.63 -29.92 55.71
N ARG A 413 -24.04 -29.77 54.46
CA ARG A 413 -23.17 -29.39 53.35
C ARG A 413 -23.83 -28.29 52.54
N PRO A 414 -23.73 -27.03 53.02
CA PRO A 414 -24.31 -25.87 52.33
C PRO A 414 -23.48 -25.55 51.10
N VAL A 415 -24.14 -24.95 50.10
CA VAL A 415 -23.50 -24.58 48.86
C VAL A 415 -23.45 -23.06 48.83
N ILE A 416 -22.25 -22.52 48.93
CA ILE A 416 -22.07 -21.06 48.95
C ILE A 416 -21.34 -20.61 47.70
N PHE A 417 -22.01 -19.81 46.88
CA PHE A 417 -21.41 -19.31 45.64
C PHE A 417 -21.21 -17.79 45.70
N ALA A 418 -19.95 -17.36 45.80
CA ALA A 418 -19.64 -15.94 45.85
C ALA A 418 -19.16 -15.54 44.46
N LEU A 419 -20.09 -15.30 43.55
CA LEU A 419 -19.73 -15.00 42.16
C LEU A 419 -19.51 -13.58 41.68
N SER A 420 -19.60 -12.58 42.55
CA SER A 420 -19.37 -11.19 42.13
C SER A 420 -17.90 -10.91 41.83
N ASN A 421 -17.65 -9.96 40.93
CA ASN A 421 -16.29 -9.58 40.54
C ASN A 421 -16.08 -8.07 40.51
N PRO A 422 -14.83 -7.61 40.74
CA PRO A 422 -13.66 -8.44 41.03
C PRO A 422 -13.67 -8.98 42.43
N THR A 423 -12.51 -9.42 42.89
CA THR A 423 -12.39 -10.01 44.22
C THR A 423 -12.90 -9.12 45.37
N ALA A 424 -12.58 -7.84 45.34
CA ALA A 424 -13.03 -6.93 46.40
C ALA A 424 -14.54 -6.86 46.53
N GLN A 425 -15.24 -7.09 45.44
CA GLN A 425 -16.71 -7.05 45.42
C GLN A 425 -17.33 -8.42 45.62
N ALA A 426 -16.49 -9.42 45.92
CA ALA A 426 -16.99 -10.77 46.15
C ALA A 426 -17.64 -10.79 47.53
N GLU A 427 -18.66 -11.62 47.68
CA GLU A 427 -19.42 -11.77 48.91
C GLU A 427 -18.60 -12.25 50.08
N CYS A 428 -17.63 -13.10 49.78
CA CYS A 428 -16.76 -13.67 50.79
C CYS A 428 -15.60 -14.33 50.09
N THR A 429 -14.67 -14.88 50.86
CA THR A 429 -13.50 -15.53 50.29
C THR A 429 -13.49 -17.03 50.51
N ALA A 430 -12.61 -17.69 49.75
CA ALA A 430 -12.43 -19.13 49.85
C ALA A 430 -12.10 -19.35 51.32
N GLU A 431 -11.19 -18.49 51.79
CA GLU A 431 -10.75 -18.50 53.18
C GLU A 431 -11.89 -18.67 54.18
N GLU A 432 -12.80 -17.69 54.21
CA GLU A 432 -13.90 -17.72 55.16
C GLU A 432 -14.89 -18.86 54.92
N ALA A 433 -15.23 -19.11 53.66
CA ALA A 433 -16.15 -20.18 53.37
C ALA A 433 -15.73 -21.46 54.10
N TYR A 434 -14.67 -22.09 53.60
CA TYR A 434 -14.16 -23.33 54.17
C TYR A 434 -13.88 -23.30 55.67
N THR A 435 -13.15 -22.28 56.10
CA THR A 435 -12.80 -22.12 57.51
C THR A 435 -14.03 -22.05 58.41
N LEU A 436 -14.94 -21.10 58.15
CA LEU A 436 -16.15 -20.95 58.96
C LEU A 436 -17.11 -22.14 58.98
N THR A 437 -17.20 -22.86 57.86
CA THR A 437 -18.08 -24.03 57.76
C THR A 437 -17.32 -25.30 58.13
N GLU A 438 -16.06 -25.14 58.52
CA GLU A 438 -15.24 -26.28 58.90
C GLU A 438 -15.09 -27.28 57.76
N GLY A 439 -14.82 -26.74 56.57
CA GLY A 439 -14.61 -27.57 55.40
C GLY A 439 -15.76 -28.45 54.95
N ARG A 440 -16.97 -28.08 55.33
CA ARG A 440 -18.15 -28.86 54.95
C ARG A 440 -18.80 -28.29 53.70
N CYS A 441 -18.72 -26.97 53.54
CA CYS A 441 -19.33 -26.33 52.39
C CYS A 441 -18.83 -26.76 51.01
N LEU A 442 -19.50 -26.23 50.00
CA LEU A 442 -19.21 -26.44 48.60
C LEU A 442 -19.08 -25.03 48.08
N PHE A 443 -17.85 -24.54 48.06
CA PHE A 443 -17.56 -23.19 47.61
C PHE A 443 -17.24 -23.02 46.12
N ALA A 444 -17.63 -21.85 45.58
CA ALA A 444 -17.40 -21.47 44.20
C ALA A 444 -17.31 -19.94 44.17
N SER A 445 -16.35 -19.40 43.43
CA SER A 445 -16.14 -17.95 43.35
C SER A 445 -15.97 -17.43 41.94
N GLY A 446 -16.54 -16.26 41.65
CA GLY A 446 -16.42 -15.71 40.32
C GLY A 446 -14.99 -15.31 40.05
N SER A 447 -14.26 -14.97 41.11
CA SER A 447 -12.86 -14.57 40.96
C SER A 447 -11.89 -15.56 41.62
N PRO A 448 -10.64 -15.59 41.17
CA PRO A 448 -9.62 -16.50 41.70
C PRO A 448 -9.32 -16.39 43.20
N PHE A 449 -9.23 -17.55 43.86
CA PHE A 449 -8.91 -17.65 45.30
C PHE A 449 -7.99 -18.88 45.43
N GLY A 450 -6.90 -18.76 46.17
CA GLY A 450 -6.01 -19.90 46.32
C GLY A 450 -6.59 -21.08 47.10
N PRO A 451 -5.86 -22.22 47.17
CA PRO A 451 -6.43 -23.32 47.93
C PRO A 451 -6.44 -22.93 49.40
N VAL A 452 -7.26 -23.64 50.19
CA VAL A 452 -7.38 -23.36 51.61
C VAL A 452 -6.99 -24.59 52.45
N LYS A 453 -5.95 -24.42 53.26
CA LYS A 453 -5.49 -25.49 54.13
C LYS A 453 -6.12 -25.18 55.48
N LEU A 454 -6.72 -26.18 56.10
CA LEU A 454 -7.35 -25.97 57.39
C LEU A 454 -6.43 -26.45 58.51
N THR A 455 -6.67 -25.92 59.70
CA THR A 455 -5.88 -26.28 60.87
C THR A 455 -5.60 -27.77 60.85
N ASP A 456 -6.66 -28.54 60.66
CA ASP A 456 -6.54 -30.00 60.64
C ASP A 456 -5.95 -30.57 59.35
N GLY A 457 -5.03 -29.82 58.74
CA GLY A 457 -4.36 -30.26 57.53
C GLY A 457 -5.16 -30.30 56.23
N ARG A 458 -6.45 -30.61 56.31
CA ARG A 458 -7.28 -30.68 55.10
C ARG A 458 -7.08 -29.47 54.20
N VAL A 459 -7.01 -29.71 52.89
CA VAL A 459 -6.84 -28.63 51.91
C VAL A 459 -7.96 -28.65 50.88
N PHE A 460 -8.56 -27.49 50.68
CA PHE A 460 -9.65 -27.35 49.73
C PHE A 460 -9.25 -26.45 48.55
N THR A 461 -9.51 -26.93 47.33
CA THR A 461 -9.19 -26.15 46.13
C THR A 461 -10.53 -25.73 45.57
N PRO A 462 -10.89 -24.45 45.75
CA PRO A 462 -12.16 -23.85 45.28
C PRO A 462 -12.21 -23.64 43.76
N GLY A 463 -13.38 -23.89 43.17
CA GLY A 463 -13.53 -23.69 41.75
C GLY A 463 -13.87 -22.25 41.45
N GLN A 464 -13.74 -21.86 40.18
CA GLN A 464 -14.05 -20.49 39.79
C GLN A 464 -15.26 -20.49 38.89
N GLY A 465 -16.39 -20.08 39.46
CA GLY A 465 -17.63 -20.02 38.69
C GLY A 465 -17.67 -18.79 37.82
N ASN A 466 -16.90 -18.82 36.74
CA ASN A 466 -16.84 -17.70 35.82
C ASN A 466 -17.30 -18.13 34.43
N ASN A 467 -18.01 -17.24 33.74
CA ASN A 467 -18.55 -17.54 32.41
C ASN A 467 -17.47 -17.82 31.36
N VAL A 468 -16.23 -17.58 31.74
CA VAL A 468 -15.08 -17.81 30.85
C VAL A 468 -14.96 -19.29 30.53
N TYR A 469 -15.65 -20.12 31.31
CA TYR A 469 -15.66 -21.56 31.12
C TYR A 469 -16.70 -21.92 30.06
N ILE A 470 -17.59 -20.97 29.77
CA ILE A 470 -18.66 -21.20 28.81
C ILE A 470 -18.57 -20.43 27.51
N PHE A 471 -18.56 -19.10 27.59
CA PHE A 471 -18.55 -18.32 26.38
C PHE A 471 -17.52 -18.59 25.30
N PRO A 472 -16.33 -19.12 25.63
CA PRO A 472 -15.42 -19.35 24.50
C PRO A 472 -15.86 -20.59 23.66
N GLY A 473 -16.13 -21.70 24.34
CA GLY A 473 -16.54 -22.91 23.64
C GLY A 473 -17.92 -22.79 22.99
N VAL A 474 -18.76 -21.95 23.57
CA VAL A 474 -20.10 -21.74 23.05
C VAL A 474 -20.09 -20.79 21.86
N ALA A 475 -19.07 -19.94 21.77
CA ALA A 475 -18.95 -18.99 20.67
C ALA A 475 -18.28 -19.71 19.51
N LEU A 476 -17.43 -20.67 19.85
CA LEU A 476 -16.72 -21.45 18.84
C LEU A 476 -17.74 -22.19 18.03
N ALA A 477 -18.53 -23.01 18.70
CA ALA A 477 -19.56 -23.82 18.05
C ALA A 477 -20.56 -23.03 17.23
N VAL A 478 -21.04 -21.92 17.77
CA VAL A 478 -22.01 -21.11 17.06
C VAL A 478 -21.42 -20.58 15.77
N ILE A 479 -20.15 -20.23 15.81
CA ILE A 479 -19.46 -19.69 14.65
C ILE A 479 -19.23 -20.79 13.61
N LEU A 480 -18.62 -21.89 14.06
CA LEU A 480 -18.35 -23.02 13.17
C LEU A 480 -19.63 -23.62 12.55
N CYS A 481 -20.74 -23.61 13.28
CA CYS A 481 -22.00 -24.18 12.77
C CYS A 481 -22.89 -23.21 12.01
N ASN A 482 -22.45 -21.96 11.90
CA ASN A 482 -23.23 -20.94 11.22
C ASN A 482 -24.66 -20.88 11.74
N THR A 483 -24.79 -20.93 13.06
CA THR A 483 -26.08 -20.89 13.74
C THR A 483 -26.69 -19.50 13.59
N ARG A 484 -28.01 -19.44 13.46
CA ARG A 484 -28.73 -18.18 13.27
C ARG A 484 -29.11 -17.40 14.53
N HIS A 485 -29.52 -18.14 15.55
CA HIS A 485 -29.91 -17.54 16.82
C HIS A 485 -29.57 -18.50 17.92
N ILE A 486 -29.18 -17.97 19.08
CA ILE A 486 -28.84 -18.84 20.19
C ILE A 486 -30.00 -19.02 21.17
N SER A 487 -30.50 -20.25 21.26
CA SER A 487 -31.58 -20.53 22.17
C SER A 487 -30.99 -20.79 23.55
N ASP A 488 -31.80 -20.62 24.57
CA ASP A 488 -31.36 -20.80 25.94
C ASP A 488 -30.97 -22.23 26.24
N SER A 489 -31.49 -23.19 25.48
CA SER A 489 -31.16 -24.60 25.73
C SER A 489 -29.67 -24.85 25.47
N VAL A 490 -29.12 -24.13 24.48
CA VAL A 490 -27.71 -24.23 24.12
C VAL A 490 -26.83 -24.05 25.35
N PHE A 491 -27.28 -23.20 26.26
CA PHE A 491 -26.55 -22.92 27.49
C PHE A 491 -26.85 -23.99 28.50
N LEU A 492 -27.99 -24.66 28.35
CA LEU A 492 -28.34 -25.74 29.27
C LEU A 492 -27.39 -26.88 28.92
N GLU A 493 -27.20 -27.08 27.63
CA GLU A 493 -26.32 -28.13 27.19
C GLU A 493 -24.89 -27.80 27.58
N ALA A 494 -24.42 -26.60 27.21
CA ALA A 494 -23.05 -26.18 27.55
C ALA A 494 -22.74 -26.31 29.04
N ALA A 495 -23.79 -26.34 29.87
CA ALA A 495 -23.61 -26.46 31.30
C ALA A 495 -23.36 -27.92 31.62
N LYS A 496 -24.03 -28.78 30.87
CA LYS A 496 -23.87 -30.20 31.08
C LYS A 496 -22.52 -30.66 30.56
N ALA A 497 -22.13 -30.14 29.39
CA ALA A 497 -20.86 -30.50 28.77
C ALA A 497 -19.71 -30.09 29.64
N LEU A 498 -19.93 -29.05 30.43
CA LEU A 498 -18.89 -28.56 31.33
C LEU A 498 -18.78 -29.46 32.55
N THR A 499 -19.92 -29.69 33.20
CA THR A 499 -19.93 -30.53 34.40
C THR A 499 -19.70 -32.01 34.11
N SER A 500 -19.73 -32.36 32.82
CA SER A 500 -19.51 -33.75 32.43
C SER A 500 -18.03 -34.06 32.38
N GLN A 501 -17.22 -33.02 32.48
CA GLN A 501 -15.76 -33.14 32.46
C GLN A 501 -15.10 -33.13 33.83
N LEU A 502 -15.89 -32.95 34.89
CA LEU A 502 -15.35 -32.92 36.23
C LEU A 502 -15.11 -34.35 36.66
N THR A 503 -13.86 -34.69 36.99
CA THR A 503 -13.55 -36.05 37.44
C THR A 503 -13.81 -36.21 38.93
N ASP A 504 -14.06 -37.44 39.35
CA ASP A 504 -14.35 -37.74 40.73
C ASP A 504 -13.19 -37.37 41.66
N GLU A 505 -11.98 -37.30 41.08
CA GLU A 505 -10.77 -36.99 41.81
C GLU A 505 -10.62 -35.48 41.95
N GLU A 506 -11.05 -34.75 40.93
CA GLU A 506 -11.01 -33.28 40.95
C GLU A 506 -12.15 -32.86 41.90
N LEU A 507 -13.26 -33.58 41.83
CA LEU A 507 -14.40 -33.32 42.68
C LEU A 507 -13.90 -33.53 44.10
N ALA A 508 -13.11 -34.58 44.26
CA ALA A 508 -12.53 -34.99 45.54
C ALA A 508 -11.82 -33.91 46.35
N GLN A 509 -11.18 -32.96 45.68
CA GLN A 509 -10.49 -31.92 46.42
C GLN A 509 -11.24 -30.59 46.52
N GLY A 510 -12.55 -30.62 46.33
CA GLY A 510 -13.37 -29.44 46.45
C GLY A 510 -13.69 -28.64 45.18
N ARG A 511 -13.15 -29.07 44.06
CA ARG A 511 -13.36 -28.40 42.78
C ARG A 511 -14.73 -28.74 42.25
N LEU A 512 -15.50 -27.70 41.95
CA LEU A 512 -16.85 -27.87 41.40
C LEU A 512 -16.76 -27.67 39.90
N TYR A 513 -15.54 -27.44 39.44
CA TYR A 513 -15.26 -27.23 38.03
C TYR A 513 -13.91 -27.83 37.69
N PRO A 514 -13.70 -28.14 36.41
CA PRO A 514 -12.41 -28.72 35.98
C PRO A 514 -11.28 -27.72 36.20
N PRO A 515 -10.04 -28.20 36.32
CA PRO A 515 -8.85 -27.37 36.53
C PRO A 515 -8.71 -26.31 35.45
N LEU A 516 -8.50 -25.07 35.88
CA LEU A 516 -8.37 -23.97 34.96
C LEU A 516 -7.25 -24.21 33.94
N ALA A 517 -6.23 -24.95 34.35
CA ALA A 517 -5.12 -25.22 33.45
C ALA A 517 -5.63 -25.93 32.22
N ASN A 518 -6.66 -26.74 32.39
CA ASN A 518 -7.21 -27.49 31.28
C ASN A 518 -8.35 -26.75 30.59
N ILE A 519 -8.46 -25.44 30.77
CA ILE A 519 -9.56 -24.74 30.15
C ILE A 519 -9.63 -24.78 28.62
N GLN A 520 -8.49 -24.89 27.95
CA GLN A 520 -8.52 -24.94 26.48
C GLN A 520 -9.19 -26.21 25.95
N GLU A 521 -8.89 -27.35 26.56
CA GLU A 521 -9.48 -28.59 26.10
C GLU A 521 -10.93 -28.67 26.54
N VAL A 522 -11.22 -28.15 27.72
CA VAL A 522 -12.59 -28.15 28.24
C VAL A 522 -13.42 -27.33 27.22
N SER A 523 -12.95 -26.12 26.91
CA SER A 523 -13.64 -25.26 25.97
C SER A 523 -13.96 -26.03 24.70
N ILE A 524 -12.91 -26.56 24.09
CA ILE A 524 -13.01 -27.33 22.85
C ILE A 524 -14.03 -28.45 23.00
N ASN A 525 -13.99 -29.13 24.15
CA ASN A 525 -14.90 -30.24 24.42
C ASN A 525 -16.34 -29.77 24.48
N ILE A 526 -16.54 -28.58 25.05
CA ILE A 526 -17.87 -28.00 25.15
C ILE A 526 -18.34 -27.62 23.76
N ALA A 527 -17.46 -26.97 22.99
CA ALA A 527 -17.80 -26.56 21.64
C ALA A 527 -18.25 -27.75 20.81
N ILE A 528 -17.61 -28.90 21.00
CA ILE A 528 -17.96 -30.09 20.23
C ILE A 528 -19.35 -30.58 20.60
N LYS A 529 -19.59 -30.84 21.88
CA LYS A 529 -20.90 -31.28 22.31
C LYS A 529 -21.98 -30.28 21.88
N VAL A 530 -21.66 -28.99 21.93
CA VAL A 530 -22.64 -27.98 21.55
C VAL A 530 -22.95 -28.00 20.06
N THR A 531 -21.94 -28.22 19.23
CA THR A 531 -22.18 -28.29 17.79
C THR A 531 -23.05 -29.52 17.55
N GLU A 532 -22.64 -30.65 18.13
CA GLU A 532 -23.42 -31.88 17.99
C GLU A 532 -24.88 -31.51 18.29
N TYR A 533 -25.06 -30.75 19.36
CA TYR A 533 -26.38 -30.35 19.80
C TYR A 533 -27.10 -29.48 18.77
N LEU A 534 -26.40 -28.47 18.25
CA LEU A 534 -26.99 -27.58 17.27
C LEU A 534 -27.46 -28.31 16.03
N TYR A 535 -26.58 -29.15 15.49
CA TYR A 535 -26.88 -29.91 14.28
C TYR A 535 -28.06 -30.84 14.55
N ALA A 536 -28.02 -31.53 15.68
CA ALA A 536 -29.10 -32.44 16.05
C ALA A 536 -30.46 -31.72 16.20
N ASN A 537 -30.43 -30.41 16.40
CA ASN A 537 -31.68 -29.67 16.56
C ASN A 537 -31.97 -28.75 15.40
N LYS A 538 -31.33 -29.03 14.27
CA LYS A 538 -31.52 -28.22 13.08
C LYS A 538 -31.33 -26.74 13.39
N ALA A 540 -27.89 -25.61 13.24
CA ALA A 540 -26.60 -25.39 12.59
C ALA A 540 -26.84 -25.36 11.10
N PHE A 541 -26.34 -24.34 10.43
CA PHE A 541 -26.55 -24.20 9.01
C PHE A 541 -25.34 -24.35 8.13
N ARG A 542 -24.27 -24.93 8.68
CA ARG A 542 -23.07 -25.14 7.91
C ARG A 542 -23.25 -26.42 7.09
N TYR A 543 -23.07 -26.33 5.77
CA TYR A 543 -23.23 -27.53 4.94
C TYR A 543 -21.93 -27.99 4.25
N PRO A 544 -21.72 -29.31 4.23
CA PRO A 544 -22.61 -30.33 4.78
C PRO A 544 -22.31 -30.57 6.26
N GLU A 545 -23.12 -31.41 6.90
CA GLU A 545 -22.96 -31.72 8.31
C GLU A 545 -21.80 -32.67 8.56
N PRO A 546 -20.74 -32.20 9.20
CA PRO A 546 -19.60 -33.08 9.46
C PRO A 546 -20.04 -34.37 10.15
N GLU A 547 -19.53 -35.50 9.68
CA GLU A 547 -19.89 -36.79 10.26
C GLU A 547 -19.31 -36.93 11.65
N ASP A 548 -18.05 -36.51 11.81
CA ASP A 548 -17.38 -36.54 13.11
C ASP A 548 -17.15 -35.12 13.63
N LYS A 549 -18.07 -34.66 14.46
CA LYS A 549 -18.00 -33.32 15.03
C LYS A 549 -16.68 -33.07 15.72
N ALA A 550 -16.25 -34.02 16.54
CA ALA A 550 -14.99 -33.88 17.25
C ALA A 550 -13.88 -33.45 16.31
N LYS A 551 -13.66 -34.23 15.27
CA LYS A 551 -12.60 -33.95 14.31
C LYS A 551 -12.85 -32.62 13.61
N TYR A 552 -14.13 -32.36 13.32
CA TYR A 552 -14.54 -31.13 12.65
C TYR A 552 -14.07 -29.88 13.39
N VAL A 553 -14.27 -29.90 14.71
CA VAL A 553 -13.89 -28.78 15.58
C VAL A 553 -12.37 -28.67 15.74
N LYS A 554 -11.71 -29.71 16.23
CA LYS A 554 -10.26 -29.67 16.42
C LYS A 554 -9.51 -29.26 15.16
N GLU A 555 -9.98 -29.73 14.00
CA GLU A 555 -9.33 -29.40 12.73
C GLU A 555 -9.42 -27.91 12.42
N ARG A 556 -10.37 -27.22 13.04
CA ARG A 556 -10.57 -25.81 12.76
C ARG A 556 -10.08 -24.79 13.79
N THR A 557 -9.31 -25.23 14.79
CA THR A 557 -8.84 -24.28 15.79
C THR A 557 -7.52 -23.60 15.49
N TRP A 558 -7.51 -22.28 15.69
CA TRP A 558 -6.32 -21.44 15.47
C TRP A 558 -5.19 -21.84 16.42
N ARG A 559 -3.98 -21.91 15.89
CA ARG A 559 -2.78 -22.31 16.64
C ARG A 559 -1.84 -21.11 16.78
N SER A 560 -1.03 -21.09 17.83
CA SER A 560 -0.10 -19.98 18.03
C SER A 560 1.28 -20.16 17.37
N GLU A 561 1.52 -21.35 16.81
CA GLU A 561 2.79 -21.65 16.13
C GLU A 561 2.93 -20.77 14.92
N TYR A 562 4.10 -20.13 14.78
CA TYR A 562 4.32 -19.25 13.63
C TYR A 562 4.01 -19.96 12.34
N ASP A 563 3.48 -19.23 11.37
CA ASP A 563 3.18 -19.82 10.09
C ASP A 563 4.21 -19.32 9.08
N SER A 564 4.47 -20.11 8.05
CA SER A 564 5.46 -19.70 7.05
C SER A 564 4.89 -18.61 6.15
N LEU A 565 5.70 -17.58 5.88
CA LEU A 565 5.26 -16.50 5.01
C LEU A 565 5.95 -16.54 3.66
N LEU A 566 6.68 -17.62 3.41
CA LEU A 566 7.42 -17.78 2.17
C LEU A 566 6.54 -18.03 0.96
N PRO A 567 6.79 -17.33 -0.16
CA PRO A 567 6.02 -17.51 -1.38
C PRO A 567 6.07 -18.97 -1.86
N ASP A 568 5.04 -19.40 -2.59
CA ASP A 568 5.00 -20.76 -3.10
C ASP A 568 5.82 -20.88 -4.37
N VAL A 569 7.08 -21.23 -4.21
CA VAL A 569 7.95 -21.36 -5.36
C VAL A 569 8.21 -22.85 -5.65
N TYR A 570 7.94 -23.21 -6.90
CA TYR A 570 8.08 -24.57 -7.38
C TYR A 570 8.47 -24.51 -8.84
N GLU A 571 9.12 -25.57 -9.33
CA GLU A 571 9.55 -25.60 -10.71
C GLU A 571 8.46 -26.11 -11.64
N TRP A 572 8.57 -25.74 -12.92
CA TRP A 572 7.63 -26.17 -13.93
C TRP A 572 8.33 -27.26 -14.73
N PRO A 573 7.62 -28.35 -15.04
CA PRO A 573 8.26 -29.42 -15.82
C PRO A 573 8.64 -28.95 -17.22
N ILE B 21 2.24 12.66 3.10
CA ILE B 21 1.89 11.22 3.36
C ILE B 21 1.03 10.64 2.26
N LYS B 22 1.29 9.38 1.92
CA LYS B 22 0.52 8.73 0.87
C LYS B 22 -0.47 7.70 1.36
N GLU B 23 -0.42 7.39 2.65
CA GLU B 23 -1.35 6.41 3.18
C GLU B 23 -2.49 6.93 4.04
N LYS B 24 -3.44 6.04 4.31
CA LYS B 24 -4.57 6.37 5.13
C LYS B 24 -5.02 5.14 5.88
N GLY B 25 -5.85 5.34 6.89
CA GLY B 25 -6.32 4.22 7.68
C GLY B 25 -5.32 3.84 8.75
N LYS B 26 -5.50 2.63 9.29
CA LYS B 26 -4.65 2.10 10.34
C LYS B 26 -3.17 2.32 10.12
N PRO B 27 -2.67 2.11 8.88
CA PRO B 27 -1.24 2.32 8.65
C PRO B 27 -0.73 3.63 9.26
N LEU B 28 -1.56 4.67 9.21
CA LEU B 28 -1.16 5.97 9.76
C LEU B 28 -0.88 5.87 11.25
N LEU B 30 -0.03 2.86 12.68
CA LEU B 30 1.01 1.89 12.94
C LEU B 30 2.35 2.54 12.71
N ASN B 31 2.38 3.64 11.98
CA ASN B 31 3.65 4.29 11.75
C ASN B 31 3.95 5.40 12.75
N PRO B 32 4.91 5.16 13.68
CA PRO B 32 5.34 6.10 14.72
C PRO B 32 5.68 7.46 14.16
N ARG B 33 6.13 7.45 12.91
CA ARG B 33 6.52 8.65 12.20
C ARG B 33 5.29 9.53 11.94
N THR B 34 4.16 8.87 11.69
CA THR B 34 2.92 9.56 11.38
C THR B 34 1.91 9.54 12.51
N ASN B 35 1.99 8.53 13.36
CA ASN B 35 1.04 8.44 14.45
C ASN B 35 1.03 9.64 15.37
N LYS B 36 -0.20 10.08 15.69
CA LYS B 36 -0.47 11.22 16.56
C LYS B 36 -1.17 10.74 17.84
N GLY B 37 -1.74 9.53 17.80
CA GLY B 37 -2.46 9.02 18.94
C GLY B 37 -3.84 9.65 18.94
N ALA B 39 -4.39 12.54 19.30
CA ALA B 39 -4.16 13.92 18.87
C ALA B 39 -4.73 14.14 17.46
N PHE B 40 -4.97 13.05 16.73
CA PHE B 40 -5.52 13.18 15.39
C PHE B 40 -6.83 13.95 15.54
N THR B 41 -6.89 15.15 14.98
CA THR B 41 -8.11 15.93 15.07
C THR B 41 -9.28 15.12 14.52
N LEU B 42 -10.51 15.55 14.80
CA LEU B 42 -11.67 14.81 14.30
C LEU B 42 -11.78 14.90 12.78
N GLN B 43 -11.29 15.98 12.20
CA GLN B 43 -11.34 16.15 10.75
C GLN B 43 -10.36 15.18 10.10
N GLU B 44 -9.19 15.06 10.72
CA GLU B 44 -8.16 14.14 10.25
C GLU B 44 -8.75 12.76 10.36
N ARG B 45 -9.30 12.43 11.53
CA ARG B 45 -9.89 11.13 11.76
C ARG B 45 -10.88 10.75 10.67
N GLN B 46 -11.81 11.64 10.35
CA GLN B 46 -12.83 11.37 9.35
C GLN B 46 -12.30 11.33 7.93
N LEU B 48 -8.99 10.69 6.96
CA LEU B 48 -8.07 9.58 6.83
C LEU B 48 -8.66 8.23 7.22
N GLY B 49 -9.96 8.21 7.53
CA GLY B 49 -10.61 6.97 7.90
C GLY B 49 -10.17 6.33 9.21
N LEU B 50 -9.85 7.18 10.18
CA LEU B 50 -9.40 6.70 11.49
C LEU B 50 -10.53 6.68 12.51
N GLN B 51 -11.62 7.41 12.20
CA GLN B 51 -12.77 7.48 13.10
C GLN B 51 -13.21 6.08 13.53
N GLY B 52 -13.42 5.93 14.84
CA GLY B 52 -13.84 4.63 15.35
C GLY B 52 -12.66 3.78 15.76
N LEU B 53 -11.48 4.10 15.22
CA LEU B 53 -10.28 3.36 15.56
C LEU B 53 -9.61 3.96 16.80
N LEU B 54 -10.04 5.17 17.16
CA LEU B 54 -9.50 5.87 18.33
C LEU B 54 -10.62 6.29 19.27
N PRO B 55 -10.37 6.27 20.59
CA PRO B 55 -11.43 6.68 21.53
C PRO B 55 -12.02 8.05 21.16
N PRO B 56 -13.30 8.29 21.53
CA PRO B 56 -14.02 9.54 21.24
C PRO B 56 -13.36 10.84 21.67
N LYS B 57 -12.42 10.77 22.62
CA LYS B 57 -11.73 11.97 23.08
C LYS B 57 -10.64 12.42 22.10
N ILE B 58 -10.48 13.75 21.96
CA ILE B 58 -9.47 14.34 21.09
C ILE B 58 -8.48 15.13 21.95
N GLU B 59 -7.36 14.48 22.31
CA GLU B 59 -6.32 15.06 23.16
C GLU B 59 -5.39 16.10 22.55
N THR B 60 -4.60 16.72 23.42
CA THR B 60 -3.63 17.71 22.98
C THR B 60 -2.28 17.07 23.28
N GLN B 61 -1.25 17.50 22.59
CA GLN B 61 0.06 16.95 22.86
C GLN B 61 0.36 17.20 24.33
N ASP B 62 0.00 18.40 24.79
CA ASP B 62 0.21 18.78 26.17
C ASP B 62 -0.26 17.72 27.14
N ILE B 63 -1.45 17.17 26.91
CA ILE B 63 -2.03 16.14 27.78
C ILE B 63 -1.34 14.80 27.67
N GLN B 64 -0.90 14.49 26.46
CA GLN B 64 -0.21 13.23 26.18
C GLN B 64 1.09 13.24 26.95
N ALA B 65 1.75 14.39 26.94
CA ALA B 65 3.02 14.56 27.64
C ALA B 65 2.77 14.48 29.16
N LEU B 66 1.62 14.99 29.60
CA LEU B 66 1.28 14.96 31.02
C LEU B 66 1.09 13.52 31.45
N ARG B 67 0.46 12.72 30.60
CA ARG B 67 0.24 11.31 30.91
C ARG B 67 1.60 10.64 31.04
N PHE B 68 2.48 10.91 30.09
CA PHE B 68 3.81 10.33 30.14
C PHE B 68 4.56 10.71 31.42
N HIS B 69 4.66 12.00 31.71
CA HIS B 69 5.37 12.43 32.91
C HIS B 69 4.74 11.94 34.19
N ARG B 70 3.41 11.87 34.21
CA ARG B 70 2.70 11.37 35.36
C ARG B 70 3.17 9.93 35.59
N ASN B 71 3.17 9.16 34.51
CA ASN B 71 3.53 7.74 34.51
C ASN B 71 4.98 7.43 34.82
N LEU B 72 5.90 8.18 34.25
CA LEU B 72 7.32 7.97 34.46
C LEU B 72 7.75 8.24 35.91
N LYS B 73 7.02 9.12 36.59
CA LYS B 73 7.31 9.45 37.98
C LYS B 73 7.09 8.24 38.87
N LYS B 74 6.09 7.44 38.55
CA LYS B 74 5.82 6.27 39.35
C LYS B 74 6.93 5.22 39.17
N THR B 76 10.58 3.50 39.23
CA THR B 76 11.73 3.44 40.11
C THR B 76 13.10 3.37 39.45
N SER B 77 13.31 2.34 38.63
CA SER B 77 14.60 2.16 37.99
C SER B 77 14.74 2.89 36.67
N PRO B 78 15.95 3.43 36.38
CA PRO B 78 16.26 4.17 35.15
C PRO B 78 16.22 3.23 33.94
N LEU B 79 16.51 1.97 34.16
CA LEU B 79 16.46 1.01 33.07
C LEU B 79 15.01 0.84 32.66
N GLU B 80 14.11 0.88 33.64
CA GLU B 80 12.68 0.73 33.38
C GLU B 80 12.18 2.01 32.76
N LYS B 81 12.75 3.13 33.15
CA LYS B 81 12.35 4.41 32.60
C LYS B 81 12.85 4.51 31.17
N TYR B 82 14.06 4.01 30.94
CA TYR B 82 14.68 4.01 29.61
C TYR B 82 13.79 3.23 28.66
N ILE B 83 13.37 2.05 29.12
CA ILE B 83 12.52 1.19 28.32
C ILE B 83 11.26 1.95 27.95
N TYR B 84 10.60 2.50 28.94
CA TYR B 84 9.34 3.21 28.70
C TYR B 84 9.50 4.38 27.74
N ILE B 85 10.57 5.14 27.91
CA ILE B 85 10.80 6.29 27.05
C ILE B 85 11.07 5.88 25.64
N GLY B 87 10.30 3.44 24.18
CA GLY B 87 9.15 2.78 23.58
C GLY B 87 8.21 3.75 22.87
N ILE B 88 8.22 5.01 23.30
CA ILE B 88 7.37 6.01 22.68
C ILE B 88 7.90 6.36 21.30
N GLN B 89 9.20 6.24 21.12
CA GLN B 89 9.84 6.53 19.86
C GLN B 89 9.30 5.55 18.82
N GLU B 90 8.97 4.36 19.27
CA GLU B 90 8.45 3.31 18.41
C GLU B 90 6.92 3.34 18.38
N ARG B 91 6.35 4.37 18.99
CA ARG B 91 4.90 4.52 19.08
C ARG B 91 4.49 5.83 18.44
N ASN B 92 5.03 6.93 18.96
CA ASN B 92 4.73 8.28 18.46
C ASN B 92 5.99 9.14 18.46
N GLU B 93 6.55 9.34 17.29
CA GLU B 93 7.77 10.12 17.15
C GLU B 93 7.65 11.50 17.77
N LYS B 94 6.80 12.31 17.17
CA LYS B 94 6.55 13.68 17.60
C LYS B 94 6.35 13.79 19.09
N LEU B 95 5.62 12.86 19.69
CA LEU B 95 5.40 12.91 21.13
C LEU B 95 6.69 12.58 21.90
N PHE B 96 7.43 11.60 21.40
CA PHE B 96 8.67 11.19 22.02
C PHE B 96 9.64 12.36 22.16
N TYR B 97 9.86 13.10 21.07
CA TYR B 97 10.76 14.23 21.10
C TYR B 97 10.22 15.41 21.87
N ARG B 98 8.91 15.46 22.02
CA ARG B 98 8.28 16.54 22.77
C ARG B 98 8.67 16.27 24.20
N ILE B 99 8.45 15.02 24.62
CA ILE B 99 8.78 14.55 25.94
C ILE B 99 10.22 14.94 26.31
N LEU B 100 11.17 14.65 25.43
CA LEU B 100 12.58 14.98 25.68
C LEU B 100 12.69 16.49 25.85
N GLN B 101 12.16 17.19 24.85
CA GLN B 101 12.15 18.65 24.84
C GLN B 101 11.57 19.23 26.11
N ASP B 102 10.71 18.48 26.79
CA ASP B 102 10.11 18.99 28.01
C ASP B 102 11.14 19.14 29.12
N ASP B 103 12.03 18.16 29.26
CA ASP B 103 13.07 18.23 30.29
C ASP B 103 14.33 17.42 29.96
N ILE B 104 15.10 17.91 29.00
CA ILE B 104 16.31 17.25 28.57
C ILE B 104 17.34 17.00 29.67
N GLU B 105 17.51 17.97 30.55
CA GLU B 105 18.47 17.85 31.63
C GLU B 105 18.24 16.63 32.48
N SER B 106 16.98 16.26 32.67
CA SER B 106 16.70 15.13 33.53
C SER B 106 16.48 13.83 32.76
N LEU B 107 16.10 13.95 31.49
CA LEU B 107 15.87 12.75 30.68
C LEU B 107 17.19 12.27 30.09
N PRO B 109 20.38 11.53 31.46
CA PRO B 109 21.02 10.35 32.08
C PRO B 109 20.34 9.04 31.81
N ILE B 110 19.07 9.10 31.41
CA ILE B 110 18.31 7.89 31.13
C ILE B 110 18.52 7.44 29.69
N VAL B 111 18.06 8.30 28.79
CA VAL B 111 18.14 8.08 27.37
C VAL B 111 19.58 8.01 26.85
N TYR B 112 20.49 8.64 27.60
CA TYR B 112 21.90 8.71 27.25
C TYR B 112 22.76 8.19 28.41
N THR B 113 24.00 8.63 28.52
CA THR B 113 24.86 8.16 29.60
C THR B 113 24.34 8.67 30.93
N PRO B 114 24.38 7.85 31.98
CA PRO B 114 24.90 6.48 32.04
C PRO B 114 23.94 5.33 31.80
N THR B 115 22.64 5.60 31.78
CA THR B 115 21.65 4.53 31.59
C THR B 115 21.73 3.79 30.26
N VAL B 116 22.14 4.49 29.21
CA VAL B 116 22.24 3.87 27.90
C VAL B 116 23.21 2.70 27.92
N GLY B 117 24.38 2.92 28.54
CA GLY B 117 25.38 1.87 28.64
C GLY B 117 24.85 0.66 29.39
N LEU B 118 23.99 0.90 30.37
CA LEU B 118 23.43 -0.21 31.12
C LEU B 118 22.43 -0.93 30.26
N ALA B 119 21.77 -0.19 29.37
CA ALA B 119 20.78 -0.76 28.48
C ALA B 119 21.49 -1.69 27.52
N CYS B 120 22.56 -1.20 26.91
CA CYS B 120 23.34 -2.00 25.96
C CYS B 120 23.80 -3.27 26.65
N SER B 121 24.31 -3.10 27.86
CA SER B 121 24.80 -4.23 28.64
C SER B 121 23.84 -5.42 28.61
N GLN B 122 22.59 -5.18 28.23
CA GLN B 122 21.63 -6.27 28.18
C GLN B 122 20.57 -5.98 27.14
N TYR B 123 21.01 -5.40 26.04
CA TYR B 123 20.13 -5.04 24.95
C TYR B 123 19.23 -6.22 24.63
N GLY B 124 19.81 -7.41 24.61
CA GLY B 124 19.09 -8.62 24.28
C GLY B 124 18.10 -9.13 25.30
N HIS B 125 18.16 -8.64 26.52
CA HIS B 125 17.24 -9.11 27.55
C HIS B 125 16.00 -8.22 27.57
N ILE B 126 16.18 -6.95 27.21
CA ILE B 126 15.08 -5.99 27.21
C ILE B 126 14.61 -5.58 25.81
N PHE B 127 14.94 -6.40 24.82
CA PHE B 127 14.56 -6.15 23.43
C PHE B 127 13.02 -6.20 23.27
N ARG B 128 12.48 -5.29 22.46
CA ARG B 128 11.04 -5.28 22.18
C ARG B 128 10.91 -5.14 20.67
N ARG B 129 11.25 -3.95 20.18
CA ARG B 129 11.19 -3.68 18.75
C ARG B 129 12.59 -3.27 18.29
N PRO B 130 13.02 -3.73 17.11
CA PRO B 130 14.35 -3.38 16.61
C PRO B 130 14.42 -1.94 16.18
N LYS B 131 15.62 -1.38 16.17
CA LYS B 131 15.81 0.00 15.75
C LYS B 131 17.06 0.03 14.91
N GLY B 132 17.07 0.81 13.83
CA GLY B 132 18.25 0.89 13.00
C GLY B 132 18.55 -0.24 12.02
N LEU B 133 19.54 0.00 11.15
CA LEU B 133 19.98 -0.95 10.12
C LEU B 133 21.07 -1.85 10.67
N PHE B 134 20.89 -3.16 10.49
CA PHE B 134 21.87 -4.13 10.98
C PHE B 134 22.62 -4.74 9.80
N ILE B 135 23.95 -4.63 9.78
CA ILE B 135 24.76 -5.19 8.71
C ILE B 135 25.77 -6.19 9.27
N SER B 136 25.64 -7.45 8.86
CA SER B 136 26.53 -8.50 9.34
C SER B 136 27.57 -8.96 8.30
N ILE B 137 28.70 -9.45 8.80
CA ILE B 137 29.77 -9.95 7.94
C ILE B 137 29.20 -11.00 6.96
N SER B 138 28.26 -11.81 7.46
CA SER B 138 27.60 -12.84 6.67
C SER B 138 26.81 -12.26 5.49
N ASP B 139 26.75 -10.94 5.43
CA ASP B 139 26.03 -10.29 4.35
C ASP B 139 27.00 -9.67 3.35
N ARG B 140 28.28 -9.97 3.52
CA ARG B 140 29.30 -9.42 2.61
C ARG B 140 28.91 -9.71 1.18
N GLY B 141 29.00 -8.69 0.34
CA GLY B 141 28.63 -8.83 -1.07
C GLY B 141 27.23 -8.32 -1.36
N HIS B 142 26.35 -8.39 -0.37
CA HIS B 142 24.98 -7.93 -0.54
C HIS B 142 24.59 -6.73 0.32
N VAL B 143 25.57 -6.03 0.88
CA VAL B 143 25.27 -4.91 1.74
C VAL B 143 24.30 -3.89 1.09
N ARG B 144 24.42 -3.74 -0.22
CA ARG B 144 23.57 -2.78 -0.90
C ARG B 144 22.10 -3.19 -0.95
N SER B 145 21.82 -4.48 -0.92
CA SER B 145 20.43 -4.89 -0.93
C SER B 145 19.90 -4.55 0.46
N ILE B 146 20.74 -4.78 1.46
CA ILE B 146 20.38 -4.47 2.85
C ILE B 146 20.09 -2.99 3.03
N VAL B 147 20.98 -2.16 2.49
CA VAL B 147 20.86 -0.71 2.58
C VAL B 147 19.55 -0.22 1.94
N ASP B 148 19.16 -0.84 0.83
CA ASP B 148 17.95 -0.47 0.11
C ASP B 148 16.67 -0.98 0.73
N ASN B 149 16.81 -1.72 1.81
CA ASN B 149 15.68 -2.24 2.54
C ASN B 149 15.25 -1.21 3.58
N TRP B 150 16.00 -0.13 3.70
CA TRP B 150 15.69 0.92 4.65
C TRP B 150 14.53 1.74 4.15
N PRO B 151 13.48 1.85 4.99
CA PRO B 151 12.25 2.59 4.70
C PRO B 151 12.43 4.02 4.20
N GLU B 152 13.20 4.83 4.91
CA GLU B 152 13.39 6.22 4.52
C GLU B 152 14.34 6.32 3.35
N ASN B 153 14.06 7.22 2.42
CA ASN B 153 14.92 7.36 1.26
C ASN B 153 15.70 8.66 1.13
N HIS B 154 15.68 9.49 2.17
CA HIS B 154 16.43 10.71 2.13
C HIS B 154 17.32 10.86 3.36
N VAL B 155 18.06 9.80 3.65
CA VAL B 155 18.97 9.80 4.79
C VAL B 155 20.09 10.83 4.59
N LYS B 156 20.31 11.65 5.60
CA LYS B 156 21.34 12.69 5.56
C LYS B 156 22.42 12.44 6.60
N ALA B 157 22.15 11.56 7.57
CA ALA B 157 23.13 11.27 8.62
C ALA B 157 23.14 9.81 9.05
N VAL B 158 24.34 9.28 9.25
CA VAL B 158 24.50 7.90 9.66
C VAL B 158 25.45 7.84 10.87
N VAL B 159 25.05 7.14 11.91
CA VAL B 159 25.93 6.98 13.05
C VAL B 159 26.07 5.47 13.10
N VAL B 160 27.27 4.99 12.76
CA VAL B 160 27.55 3.57 12.70
C VAL B 160 28.58 3.06 13.69
N THR B 161 28.35 1.86 14.20
CA THR B 161 29.24 1.25 15.18
C THR B 161 29.45 -0.22 14.86
N ASP B 162 30.44 -0.83 15.49
CA ASP B 162 30.68 -2.25 15.33
C ASP B 162 30.70 -2.80 16.74
N GLY B 163 30.37 -1.91 17.68
CA GLY B 163 30.27 -2.25 19.09
C GLY B 163 31.48 -2.84 19.76
N GLU B 164 32.66 -2.49 19.28
CA GLU B 164 33.90 -3.01 19.88
C GLU B 164 34.33 -2.24 21.14
N ARG B 165 34.15 -0.92 21.12
CA ARG B 165 34.50 -0.09 22.26
C ARG B 165 33.25 0.69 22.65
N ILE B 166 32.26 -0.03 23.20
CA ILE B 166 31.01 0.62 23.61
C ILE B 166 31.24 1.36 24.93
N LEU B 167 31.48 2.67 24.82
CA LEU B 167 31.76 3.53 25.98
C LEU B 167 33.04 3.01 26.65
N GLY B 168 33.01 2.85 27.98
CA GLY B 168 34.16 2.32 28.68
C GLY B 168 33.75 0.94 29.16
N LEU B 169 32.84 0.33 28.42
CA LEU B 169 32.31 -0.98 28.74
C LEU B 169 32.97 -2.08 27.93
N GLY B 170 33.56 -1.73 26.79
CA GLY B 170 34.21 -2.73 25.97
C GLY B 170 33.38 -3.33 24.84
N ASP B 171 33.78 -4.53 24.40
CA ASP B 171 33.15 -5.29 23.32
C ASP B 171 31.76 -5.80 23.64
N LEU B 172 30.73 -5.19 23.07
CA LEU B 172 29.36 -5.64 23.34
C LEU B 172 28.75 -6.29 22.11
N GLY B 173 29.49 -6.30 21.00
CA GLY B 173 28.97 -6.91 19.80
C GLY B 173 27.77 -6.11 19.33
N VAL B 174 26.73 -6.81 18.90
CA VAL B 174 25.51 -6.15 18.42
C VAL B 174 24.65 -5.56 19.54
N TYR B 175 25.11 -5.72 20.79
CA TYR B 175 24.40 -5.17 21.93
C TYR B 175 24.70 -3.68 21.98
N GLY B 176 25.65 -3.24 21.17
CA GLY B 176 25.99 -1.84 21.17
C GLY B 176 25.17 -1.00 20.21
N GLY B 178 22.50 0.26 20.87
CA GLY B 178 21.91 1.31 21.66
C GLY B 178 22.61 2.64 21.52
N ILE B 179 23.92 2.59 21.30
CA ILE B 179 24.72 3.80 21.19
C ILE B 179 24.34 4.64 19.96
N PRO B 180 24.37 4.04 18.76
CA PRO B 180 24.00 4.85 17.59
C PRO B 180 22.55 5.35 17.68
N VAL B 181 21.69 4.54 18.30
CA VAL B 181 20.29 4.92 18.47
C VAL B 181 20.23 6.17 19.34
N GLY B 182 20.89 6.13 20.50
CA GLY B 182 20.89 7.27 21.40
C GLY B 182 21.56 8.51 20.82
N LYS B 183 22.61 8.31 20.02
CA LYS B 183 23.32 9.42 19.45
C LYS B 183 22.43 10.22 18.54
N LEU B 184 21.65 9.52 17.71
CA LEU B 184 20.78 10.19 16.74
C LEU B 184 19.57 10.85 17.38
N CYS B 185 19.22 10.42 18.58
CA CYS B 185 18.11 11.03 19.29
C CYS B 185 18.52 12.44 19.64
N LEU B 186 19.77 12.57 20.10
CA LEU B 186 20.34 13.86 20.46
C LEU B 186 20.68 14.69 19.25
N TYR B 187 20.48 14.11 18.07
CA TYR B 187 20.72 14.79 16.80
C TYR B 187 19.46 15.60 16.54
N THR B 188 18.35 15.02 16.98
CA THR B 188 17.03 15.61 16.81
C THR B 188 16.66 16.41 18.05
N ALA B 189 16.94 15.83 19.22
CA ALA B 189 16.63 16.48 20.47
C ALA B 189 17.45 17.74 20.68
N CYS B 190 18.71 17.72 20.32
CA CYS B 190 19.57 18.89 20.51
C CYS B 190 19.62 19.87 19.32
N ALA B 191 20.00 19.40 18.14
CA ALA B 191 20.11 20.27 16.96
C ALA B 191 18.89 20.33 16.02
N GLY B 192 17.85 19.56 16.30
CA GLY B 192 16.67 19.59 15.47
C GLY B 192 16.81 18.98 14.08
N ILE B 193 17.56 17.89 13.99
CA ILE B 193 17.73 17.20 12.73
C ILE B 193 16.52 16.26 12.54
N ARG B 194 15.93 16.29 11.35
CA ARG B 194 14.79 15.45 11.02
C ARG B 194 15.07 13.99 11.35
N PRO B 195 14.19 13.36 12.14
CA PRO B 195 14.40 11.95 12.51
C PRO B 195 14.43 10.96 11.34
N ASP B 196 13.66 11.25 10.29
CA ASP B 196 13.59 10.37 9.13
C ASP B 196 14.77 10.58 8.18
N ARG B 197 15.69 11.46 8.55
CA ARG B 197 16.85 11.70 7.72
C ARG B 197 18.10 11.16 8.45
N CYS B 198 17.87 10.40 9.50
CA CYS B 198 18.95 9.83 10.27
C CYS B 198 18.87 8.32 10.23
N LEU B 199 20.02 7.66 10.38
CA LEU B 199 20.06 6.21 10.30
C LEU B 199 21.19 5.66 11.16
N PRO B 200 20.86 4.89 12.21
CA PRO B 200 21.88 4.31 13.07
C PRO B 200 22.22 2.96 12.48
N VAL B 201 23.48 2.65 12.31
CA VAL B 201 23.84 1.37 11.74
C VAL B 201 24.73 0.59 12.69
N CYS B 202 24.60 -0.74 12.64
CA CYS B 202 25.42 -1.61 13.45
C CYS B 202 26.08 -2.63 12.52
N ILE B 203 27.40 -2.77 12.64
CA ILE B 203 28.15 -3.69 11.81
C ILE B 203 28.59 -4.86 12.65
N ASP B 204 27.89 -5.98 12.49
CA ASP B 204 28.19 -7.18 13.26
C ASP B 204 29.17 -8.11 12.57
N VAL B 205 30.42 -8.09 13.03
CA VAL B 205 31.45 -8.96 12.48
C VAL B 205 31.82 -9.99 13.55
N GLY B 206 30.94 -10.14 14.55
CA GLY B 206 31.19 -11.08 15.63
C GLY B 206 31.61 -10.32 16.88
N THR B 207 31.97 -11.05 17.93
CA THR B 207 32.39 -10.39 19.17
C THR B 207 33.36 -11.29 19.92
N ASP B 208 34.19 -10.68 20.78
CA ASP B 208 35.15 -11.46 21.57
C ASP B 208 34.66 -11.60 23.02
N ASN B 209 33.44 -11.13 23.27
CA ASN B 209 32.85 -11.20 24.60
C ASN B 209 32.36 -12.61 24.84
N ILE B 210 33.19 -13.40 25.50
CA ILE B 210 32.87 -14.78 25.79
C ILE B 210 31.47 -14.97 26.38
N ALA B 211 31.12 -14.10 27.30
CA ALA B 211 29.82 -14.19 27.95
C ALA B 211 28.67 -14.03 26.95
N LEU B 212 28.80 -13.06 26.05
CA LEU B 212 27.74 -12.85 25.05
C LEU B 212 27.71 -14.06 24.14
N LEU B 213 28.90 -14.60 23.84
CA LEU B 213 28.97 -15.76 22.96
C LEU B 213 28.15 -16.91 23.55
N LYS B 214 28.09 -16.99 24.87
CA LYS B 214 27.30 -18.05 25.47
C LYS B 214 25.98 -17.53 26.03
N ASP B 215 25.47 -16.46 25.46
CA ASP B 215 24.21 -15.89 25.89
C ASP B 215 23.11 -16.18 24.87
N PRO B 216 22.13 -17.02 25.25
CA PRO B 216 21.01 -17.40 24.38
C PRO B 216 20.24 -16.19 23.91
N PHE B 217 20.51 -15.04 24.51
CA PHE B 217 19.79 -13.84 24.12
C PHE B 217 20.60 -12.90 23.24
N TYR B 218 21.87 -13.21 23.02
CA TYR B 218 22.68 -12.32 22.20
C TYR B 218 21.98 -12.14 20.85
N GLY B 220 23.56 -10.93 17.91
CA GLY B 220 24.42 -10.97 16.74
C GLY B 220 24.91 -12.36 16.39
N LEU B 221 26.03 -12.41 15.68
CA LEU B 221 26.63 -13.68 15.27
C LEU B 221 27.39 -14.30 16.42
N TYR B 222 27.20 -15.59 16.63
CA TYR B 222 27.91 -16.28 17.68
C TYR B 222 29.24 -16.67 17.02
N GLN B 223 30.12 -15.68 16.89
CA GLN B 223 31.42 -15.87 16.28
C GLN B 223 32.36 -14.80 16.83
N LYS B 224 33.64 -15.13 16.93
CA LYS B 224 34.61 -14.16 17.41
C LYS B 224 34.83 -13.11 16.33
N ARG B 225 35.22 -11.92 16.76
CA ARG B 225 35.43 -10.81 15.85
C ARG B 225 36.30 -11.16 14.66
N ASP B 226 35.81 -10.86 13.47
CA ASP B 226 36.52 -11.11 12.23
C ASP B 226 37.43 -9.93 11.98
N ARG B 227 38.73 -10.12 12.25
CA ARG B 227 39.74 -9.06 12.08
C ARG B 227 40.50 -9.21 10.78
N THR B 228 39.93 -9.90 9.80
CA THR B 228 40.62 -10.12 8.52
C THR B 228 40.26 -9.03 7.51
N GLN B 229 40.88 -9.10 6.34
CA GLN B 229 40.63 -8.12 5.28
C GLN B 229 39.17 -8.15 4.91
N GLN B 230 38.49 -9.18 5.38
CA GLN B 230 37.09 -9.37 5.12
C GLN B 230 36.33 -8.28 5.83
N TYR B 231 36.83 -7.90 6.99
CA TYR B 231 36.21 -6.85 7.78
C TYR B 231 36.32 -5.53 7.02
N ASP B 232 37.54 -5.21 6.59
CA ASP B 232 37.86 -4.00 5.84
C ASP B 232 37.01 -3.83 4.59
N ASP B 233 36.73 -4.95 3.90
CA ASP B 233 35.91 -4.92 2.68
C ASP B 233 34.50 -4.53 3.03
N LEU B 234 34.03 -5.05 4.16
CA LEU B 234 32.68 -4.78 4.60
C LEU B 234 32.47 -3.29 4.89
N ILE B 235 33.42 -2.69 5.61
CA ILE B 235 33.31 -1.26 5.92
C ILE B 235 33.25 -0.49 4.60
N ASP B 236 34.14 -0.86 3.68
CA ASP B 236 34.21 -0.22 2.38
C ASP B 236 32.91 -0.43 1.64
N GLU B 237 32.44 -1.67 1.64
CA GLU B 237 31.20 -2.00 0.97
C GLU B 237 30.06 -1.17 1.54
N PHE B 238 30.08 -0.98 2.84
CA PHE B 238 29.08 -0.18 3.51
C PHE B 238 29.21 1.30 3.13
N LYS B 240 30.37 2.63 0.51
CA LYS B 240 29.93 2.83 -0.87
C LYS B 240 28.44 2.60 -1.04
N ALA B 241 27.92 1.55 -0.43
CA ALA B 241 26.49 1.21 -0.54
C ALA B 241 25.66 2.37 -0.03
N ILE B 242 26.17 3.04 0.99
CA ILE B 242 25.48 4.17 1.57
C ILE B 242 25.47 5.38 0.66
N THR B 243 26.66 5.82 0.24
CA THR B 243 26.77 6.98 -0.63
C THR B 243 26.07 6.74 -1.96
N ASP B 244 26.00 5.47 -2.38
CA ASP B 244 25.36 5.11 -3.64
C ASP B 244 23.88 5.46 -3.60
N ARG B 245 23.23 5.03 -2.53
CA ARG B 245 21.81 5.28 -2.34
C ARG B 245 21.45 6.68 -1.89
N TYR B 246 22.25 7.28 -1.02
CA TYR B 246 21.89 8.59 -0.50
C TYR B 246 22.72 9.77 -0.95
N GLY B 247 23.89 9.52 -1.54
CA GLY B 247 24.71 10.64 -1.98
C GLY B 247 26.09 10.61 -1.35
N ARG B 248 27.06 11.15 -2.07
CA ARG B 248 28.44 11.16 -1.61
C ARG B 248 28.62 11.98 -0.33
N ASN B 249 27.88 13.08 -0.22
CA ASN B 249 28.00 13.96 0.94
C ASN B 249 27.17 13.58 2.17
N THR B 250 26.58 12.40 2.19
CA THR B 250 25.80 11.99 3.34
C THR B 250 26.73 11.85 4.52
N LEU B 251 26.35 12.43 5.67
CA LEU B 251 27.19 12.39 6.86
C LEU B 251 27.30 11.01 7.48
N ILE B 252 28.53 10.61 7.79
CA ILE B 252 28.77 9.32 8.43
C ILE B 252 29.59 9.66 9.67
N GLN B 253 29.13 9.22 10.84
CA GLN B 253 29.87 9.49 12.08
C GLN B 253 30.22 8.17 12.70
N PHE B 254 31.49 7.83 12.70
CA PHE B 254 31.92 6.56 13.25
C PHE B 254 31.91 6.63 14.75
N GLU B 255 31.15 5.74 15.38
CA GLU B 255 31.06 5.77 16.82
C GLU B 255 31.46 4.47 17.48
N ASP B 256 32.22 4.59 18.55
CA ASP B 256 32.67 3.45 19.33
C ASP B 256 33.28 2.25 18.61
N PHE B 257 34.24 2.55 17.74
CA PHE B 257 34.98 1.52 17.00
C PHE B 257 36.24 1.31 17.85
N GLY B 258 36.93 0.20 17.65
CA GLY B 258 38.14 -0.05 18.40
C GLY B 258 39.16 1.02 18.06
N ASN B 259 40.15 1.18 18.92
CA ASN B 259 41.22 2.17 18.74
C ASN B 259 41.90 2.07 17.36
N HIS B 260 42.46 0.90 17.07
CA HIS B 260 43.16 0.67 15.82
C HIS B 260 42.31 1.02 14.63
N ASN B 261 41.05 0.60 14.65
CA ASN B 261 40.14 0.86 13.54
C ASN B 261 39.65 2.29 13.45
N ALA B 262 39.38 2.90 14.60
CA ALA B 262 38.90 4.27 14.63
C ALA B 262 39.80 5.16 13.82
N PHE B 263 41.08 5.10 14.15
CA PHE B 263 42.10 5.91 13.49
C PHE B 263 42.36 5.56 12.06
N ARG B 264 42.44 4.27 11.72
CA ARG B 264 42.71 3.90 10.35
C ARG B 264 41.55 4.20 9.42
N PHE B 265 40.32 3.97 9.88
CA PHE B 265 39.16 4.24 9.04
C PHE B 265 38.99 5.74 8.81
N LEU B 266 39.26 6.53 9.85
CA LEU B 266 39.13 7.98 9.81
C LEU B 266 40.14 8.54 8.82
N ARG B 267 41.37 8.05 8.88
CA ARG B 267 42.40 8.52 7.96
C ARG B 267 42.02 8.10 6.57
N LYS B 268 41.62 6.85 6.45
CA LYS B 268 41.23 6.25 5.17
C LYS B 268 40.09 6.98 4.48
N TYR B 269 39.06 7.37 5.23
CA TYR B 269 37.90 8.01 4.62
C TYR B 269 37.69 9.51 4.77
N ARG B 270 38.32 10.12 5.76
CA ARG B 270 38.08 11.54 5.98
C ARG B 270 38.11 12.39 4.74
N GLU B 271 38.85 11.96 3.71
CA GLU B 271 38.91 12.75 2.47
C GLU B 271 38.16 12.16 1.31
N LYS B 272 37.60 10.97 1.49
CA LYS B 272 36.84 10.30 0.44
C LYS B 272 35.37 10.66 0.60
N TYR B 273 34.86 10.43 1.81
CA TYR B 273 33.47 10.70 2.16
C TYR B 273 33.36 11.88 3.14
N CYS B 274 32.15 12.18 3.59
CA CYS B 274 31.93 13.29 4.54
C CYS B 274 31.70 12.61 5.87
N THR B 275 32.79 12.24 6.53
CA THR B 275 32.71 11.51 7.78
C THR B 275 33.65 12.02 8.87
N PHE B 276 33.36 11.66 10.11
CA PHE B 276 34.19 12.05 11.24
C PHE B 276 34.08 11.03 12.34
N ASN B 277 34.90 11.18 13.36
CA ASN B 277 34.85 10.26 14.47
C ASN B 277 34.51 10.97 15.76
N ASP B 278 33.37 10.61 16.33
CA ASP B 278 32.91 11.22 17.55
C ASP B 278 33.87 11.04 18.70
N ASP B 279 34.28 9.80 18.93
CA ASP B 279 35.17 9.53 20.04
C ASP B 279 36.54 10.22 19.91
N ILE B 280 36.94 10.57 18.70
CA ILE B 280 38.25 11.18 18.53
C ILE B 280 38.14 12.68 18.42
N GLN B 281 37.32 13.15 17.48
CA GLN B 281 37.15 14.58 17.28
C GLN B 281 36.04 15.24 18.11
N GLY B 282 34.93 14.56 18.31
CA GLY B 282 33.86 15.14 19.08
C GLY B 282 34.42 15.44 20.44
N THR B 283 34.99 14.43 21.07
CA THR B 283 35.59 14.56 22.39
C THR B 283 36.61 15.68 22.39
N ALA B 284 37.39 15.75 21.33
CA ALA B 284 38.40 16.76 21.22
C ALA B 284 37.79 18.14 21.42
N ALA B 285 36.86 18.52 20.54
CA ALA B 285 36.24 19.83 20.66
C ALA B 285 35.70 20.14 22.06
N VAL B 286 35.01 19.18 22.69
CA VAL B 286 34.45 19.42 24.03
C VAL B 286 35.51 19.68 25.06
N ALA B 287 36.48 18.78 25.16
CA ALA B 287 37.53 18.95 26.14
C ALA B 287 38.25 20.26 25.94
N LEU B 288 38.43 20.68 24.70
CA LEU B 288 39.12 21.95 24.47
C LEU B 288 38.23 23.11 24.91
N ALA B 289 36.93 22.99 24.68
CA ALA B 289 36.00 24.05 25.05
C ALA B 289 36.03 24.24 26.57
N GLY B 290 36.17 23.14 27.30
CA GLY B 290 36.22 23.20 28.74
C GLY B 290 37.55 23.80 29.18
N LEU B 291 38.64 23.28 28.62
CA LEU B 291 39.98 23.76 28.94
C LEU B 291 40.06 25.26 28.66
N LEU B 292 39.33 25.68 27.64
CA LEU B 292 39.27 27.06 27.21
C LEU B 292 38.62 27.92 28.29
N ALA B 293 37.60 27.38 28.96
CA ALA B 293 36.87 28.09 30.00
C ALA B 293 37.70 28.17 31.28
N ALA B 294 38.35 27.07 31.63
CA ALA B 294 39.19 27.03 32.81
C ALA B 294 40.28 28.08 32.67
N GLN B 295 40.78 28.23 31.46
CA GLN B 295 41.83 29.20 31.19
C GLN B 295 41.32 30.60 31.47
N LYS B 296 40.01 30.77 31.42
CA LYS B 296 39.41 32.07 31.68
C LYS B 296 39.52 32.38 33.15
N VAL B 297 39.42 31.37 34.01
CA VAL B 297 39.56 31.65 35.43
C VAL B 297 41.04 31.68 35.75
N ILE B 298 41.75 30.59 35.46
CA ILE B 298 43.18 30.49 35.73
C ILE B 298 44.02 31.59 35.09
N SER B 299 43.82 31.84 33.80
CA SER B 299 44.60 32.85 33.10
C SER B 299 46.11 32.50 33.05
N LYS B 300 46.47 31.34 33.60
CA LYS B 300 47.86 30.86 33.63
C LYS B 300 48.57 31.08 32.30
N PRO B 301 49.83 31.58 32.34
CA PRO B 301 50.59 31.83 31.10
C PRO B 301 50.80 30.53 30.32
N ILE B 302 50.51 30.56 29.03
CA ILE B 302 50.65 29.36 28.20
C ILE B 302 51.95 28.62 28.50
N SER B 303 53.03 29.38 28.69
CA SER B 303 54.35 28.84 28.98
C SER B 303 54.37 27.80 30.11
N GLU B 304 53.80 28.13 31.26
CA GLU B 304 53.80 27.21 32.39
C GLU B 304 52.69 26.15 32.37
N HIS B 305 52.12 25.89 31.20
CA HIS B 305 51.06 24.88 31.07
C HIS B 305 51.68 23.51 30.93
N LYS B 306 51.03 22.51 31.51
CA LYS B 306 51.52 21.15 31.46
C LYS B 306 50.34 20.24 31.66
N ILE B 307 50.06 19.38 30.67
CA ILE B 307 48.92 18.47 30.74
C ILE B 307 49.32 16.99 30.79
N LEU B 308 48.62 16.22 31.61
CA LEU B 308 48.91 14.78 31.76
C LEU B 308 47.65 13.94 31.57
N PHE B 309 47.66 13.07 30.56
CA PHE B 309 46.52 12.21 30.29
C PHE B 309 46.61 10.87 30.98
N LEU B 310 45.46 10.35 31.40
CA LEU B 310 45.42 9.03 31.98
C LEU B 310 44.81 8.29 30.81
N GLY B 311 45.62 7.52 30.09
CA GLY B 311 45.12 6.80 28.94
C GLY B 311 45.63 7.53 27.72
N ALA B 312 45.80 6.82 26.61
CA ALA B 312 46.31 7.47 25.43
C ALA B 312 45.63 6.94 24.17
N GLY B 313 44.30 6.81 24.23
CA GLY B 313 43.59 6.27 23.08
C GLY B 313 42.93 7.30 22.20
N GLU B 314 41.82 6.90 21.60
CA GLU B 314 41.06 7.76 20.71
C GLU B 314 40.87 9.16 21.26
N ALA B 315 40.21 9.27 22.41
CA ALA B 315 39.93 10.55 23.06
C ALA B 315 41.15 11.36 23.49
N ALA B 316 42.13 10.71 24.12
CA ALA B 316 43.35 11.40 24.57
C ALA B 316 44.09 12.03 23.39
N LEU B 317 44.39 11.21 22.39
CA LEU B 317 45.10 11.66 21.19
C LEU B 317 44.29 12.71 20.46
N GLY B 318 42.98 12.53 20.39
CA GLY B 318 42.14 13.49 19.71
C GLY B 318 42.21 14.83 20.40
N ILE B 319 42.04 14.81 21.72
CA ILE B 319 42.09 16.03 22.52
C ILE B 319 43.45 16.69 22.42
N ALA B 320 44.52 15.93 22.63
CA ALA B 320 45.88 16.45 22.56
C ALA B 320 46.12 17.22 21.28
N ASN B 321 45.70 16.66 20.15
CA ASN B 321 45.91 17.33 18.87
C ASN B 321 45.18 18.65 18.80
N LEU B 322 43.95 18.70 19.29
CA LEU B 322 43.19 19.96 19.24
C LEU B 322 43.83 20.99 20.17
N ILE B 323 44.24 20.52 21.34
CA ILE B 323 44.89 21.39 22.31
C ILE B 323 46.05 22.01 21.54
N VAL B 324 47.02 21.17 21.17
CA VAL B 324 48.20 21.63 20.45
C VAL B 324 47.82 22.65 19.37
N SER B 326 45.45 24.65 19.25
CA SER B 326 45.10 25.94 19.84
C SER B 326 46.43 26.63 20.21
N VAL B 328 49.48 26.35 19.06
CA VAL B 328 50.21 26.90 17.90
C VAL B 328 49.54 28.15 17.33
N GLU B 329 48.21 28.16 17.35
CA GLU B 329 47.41 29.26 16.86
C GLU B 329 47.67 30.47 17.75
N ASN B 330 48.14 30.22 18.96
CA ASN B 330 48.44 31.29 19.93
C ASN B 330 49.95 31.39 20.23
N GLY B 331 50.77 31.37 19.18
CA GLY B 331 52.19 31.45 19.38
C GLY B 331 52.90 30.12 19.29
N LEU B 332 53.08 29.44 20.43
CA LEU B 332 53.75 28.13 20.50
C LEU B 332 53.88 27.41 19.17
N SER B 333 54.98 26.71 18.97
CA SER B 333 55.16 25.97 17.73
C SER B 333 54.66 24.56 18.04
N GLU B 334 54.15 23.85 17.03
CA GLU B 334 53.64 22.49 17.25
C GLU B 334 54.66 21.64 18.00
N GLN B 335 55.93 21.98 17.85
CA GLN B 335 56.99 21.25 18.51
C GLN B 335 56.96 21.52 20.01
N GLU B 336 56.96 22.79 20.38
CA GLU B 336 56.92 23.19 21.79
C GLU B 336 55.58 22.82 22.40
N ALA B 337 54.51 23.02 21.63
CA ALA B 337 53.18 22.70 22.11
C ALA B 337 53.12 21.24 22.58
N GLN B 338 53.43 20.33 21.65
CA GLN B 338 53.42 18.90 21.94
C GLN B 338 54.21 18.57 23.17
N LYS B 339 55.30 19.30 23.36
CA LYS B 339 56.17 19.05 24.49
C LYS B 339 55.49 19.35 25.83
N LYS B 340 54.32 19.97 25.78
CA LYS B 340 53.59 20.30 27.00
C LYS B 340 52.58 19.22 27.38
N ILE B 341 52.47 18.18 26.55
CA ILE B 341 51.52 17.10 26.79
C ILE B 341 52.17 15.75 27.05
N TRP B 342 51.78 15.13 28.15
CA TRP B 342 52.29 13.83 28.55
C TRP B 342 51.13 12.83 28.61
N PHE B 344 49.91 8.77 30.11
CA PHE B 344 50.15 7.60 30.93
C PHE B 344 49.07 6.60 30.56
N ASP B 345 49.47 5.50 29.92
CA ASP B 345 48.55 4.47 29.51
C ASP B 345 48.65 3.29 30.46
N LYS B 346 47.95 2.20 30.13
CA LYS B 346 47.98 1.02 30.98
C LYS B 346 49.37 0.44 31.21
N TYR B 347 50.34 0.84 30.41
CA TYR B 347 51.71 0.33 30.58
C TYR B 347 52.63 1.38 31.14
N GLY B 348 52.03 2.48 31.60
CA GLY B 348 52.81 3.57 32.16
C GLY B 348 53.01 4.74 31.24
N LEU B 349 53.84 5.67 31.69
CA LEU B 349 54.17 6.89 30.96
C LEU B 349 54.70 6.61 29.56
N LEU B 350 54.17 7.32 28.57
CA LEU B 350 54.62 7.16 27.20
C LEU B 350 55.95 7.87 27.06
N VAL B 351 57.03 7.13 27.23
CA VAL B 351 58.37 7.69 27.14
C VAL B 351 59.26 6.96 26.14
N LYS B 352 60.14 7.75 25.52
CA LYS B 352 61.06 7.29 24.50
C LYS B 352 61.77 5.99 24.83
N GLY B 353 61.60 5.00 23.96
CA GLY B 353 62.25 3.72 24.14
C GLY B 353 61.74 2.81 25.23
N ARG B 354 60.51 3.02 25.69
CA ARG B 354 60.00 2.15 26.75
C ARG B 354 59.60 0.79 26.15
N LYS B 355 59.39 -0.21 27.01
CA LYS B 355 59.01 -1.55 26.57
C LYS B 355 57.77 -1.55 25.67
N ALA B 356 56.62 -1.24 26.27
CA ALA B 356 55.37 -1.20 25.56
C ALA B 356 55.52 -0.32 24.32
N LYS B 357 54.74 -0.64 23.31
CA LYS B 357 54.79 0.05 22.03
C LYS B 357 54.05 1.38 21.98
N ILE B 358 54.58 2.29 21.19
CA ILE B 358 53.98 3.59 20.97
C ILE B 358 53.48 3.51 19.53
N ASP B 359 52.58 4.39 19.12
CA ASP B 359 52.12 4.32 17.75
C ASP B 359 52.37 5.63 17.02
N SER B 360 52.00 5.66 15.73
CA SER B 360 52.19 6.85 14.89
C SER B 360 51.70 8.15 15.55
N TYR B 361 50.44 8.16 15.97
CA TYR B 361 49.82 9.31 16.61
C TYR B 361 50.37 9.67 17.99
N GLN B 362 50.91 8.66 18.67
CA GLN B 362 51.48 8.84 20.00
C GLN B 362 52.89 9.37 19.98
N GLU B 363 53.60 9.17 18.88
CA GLU B 363 55.00 9.61 18.79
C GLU B 363 55.25 11.02 19.29
N PRO B 364 54.47 11.99 18.80
CA PRO B 364 54.67 13.39 19.22
C PRO B 364 54.51 13.68 20.70
N PHE B 365 53.99 12.73 21.47
CA PHE B 365 53.79 12.96 22.89
C PHE B 365 54.56 11.99 23.79
N THR B 366 55.51 11.29 23.18
CA THR B 366 56.34 10.34 23.91
C THR B 366 57.69 11.00 24.09
N HIS B 367 57.91 11.54 25.27
CA HIS B 367 59.14 12.26 25.53
C HIS B 367 60.28 11.52 26.19
N SER B 368 61.46 12.12 26.09
CA SER B 368 62.65 11.56 26.70
C SER B 368 62.27 11.38 28.15
N ALA B 369 62.33 10.15 28.62
CA ALA B 369 61.96 9.86 30.00
C ALA B 369 62.58 10.84 31.00
N PRO B 370 61.74 11.36 31.93
CA PRO B 370 62.21 12.30 32.95
C PRO B 370 63.09 11.50 33.91
N GLU B 371 63.91 12.19 34.67
CA GLU B 371 64.80 11.52 35.61
C GLU B 371 64.14 10.32 36.27
N SER B 372 63.06 10.56 37.00
CA SER B 372 62.38 9.44 37.66
C SER B 372 61.27 8.89 36.79
N ILE B 373 61.10 7.58 36.83
CA ILE B 373 60.07 6.95 36.03
C ILE B 373 58.96 6.52 36.98
N PRO B 374 57.81 7.22 36.89
CA PRO B 374 56.62 6.97 37.71
C PRO B 374 56.10 5.55 37.51
N ASP B 375 55.90 4.86 38.62
CA ASP B 375 55.40 3.49 38.62
C ASP B 375 53.87 3.45 38.69
N THR B 376 53.26 4.54 39.14
CA THR B 376 51.80 4.66 39.23
C THR B 376 51.39 6.05 38.73
N PHE B 377 50.08 6.29 38.66
CA PHE B 377 49.62 7.57 38.16
C PHE B 377 49.88 8.72 39.11
N GLU B 378 49.92 8.43 40.41
CA GLU B 378 50.20 9.47 41.41
C GLU B 378 51.68 9.86 41.32
N ASP B 379 52.53 8.86 41.02
CA ASP B 379 53.96 9.08 40.85
C ASP B 379 54.12 10.07 39.71
N ALA B 380 53.49 9.77 38.59
CA ALA B 380 53.54 10.61 37.41
C ALA B 380 53.19 12.05 37.75
N VAL B 381 52.12 12.25 38.53
CA VAL B 381 51.71 13.60 38.92
C VAL B 381 52.76 14.28 39.80
N ASN B 382 53.43 13.47 40.63
CA ASN B 382 54.46 13.94 41.56
C ASN B 382 55.72 14.37 40.81
N ILE B 383 56.07 13.58 39.81
CA ILE B 383 57.25 13.84 39.00
C ILE B 383 56.95 14.90 37.96
N LEU B 384 55.85 14.73 37.22
CA LEU B 384 55.50 15.68 36.16
C LEU B 384 54.96 17.02 36.62
N LYS B 385 54.21 17.03 37.72
CA LYS B 385 53.64 18.28 38.25
C LYS B 385 52.80 18.94 37.18
N PRO B 386 51.72 18.27 36.76
CA PRO B 386 50.86 18.84 35.71
C PRO B 386 49.90 19.85 36.26
N SER B 387 49.55 20.83 35.44
CA SER B 387 48.59 21.86 35.84
C SER B 387 47.22 21.25 35.53
N THR B 388 47.23 20.34 34.56
CA THR B 388 46.02 19.69 34.10
C THR B 388 46.15 18.19 34.08
N ILE B 389 45.04 17.55 34.42
CA ILE B 389 44.92 16.12 34.47
C ILE B 389 43.64 15.79 33.69
N ILE B 390 43.75 14.83 32.78
CA ILE B 390 42.61 14.44 31.96
C ILE B 390 42.49 12.91 31.91
N GLY B 391 41.52 12.39 32.65
CA GLY B 391 41.29 10.96 32.72
C GLY B 391 40.39 10.48 31.59
N VAL B 392 40.89 9.54 30.82
CA VAL B 392 40.13 9.05 29.68
C VAL B 392 40.52 7.61 29.31
N ALA B 393 40.69 6.78 30.34
CA ALA B 393 41.08 5.37 30.17
C ALA B 393 39.91 4.41 30.18
N GLY B 394 38.80 4.85 30.78
CA GLY B 394 37.64 3.99 30.88
C GLY B 394 37.96 2.84 31.80
N ALA B 395 38.85 3.06 32.76
CA ALA B 395 39.26 2.00 33.69
C ALA B 395 38.76 2.08 35.15
N GLY B 396 38.04 3.13 35.52
CA GLY B 396 37.55 3.24 36.88
C GLY B 396 38.07 4.45 37.64
N ARG B 397 38.07 4.38 38.97
CA ARG B 397 38.55 5.50 39.78
C ARG B 397 40.07 5.52 39.87
N LEU B 398 40.72 5.85 38.76
CA LEU B 398 42.17 5.90 38.72
C LEU B 398 42.65 7.20 39.33
N PHE B 399 41.77 8.20 39.40
CA PHE B 399 42.11 9.49 39.99
C PHE B 399 41.84 9.25 41.48
N THR B 400 42.81 8.63 42.15
CA THR B 400 42.68 8.31 43.56
C THR B 400 42.68 9.56 44.43
N PRO B 401 42.07 9.48 45.62
CA PRO B 401 42.05 10.66 46.50
C PRO B 401 43.45 11.23 46.67
N ASP B 402 44.46 10.37 46.59
CA ASP B 402 45.87 10.77 46.70
C ASP B 402 46.32 11.52 45.45
N VAL B 403 45.86 11.09 44.29
CA VAL B 403 46.15 11.74 43.02
C VAL B 403 45.54 13.13 43.14
N ILE B 404 44.34 13.18 43.70
CA ILE B 404 43.62 14.44 43.87
C ILE B 404 44.24 15.35 44.90
N ARG B 405 44.56 14.81 46.07
CA ARG B 405 45.20 15.63 47.09
C ARG B 405 46.52 16.13 46.51
N ALA B 406 47.17 15.28 45.71
CA ALA B 406 48.42 15.65 45.08
C ALA B 406 48.24 16.87 44.20
N ALA B 408 45.95 19.15 44.08
CA ALA B 408 45.59 20.33 44.86
C ALA B 408 46.82 20.93 45.52
N SER B 409 47.77 20.05 45.87
CA SER B 409 49.00 20.49 46.50
C SER B 409 49.96 21.05 45.44
N ILE B 410 49.88 20.51 44.24
CA ILE B 410 50.73 20.99 43.17
C ILE B 410 50.21 22.33 42.65
N ASN B 411 48.90 22.43 42.44
CA ASN B 411 48.29 23.63 41.87
C ASN B 411 47.29 24.39 42.73
N GLU B 412 47.23 25.71 42.54
CA GLU B 412 46.29 26.55 43.28
C GLU B 412 44.88 26.20 42.83
N ARG B 413 44.69 26.17 41.51
CA ARG B 413 43.42 25.83 40.92
C ARG B 413 43.71 24.71 39.93
N PRO B 414 43.73 23.45 40.40
CA PRO B 414 44.02 22.36 39.46
C PRO B 414 42.83 22.12 38.52
N VAL B 415 43.09 21.55 37.35
CA VAL B 415 42.02 21.21 36.41
C VAL B 415 41.95 19.69 36.33
N ILE B 416 40.82 19.12 36.76
CA ILE B 416 40.62 17.68 36.78
C ILE B 416 39.46 17.29 35.87
N PHE B 417 39.75 16.48 34.85
CA PHE B 417 38.71 16.01 33.91
C PHE B 417 38.55 14.50 33.90
N ALA B 418 37.50 14.02 34.52
CA ALA B 418 37.21 12.59 34.56
C ALA B 418 36.18 12.37 33.47
N LEU B 419 36.68 12.27 32.24
CA LEU B 419 35.82 12.11 31.06
C LEU B 419 35.35 10.69 30.71
N SER B 420 35.75 9.69 31.49
CA SER B 420 35.37 8.32 31.22
C SER B 420 33.89 8.01 31.48
N ASN B 421 33.27 7.29 30.55
CA ASN B 421 31.86 6.90 30.65
C ASN B 421 31.77 5.37 30.68
N PRO B 422 30.74 4.83 31.34
CA PRO B 422 29.67 5.55 32.04
C PRO B 422 30.22 5.89 33.42
N THR B 423 29.38 6.47 34.27
CA THR B 423 29.83 6.88 35.59
C THR B 423 30.62 5.86 36.42
N ALA B 424 30.36 4.58 36.26
CA ALA B 424 31.12 3.58 37.04
C ALA B 424 32.58 3.44 36.55
N GLN B 425 32.86 3.89 35.33
CA GLN B 425 34.20 3.84 34.74
C GLN B 425 34.93 5.16 34.94
N ALA B 426 34.18 6.19 35.35
CA ALA B 426 34.73 7.53 35.59
C ALA B 426 35.92 7.48 36.54
N GLU B 427 36.91 8.34 36.27
CA GLU B 427 38.13 8.41 37.08
C GLU B 427 37.91 8.83 38.53
N CYS B 428 36.88 9.63 38.76
CA CYS B 428 36.55 10.10 40.10
C CYS B 428 35.20 10.81 40.02
N THR B 429 34.70 11.24 41.17
CA THR B 429 33.40 11.93 41.21
C THR B 429 33.56 13.43 41.49
N ALA B 430 32.47 14.18 41.30
CA ALA B 430 32.48 15.62 41.56
C ALA B 430 32.73 15.83 43.06
N GLU B 431 32.08 15.02 43.89
CA GLU B 431 32.25 15.10 45.34
C GLU B 431 33.74 14.99 45.67
N GLU B 432 34.38 13.92 45.20
CA GLU B 432 35.81 13.69 45.45
C GLU B 432 36.68 14.86 44.97
N ALA B 433 36.46 15.29 43.74
CA ALA B 433 37.22 16.39 43.17
C ALA B 433 37.12 17.66 44.01
N TYR B 434 35.88 18.16 44.16
CA TYR B 434 35.61 19.38 44.90
C TYR B 434 35.96 19.37 46.40
N THR B 435 35.63 18.30 47.10
CA THR B 435 35.91 18.25 48.52
C THR B 435 37.39 18.00 48.82
N LEU B 436 38.01 17.04 48.14
CA LEU B 436 39.41 16.75 48.39
C LEU B 436 40.39 17.87 48.02
N THR B 437 39.92 18.84 47.23
CA THR B 437 40.73 19.98 46.81
C THR B 437 40.29 21.29 47.45
N GLU B 438 39.35 21.17 48.38
CA GLU B 438 38.86 22.31 49.10
C GLU B 438 38.23 23.33 48.14
N GLY B 439 37.45 22.82 47.18
CA GLY B 439 36.77 23.67 46.22
C GLY B 439 37.69 24.50 45.34
N ARG B 440 38.97 24.17 45.32
CA ARG B 440 39.89 24.94 44.52
C ARG B 440 39.97 24.50 43.06
N CYS B 441 39.79 23.20 42.81
CA CYS B 441 39.83 22.63 41.46
C CYS B 441 38.81 23.18 40.47
N LEU B 442 38.93 22.71 39.23
CA LEU B 442 38.03 23.07 38.13
C LEU B 442 37.74 21.72 37.47
N PHE B 443 36.58 21.16 37.81
CA PHE B 443 36.14 19.85 37.36
C PHE B 443 35.20 19.80 36.17
N ALA B 444 35.29 18.68 35.46
CA ALA B 444 34.47 18.38 34.30
C ALA B 444 34.50 16.87 34.20
N SER B 445 33.33 16.26 33.99
CA SER B 445 33.23 14.82 33.87
C SER B 445 32.44 14.50 32.62
N GLY B 446 32.62 13.31 32.09
CA GLY B 446 31.90 12.93 30.89
C GLY B 446 30.50 12.49 31.22
N SER B 447 30.33 11.96 32.44
CA SER B 447 29.04 11.48 32.92
C SER B 447 28.44 12.50 33.89
N PRO B 448 27.10 12.53 34.01
CA PRO B 448 26.42 13.49 34.90
C PRO B 448 26.65 13.35 36.40
N PHE B 449 26.98 14.48 37.02
CA PHE B 449 27.19 14.54 38.47
C PHE B 449 26.38 15.72 39.01
N GLY B 450 25.70 15.51 40.12
CA GLY B 450 24.90 16.57 40.71
C GLY B 450 25.76 17.56 41.48
N PRO B 451 25.24 18.79 41.72
CA PRO B 451 25.96 19.83 42.46
C PRO B 451 26.54 19.37 43.77
N VAL B 452 27.71 19.89 44.09
CA VAL B 452 28.44 19.58 45.31
C VAL B 452 28.38 20.71 46.35
N LYS B 453 27.83 20.40 47.51
CA LYS B 453 27.73 21.34 48.61
C LYS B 453 28.82 21.01 49.62
N LEU B 454 29.76 21.93 49.80
CA LEU B 454 30.84 21.69 50.75
C LEU B 454 30.36 22.09 52.14
N THR B 455 30.90 21.44 53.15
CA THR B 455 30.52 21.72 54.52
C THR B 455 30.51 23.22 54.77
N ASP B 456 31.47 23.92 54.17
CA ASP B 456 31.56 25.37 54.34
C ASP B 456 30.41 26.12 53.67
N GLY B 457 29.45 25.40 53.10
CA GLY B 457 28.31 26.06 52.47
C GLY B 457 28.45 26.36 51.00
N ARG B 458 29.65 26.24 50.47
CA ARG B 458 29.86 26.51 49.06
C ARG B 458 29.32 25.37 48.24
N VAL B 459 28.60 25.69 47.17
CA VAL B 459 28.04 24.65 46.30
C VAL B 459 28.58 24.79 44.89
N PHE B 460 29.16 23.72 44.39
CA PHE B 460 29.71 23.74 43.04
C PHE B 460 28.92 22.87 42.09
N THR B 461 28.57 23.44 40.93
CA THR B 461 27.83 22.73 39.90
C THR B 461 28.78 22.34 38.75
N PRO B 462 29.25 21.08 38.75
CA PRO B 462 30.16 20.55 37.74
C PRO B 462 29.60 20.51 36.33
N GLY B 463 30.42 20.88 35.36
CA GLY B 463 29.98 20.85 33.97
C GLY B 463 30.21 19.46 33.40
N GLN B 464 29.55 19.13 32.30
CA GLN B 464 29.73 17.83 31.69
C GLN B 464 30.51 17.87 30.40
N GLY B 465 31.70 17.29 30.44
CA GLY B 465 32.54 17.23 29.26
C GLY B 465 32.09 16.06 28.43
N ASN B 466 31.05 16.27 27.63
CA ASN B 466 30.50 15.22 26.78
C ASN B 466 30.35 15.76 25.38
N ASN B 467 30.80 14.98 24.40
CA ASN B 467 30.73 15.39 23.00
C ASN B 467 29.31 15.71 22.51
N VAL B 468 28.31 15.42 23.35
CA VAL B 468 26.91 15.70 23.02
C VAL B 468 26.73 17.20 22.81
N TYR B 469 27.62 17.97 23.44
CA TYR B 469 27.63 19.44 23.35
C TYR B 469 28.17 19.86 21.99
N ILE B 470 28.89 18.94 21.35
CA ILE B 470 29.50 19.21 20.07
C ILE B 470 28.92 18.55 18.83
N PHE B 471 28.83 17.22 18.81
CA PHE B 471 28.35 16.54 17.60
C PHE B 471 27.01 16.93 17.00
N PRO B 472 26.00 17.26 17.81
CA PRO B 472 24.72 17.64 17.19
C PRO B 472 24.82 18.94 16.40
N GLY B 473 25.36 19.98 17.03
CA GLY B 473 25.48 21.26 16.35
C GLY B 473 26.35 21.21 15.11
N VAL B 474 27.43 20.45 15.16
CA VAL B 474 28.35 20.31 14.02
C VAL B 474 27.67 19.55 12.88
N ALA B 475 26.92 18.51 13.22
CA ALA B 475 26.21 17.69 12.23
C ALA B 475 25.19 18.53 11.44
N LEU B 476 24.40 19.34 12.14
CA LEU B 476 23.40 20.19 11.50
C LEU B 476 24.08 21.14 10.51
N ALA B 477 25.21 21.71 10.90
CA ALA B 477 25.93 22.63 10.03
C ALA B 477 26.43 21.94 8.77
N VAL B 478 27.19 20.86 8.94
CA VAL B 478 27.72 20.10 7.81
C VAL B 478 26.61 19.66 6.86
N ILE B 479 25.51 19.16 7.40
CA ILE B 479 24.38 18.75 6.58
C ILE B 479 23.79 19.95 5.86
N LEU B 480 23.36 20.96 6.62
CA LEU B 480 22.77 22.17 6.06
C LEU B 480 23.68 22.86 5.04
N CYS B 481 24.99 22.72 5.22
CA CYS B 481 25.96 23.35 4.33
C CYS B 481 26.38 22.56 3.09
N ASN B 482 25.97 21.29 3.03
CA ASN B 482 26.32 20.44 1.91
C ASN B 482 27.83 20.43 1.76
N THR B 483 28.53 20.26 2.89
CA THR B 483 29.98 20.22 2.86
C THR B 483 30.33 18.79 2.52
N ARG B 484 31.48 18.60 1.88
CA ARG B 484 31.91 17.27 1.46
C ARG B 484 32.76 16.56 2.45
N HIS B 485 33.63 17.30 3.13
CA HIS B 485 34.53 16.70 4.10
C HIS B 485 34.71 17.62 5.29
N ILE B 486 34.91 17.01 6.44
CA ILE B 486 35.08 17.76 7.66
C ILE B 486 36.52 17.79 8.15
N SER B 487 37.12 18.97 8.14
CA SER B 487 38.48 19.15 8.60
C SER B 487 38.50 19.27 10.12
N ASP B 488 39.67 19.11 10.71
CA ASP B 488 39.82 19.21 12.15
C ASP B 488 39.62 20.65 12.69
N SER B 489 39.78 21.64 11.82
CA SER B 489 39.61 23.05 12.18
C SER B 489 38.13 23.38 12.41
N VAL B 490 37.27 22.52 11.88
CA VAL B 490 35.85 22.67 12.03
C VAL B 490 35.55 22.40 13.49
N PHE B 491 36.29 21.47 14.08
CA PHE B 491 36.10 21.10 15.47
C PHE B 491 36.74 22.08 16.44
N LEU B 492 37.68 22.87 15.95
CA LEU B 492 38.34 23.87 16.78
C LEU B 492 37.33 25.01 16.93
N GLU B 493 36.78 25.45 15.80
CA GLU B 493 35.82 26.53 15.79
C GLU B 493 34.54 26.13 16.53
N ALA B 494 34.31 24.83 16.64
CA ALA B 494 33.12 24.36 17.32
C ALA B 494 33.37 24.43 18.82
N ALA B 495 34.63 24.33 19.23
CA ALA B 495 34.99 24.38 20.64
C ALA B 495 34.87 25.83 21.06
N LYS B 496 35.32 26.69 20.17
CA LYS B 496 35.28 28.11 20.40
C LYS B 496 33.82 28.54 20.54
N ALA B 497 33.04 28.24 19.52
CA ALA B 497 31.62 28.59 19.54
C ALA B 497 30.93 28.11 20.81
N LEU B 498 31.35 26.97 21.36
CA LEU B 498 30.71 26.47 22.57
C LEU B 498 31.15 27.30 23.79
N THR B 499 32.46 27.45 23.93
CA THR B 499 33.04 28.17 25.04
C THR B 499 32.55 29.62 25.05
N SER B 500 32.33 30.19 23.88
CA SER B 500 31.88 31.58 23.84
C SER B 500 30.41 31.72 24.22
N GLN B 501 29.83 30.65 24.76
CA GLN B 501 28.43 30.67 25.17
C GLN B 501 28.30 30.74 26.69
N LEU B 502 29.40 30.39 27.37
CA LEU B 502 29.49 30.38 28.82
C LEU B 502 29.49 31.79 29.39
N THR B 503 28.55 32.07 30.31
CA THR B 503 28.45 33.38 30.95
C THR B 503 29.27 33.38 32.23
N ASP B 504 29.68 34.57 32.68
CA ASP B 504 30.45 34.72 33.90
C ASP B 504 29.69 34.23 35.14
N GLU B 505 28.36 34.32 35.12
CA GLU B 505 27.55 33.86 36.24
C GLU B 505 27.56 32.34 36.28
N GLU B 506 27.56 31.75 35.09
CA GLU B 506 27.60 30.31 34.94
C GLU B 506 29.00 29.85 35.35
N LEU B 507 30.01 30.66 35.00
CA LEU B 507 31.41 30.36 35.33
C LEU B 507 31.58 30.46 36.82
N ALA B 508 31.06 31.55 37.36
CA ALA B 508 31.12 31.84 38.77
C ALA B 508 30.63 30.70 39.67
N GLN B 509 29.95 29.71 39.10
CA GLN B 509 29.45 28.58 39.90
C GLN B 509 30.11 27.22 39.66
N GLY B 510 31.22 27.23 38.92
CA GLY B 510 31.93 25.99 38.66
C GLY B 510 31.52 25.30 37.36
N ARG B 511 30.77 26.02 36.53
CA ARG B 511 30.31 25.48 35.26
C ARG B 511 31.33 25.83 34.17
N LEU B 512 31.93 24.79 33.57
CA LEU B 512 32.91 24.97 32.51
C LEU B 512 32.19 24.88 31.17
N TYR B 513 30.90 24.56 31.23
CA TYR B 513 30.06 24.44 30.04
C TYR B 513 28.69 25.07 30.26
N PRO B 514 28.01 25.48 29.19
CA PRO B 514 26.68 26.08 29.34
C PRO B 514 25.78 25.05 30.02
N PRO B 515 24.71 25.51 30.68
CA PRO B 515 23.79 24.60 31.35
C PRO B 515 23.18 23.62 30.38
N LEU B 516 23.12 22.35 30.76
CA LEU B 516 22.56 21.31 29.88
C LEU B 516 21.10 21.56 29.54
N ALA B 517 20.41 22.30 30.39
CA ALA B 517 19.01 22.60 30.11
C ALA B 517 18.95 23.44 28.85
N ASN B 518 20.08 24.03 28.45
CA ASN B 518 20.14 24.86 27.26
C ASN B 518 20.89 24.20 26.12
N ILE B 519 21.04 22.88 26.16
CA ILE B 519 21.77 22.18 25.11
C ILE B 519 21.25 22.46 23.71
N GLN B 520 19.95 22.63 23.58
CA GLN B 520 19.32 22.91 22.30
C GLN B 520 19.78 24.22 21.66
N GLU B 521 19.73 25.29 22.45
CA GLU B 521 20.11 26.60 21.97
C GLU B 521 21.61 26.67 21.74
N VAL B 522 22.37 26.07 22.65
CA VAL B 522 23.82 26.05 22.51
C VAL B 522 24.11 25.44 21.14
N SER B 523 23.64 24.20 20.97
CA SER B 523 23.80 23.46 19.72
C SER B 523 23.43 24.26 18.49
N ILE B 524 22.23 24.83 18.46
CA ILE B 524 21.85 25.63 17.30
C ILE B 524 22.84 26.78 17.12
N ASN B 525 23.33 27.30 18.24
CA ASN B 525 24.28 28.42 18.21
C ASN B 525 25.63 27.96 17.68
N ILE B 526 25.98 26.73 17.99
CA ILE B 526 27.23 26.16 17.51
C ILE B 526 27.05 25.96 15.99
N ALA B 527 25.93 25.36 15.60
CA ALA B 527 25.65 25.12 14.19
C ALA B 527 25.86 26.37 13.37
N ILE B 528 25.28 27.49 13.80
CA ILE B 528 25.41 28.75 13.07
C ILE B 528 26.86 29.22 12.88
N LYS B 529 27.66 29.16 13.93
CA LYS B 529 29.04 29.59 13.85
C LYS B 529 29.86 28.72 12.92
N VAL B 530 29.59 27.41 12.92
CA VAL B 530 30.33 26.54 12.03
C VAL B 530 29.90 26.75 10.58
N THR B 531 28.60 26.93 10.33
CA THR B 531 28.15 27.15 8.96
C THR B 531 28.69 28.47 8.43
N GLU B 532 28.88 29.42 9.33
CA GLU B 532 29.44 30.73 8.96
C GLU B 532 30.89 30.49 8.56
N TYR B 533 31.56 29.68 9.36
CA TYR B 533 32.97 29.33 9.16
C TYR B 533 33.11 28.50 7.87
N LEU B 534 32.36 27.41 7.77
CA LEU B 534 32.43 26.57 6.57
C LEU B 534 32.25 27.44 5.33
N TYR B 535 31.22 28.27 5.29
CA TYR B 535 31.04 29.13 4.12
C TYR B 535 32.26 30.01 3.90
N ALA B 536 32.82 30.54 4.99
CA ALA B 536 33.98 31.43 4.94
C ALA B 536 35.22 30.78 4.35
N ASN B 537 35.35 29.48 4.55
CA ASN B 537 36.51 28.72 4.06
C ASN B 537 36.20 27.92 2.82
N LYS B 538 35.16 28.33 2.09
CA LYS B 538 34.79 27.62 0.89
C LYS B 538 34.74 26.11 1.13
N ALA B 540 31.39 24.97 2.19
CA ALA B 540 29.96 24.75 2.18
C ALA B 540 29.59 24.80 0.72
N PHE B 541 28.76 23.87 0.25
CA PHE B 541 28.39 23.86 -1.17
C PHE B 541 26.93 24.12 -1.48
N ARG B 542 26.16 24.39 -0.45
CA ARG B 542 24.76 24.70 -0.62
C ARG B 542 24.70 26.06 -1.30
N TYR B 543 23.93 26.16 -2.37
CA TYR B 543 23.80 27.42 -3.08
C TYR B 543 22.34 27.81 -3.17
N PRO B 544 22.05 29.11 -3.09
CA PRO B 544 23.03 30.19 -2.92
C PRO B 544 23.47 30.29 -1.46
N GLU B 545 24.48 31.11 -1.16
CA GLU B 545 24.93 31.26 0.23
C GLU B 545 23.95 32.18 0.96
N PRO B 546 23.43 31.73 2.11
CA PRO B 546 22.48 32.54 2.87
C PRO B 546 23.18 33.77 3.43
N GLU B 547 22.56 34.93 3.23
CA GLU B 547 23.14 36.17 3.71
C GLU B 547 23.20 36.16 5.24
N ASP B 548 22.11 35.75 5.87
CA ASP B 548 22.00 35.68 7.32
C ASP B 548 22.09 34.23 7.79
N LYS B 549 23.27 33.82 8.19
CA LYS B 549 23.49 32.45 8.65
C LYS B 549 22.52 32.08 9.76
N ALA B 550 22.47 32.92 10.79
CA ALA B 550 21.58 32.68 11.92
C ALA B 550 20.17 32.25 11.52
N LYS B 551 19.49 33.11 10.76
CA LYS B 551 18.12 32.86 10.30
C LYS B 551 17.99 31.62 9.42
N TYR B 552 18.97 31.41 8.56
CA TYR B 552 18.98 30.25 7.66
C TYR B 552 18.90 28.96 8.48
N VAL B 553 19.71 28.86 9.52
CA VAL B 553 19.73 27.66 10.34
C VAL B 553 18.45 27.44 11.14
N LYS B 554 18.07 28.44 11.94
CA LYS B 554 16.87 28.31 12.76
C LYS B 554 15.64 28.00 11.91
N GLU B 555 15.59 28.61 10.73
CA GLU B 555 14.49 28.40 9.79
C GLU B 555 14.29 26.94 9.43
N ARG B 556 15.36 26.15 9.49
CA ARG B 556 15.32 24.73 9.13
C ARG B 556 15.48 23.72 10.25
N THR B 557 15.00 24.06 11.44
CA THR B 557 15.13 23.12 12.54
C THR B 557 13.83 22.37 12.72
N TRP B 558 13.93 21.05 12.86
CA TRP B 558 12.75 20.22 13.02
C TRP B 558 12.05 20.50 14.34
N ARG B 559 10.73 20.69 14.28
CA ARG B 559 9.92 20.95 15.46
C ARG B 559 9.07 19.77 15.83
N SER B 560 8.81 19.60 17.13
CA SER B 560 8.03 18.48 17.64
C SER B 560 6.53 18.73 17.73
N GLU B 561 6.05 19.86 17.27
CA GLU B 561 4.62 20.10 17.30
C GLU B 561 3.97 19.34 16.19
N TYR B 562 2.90 18.64 16.48
CA TYR B 562 2.19 17.91 15.45
C TYR B 562 1.89 18.81 14.27
N ASP B 563 1.94 18.24 13.08
CA ASP B 563 1.65 18.98 11.87
C ASP B 563 0.29 18.45 11.38
N SER B 564 -0.42 19.26 10.61
CA SER B 564 -1.71 18.82 10.11
C SER B 564 -1.53 17.81 8.99
N LEU B 565 -2.47 16.87 8.91
CA LEU B 565 -2.42 15.85 7.89
C LEU B 565 -3.55 16.09 6.90
N LEU B 566 -4.37 17.09 7.19
CA LEU B 566 -5.49 17.42 6.32
C LEU B 566 -5.08 17.74 4.90
N PRO B 567 -5.76 17.13 3.89
CA PRO B 567 -5.47 17.38 2.48
C PRO B 567 -5.79 18.85 2.20
N ASP B 568 -5.29 19.37 1.09
CA ASP B 568 -5.48 20.78 0.71
C ASP B 568 -6.76 21.11 -0.08
N VAL B 569 -7.88 21.14 0.64
CA VAL B 569 -9.16 21.47 0.05
C VAL B 569 -9.41 22.98 -0.03
N TYR B 570 -9.80 23.44 -1.21
CA TYR B 570 -10.10 24.84 -1.46
C TYR B 570 -11.00 24.88 -2.67
N GLU B 571 -11.78 25.95 -2.75
CA GLU B 571 -12.74 26.14 -3.83
C GLU B 571 -12.12 26.79 -5.05
N TRP B 572 -12.69 26.49 -6.22
CA TRP B 572 -12.22 27.05 -7.47
C TRP B 572 -13.16 28.13 -7.94
N PRO B 573 -12.61 29.18 -8.54
CA PRO B 573 -13.43 30.29 -9.04
C PRO B 573 -14.56 29.82 -9.96
N ILE C 21 11.94 -2.21 -5.91
CA ILE C 21 10.47 -2.02 -5.88
C ILE C 21 9.91 -2.56 -4.56
N LYS C 22 8.99 -1.83 -3.96
CA LYS C 22 8.44 -2.26 -2.69
C LYS C 22 7.03 -2.86 -2.73
N GLU C 23 6.47 -3.01 -3.94
CA GLU C 23 5.14 -3.59 -4.06
C GLU C 23 5.11 -5.02 -4.60
N LYS C 24 3.99 -5.67 -4.35
CA LYS C 24 3.80 -7.03 -4.80
C LYS C 24 2.35 -7.28 -5.23
N GLY C 25 2.20 -8.21 -6.15
CA GLY C 25 0.87 -8.53 -6.63
C GLY C 25 0.46 -7.69 -7.80
N LYS C 26 -0.84 -7.65 -8.02
CA LYS C 26 -1.45 -6.90 -9.11
C LYS C 26 -0.88 -5.49 -9.29
N PRO C 27 -0.54 -4.79 -8.19
CA PRO C 27 0.00 -3.43 -8.35
C PRO C 27 1.21 -3.33 -9.29
N LEU C 28 2.05 -4.36 -9.32
CA LEU C 28 3.22 -4.37 -10.18
C LEU C 28 2.80 -4.37 -11.64
N LEU C 30 -0.22 -3.08 -12.65
CA LEU C 30 -0.96 -1.83 -12.90
C LEU C 30 0.02 -0.72 -13.16
N ASN C 31 1.16 -0.76 -12.49
CA ASN C 31 2.17 0.26 -12.69
C ASN C 31 2.99 -0.07 -13.94
N PRO C 32 2.88 0.77 -14.98
CA PRO C 32 3.61 0.57 -16.24
C PRO C 32 5.10 0.75 -16.07
N ARG C 33 5.47 1.45 -15.00
CA ARG C 33 6.87 1.69 -14.73
C ARG C 33 7.52 0.36 -14.36
N THR C 34 6.75 -0.54 -13.76
CA THR C 34 7.26 -1.82 -13.33
C THR C 34 6.74 -3.00 -14.14
N ASN C 35 5.61 -2.80 -14.80
CA ASN C 35 5.00 -3.86 -15.62
C ASN C 35 5.85 -4.39 -16.77
N LYS C 36 5.92 -5.71 -16.84
CA LYS C 36 6.68 -6.42 -17.88
C LYS C 36 5.72 -7.24 -18.74
N GLY C 37 4.50 -7.42 -18.27
CA GLY C 37 3.56 -8.21 -19.02
C GLY C 37 3.98 -9.65 -18.88
N ALA C 39 6.58 -10.91 -19.82
CA ALA C 39 8.04 -11.02 -19.66
C ALA C 39 8.43 -11.30 -18.21
N PHE C 40 7.47 -11.25 -17.29
CA PHE C 40 7.77 -11.53 -15.90
C PHE C 40 8.21 -13.00 -15.87
N THR C 41 9.47 -13.27 -15.56
CA THR C 41 9.94 -14.65 -15.49
C THR C 41 9.08 -15.44 -14.52
N LEU C 42 9.08 -16.75 -14.63
CA LEU C 42 8.27 -17.59 -13.76
C LEU C 42 8.62 -17.40 -12.28
N GLN C 43 9.89 -17.20 -11.99
CA GLN C 43 10.32 -17.01 -10.61
C GLN C 43 9.75 -15.74 -10.00
N GLU C 44 9.82 -14.67 -10.78
CA GLU C 44 9.28 -13.38 -10.36
C GLU C 44 7.80 -13.61 -10.14
N ARG C 45 7.17 -14.33 -11.06
CA ARG C 45 5.76 -14.58 -10.94
C ARG C 45 5.40 -15.24 -9.61
N GLN C 46 6.06 -16.33 -9.28
CA GLN C 46 5.78 -17.02 -8.03
C GLN C 46 6.19 -16.22 -6.81
N LEU C 48 6.61 -12.84 -6.55
CA LEU C 48 5.86 -11.59 -6.42
C LEU C 48 4.32 -11.74 -6.45
N GLY C 49 3.82 -12.96 -6.34
CA GLY C 49 2.38 -13.14 -6.35
C GLY C 49 1.69 -12.82 -7.66
N LEU C 50 2.37 -12.99 -8.78
CA LEU C 50 1.74 -12.73 -10.08
C LEU C 50 1.27 -14.02 -10.76
N GLN C 51 1.72 -15.17 -10.25
CA GLN C 51 1.33 -16.45 -10.84
C GLN C 51 -0.17 -16.61 -10.88
N GLY C 52 -0.69 -16.91 -12.07
CA GLY C 52 -2.12 -17.09 -12.23
C GLY C 52 -2.76 -15.86 -12.83
N LEU C 53 -2.16 -14.70 -12.60
CA LEU C 53 -2.68 -13.44 -13.12
C LEU C 53 -2.15 -13.13 -14.52
N LEU C 54 -1.34 -14.05 -15.06
CA LEU C 54 -0.78 -13.90 -16.40
C LEU C 54 -0.82 -15.25 -17.10
N PRO C 55 -0.99 -15.28 -18.43
CA PRO C 55 -1.03 -16.56 -19.15
C PRO C 55 0.23 -17.38 -18.95
N PRO C 56 0.10 -18.72 -18.95
CA PRO C 56 1.19 -19.67 -18.77
C PRO C 56 2.47 -19.40 -19.57
N LYS C 57 2.35 -18.70 -20.70
CA LYS C 57 3.52 -18.42 -21.51
C LYS C 57 4.42 -17.35 -20.90
N ILE C 58 5.73 -17.50 -21.10
CA ILE C 58 6.71 -16.53 -20.61
C ILE C 58 7.44 -15.97 -21.82
N GLU C 59 6.95 -14.85 -22.34
CA GLU C 59 7.53 -14.23 -23.53
C GLU C 59 8.86 -13.55 -23.30
N THR C 60 9.44 -13.03 -24.37
CA THR C 60 10.71 -12.33 -24.30
C THR C 60 10.37 -10.93 -24.77
N GLN C 61 11.16 -9.95 -24.38
CA GLN C 61 10.87 -8.61 -24.84
C GLN C 61 10.89 -8.64 -26.35
N ASP C 62 11.76 -9.47 -26.90
CA ASP C 62 11.90 -9.59 -28.34
C ASP C 62 10.58 -9.98 -29.01
N ILE C 63 9.83 -10.90 -28.40
CA ILE C 63 8.53 -11.32 -28.93
C ILE C 63 7.50 -10.20 -28.80
N GLN C 64 7.53 -9.59 -27.61
CA GLN C 64 6.62 -8.51 -27.31
C GLN C 64 6.75 -7.43 -28.36
N ALA C 65 7.97 -7.06 -28.71
CA ALA C 65 8.19 -6.03 -29.70
C ALA C 65 7.72 -6.47 -31.09
N LEU C 66 7.72 -7.77 -31.34
CA LEU C 66 7.27 -8.32 -32.62
C LEU C 66 5.75 -8.15 -32.70
N ARG C 67 5.05 -8.55 -31.64
CA ARG C 67 3.61 -8.39 -31.61
C ARG C 67 3.30 -6.95 -32.02
N PHE C 68 3.87 -6.00 -31.29
CA PHE C 68 3.66 -4.57 -31.56
C PHE C 68 3.92 -4.18 -33.01
N HIS C 69 5.11 -4.49 -33.52
CA HIS C 69 5.46 -4.15 -34.91
C HIS C 69 4.55 -4.85 -35.90
N ARG C 70 4.14 -6.06 -35.56
CA ARG C 70 3.24 -6.81 -36.43
C ARG C 70 1.90 -6.09 -36.46
N ASN C 71 1.45 -5.62 -35.30
CA ASN C 71 0.17 -4.92 -35.20
C ASN C 71 0.17 -3.52 -35.80
N LEU C 72 1.25 -2.78 -35.57
CA LEU C 72 1.35 -1.42 -36.09
C LEU C 72 1.39 -1.36 -37.61
N LYS C 73 1.83 -2.45 -38.22
CA LYS C 73 1.92 -2.51 -39.67
C LYS C 73 0.51 -2.54 -40.27
N LYS C 74 -0.39 -3.23 -39.59
CA LYS C 74 -1.75 -3.31 -40.06
C LYS C 74 -2.51 -1.97 -39.99
N THR C 76 -3.52 1.93 -40.67
CA THR C 76 -3.52 2.82 -41.83
C THR C 76 -3.19 4.29 -41.57
N SER C 77 -3.69 4.84 -40.47
CA SER C 77 -3.42 6.24 -40.16
C SER C 77 -2.37 6.42 -39.07
N PRO C 78 -1.64 7.55 -39.11
CA PRO C 78 -0.59 7.90 -38.14
C PRO C 78 -1.18 8.22 -36.78
N LEU C 79 -2.28 8.95 -36.77
CA LEU C 79 -2.94 9.28 -35.50
C LEU C 79 -3.34 7.98 -34.81
N GLU C 80 -3.78 7.01 -35.62
CA GLU C 80 -4.17 5.71 -35.10
C GLU C 80 -2.93 5.00 -34.61
N LYS C 81 -1.77 5.27 -35.23
CA LYS C 81 -0.51 4.65 -34.81
C LYS C 81 -0.02 5.31 -33.55
N TYR C 82 -0.20 6.63 -33.48
CA TYR C 82 0.22 7.44 -32.34
C TYR C 82 -0.55 7.00 -31.10
N ILE C 83 -1.86 6.86 -31.25
CA ILE C 83 -2.71 6.45 -30.14
C ILE C 83 -2.25 5.10 -29.62
N TYR C 84 -1.79 4.26 -30.53
CA TYR C 84 -1.33 2.92 -30.18
C TYR C 84 0.03 2.87 -29.50
N ILE C 85 1.01 3.58 -30.04
CA ILE C 85 2.35 3.56 -29.43
C ILE C 85 2.36 4.28 -28.10
N GLY C 87 0.14 4.44 -26.17
CA GLY C 87 -0.58 3.57 -25.26
C GLY C 87 0.28 2.52 -24.59
N ILE C 88 1.45 2.23 -25.15
CA ILE C 88 2.35 1.24 -24.53
C ILE C 88 3.00 1.93 -23.36
N GLN C 89 3.24 3.22 -23.52
CA GLN C 89 3.86 4.04 -22.49
C GLN C 89 3.06 4.03 -21.19
N GLU C 90 1.75 3.85 -21.31
CA GLU C 90 0.89 3.81 -20.14
C GLU C 90 0.63 2.38 -19.73
N ARG C 91 1.32 1.45 -20.36
CA ARG C 91 1.14 0.04 -20.07
C ARG C 91 2.45 -0.59 -19.64
N ASN C 92 3.45 -0.50 -20.53
CA ASN C 92 4.76 -1.06 -20.25
C ASN C 92 5.81 -0.07 -20.70
N GLU C 93 6.44 0.57 -19.74
CA GLU C 93 7.43 1.58 -20.05
C GLU C 93 8.66 1.05 -20.79
N LYS C 94 9.23 -0.06 -20.29
CA LYS C 94 10.41 -0.65 -20.89
C LYS C 94 10.12 -1.08 -22.34
N LEU C 95 9.03 -1.79 -22.52
CA LEU C 95 8.66 -2.22 -23.85
C LEU C 95 8.44 -1.02 -24.77
N PHE C 96 7.82 0.04 -24.24
CA PHE C 96 7.57 1.23 -25.06
C PHE C 96 8.83 1.86 -25.60
N TYR C 97 9.84 2.01 -24.75
CA TYR C 97 11.08 2.61 -25.19
C TYR C 97 11.89 1.65 -26.07
N ARG C 98 11.71 0.35 -25.82
CA ARG C 98 12.39 -0.66 -26.60
C ARG C 98 11.89 -0.43 -28.01
N ILE C 99 10.58 -0.35 -28.12
CA ILE C 99 9.88 -0.12 -29.37
C ILE C 99 10.43 1.07 -30.13
N LEU C 100 10.65 2.17 -29.42
CA LEU C 100 11.18 3.36 -30.06
C LEU C 100 12.61 3.10 -30.47
N GLN C 101 13.35 2.45 -29.59
CA GLN C 101 14.76 2.09 -29.83
C GLN C 101 14.89 1.22 -31.07
N ASP C 102 13.90 0.37 -31.32
CA ASP C 102 13.93 -0.49 -32.48
C ASP C 102 14.06 0.29 -33.80
N ASP C 103 13.23 1.31 -33.98
CA ASP C 103 13.31 2.10 -35.22
C ASP C 103 12.91 3.55 -35.04
N ILE C 104 13.77 4.31 -34.37
CA ILE C 104 13.56 5.71 -34.09
C ILE C 104 13.22 6.59 -35.30
N GLU C 105 13.92 6.39 -36.41
CA GLU C 105 13.70 7.20 -37.61
C GLU C 105 12.31 7.05 -38.19
N SER C 106 11.72 5.87 -38.06
CA SER C 106 10.40 5.68 -38.62
C SER C 106 9.33 5.96 -37.57
N LEU C 107 9.67 5.80 -36.30
CA LEU C 107 8.68 6.07 -35.27
C LEU C 107 8.62 7.54 -34.88
N PRO C 109 8.35 10.41 -36.73
CA PRO C 109 7.28 11.21 -37.32
C PRO C 109 5.92 10.96 -36.71
N ILE C 110 5.77 9.82 -36.03
CA ILE C 110 4.51 9.46 -35.40
C ILE C 110 4.47 10.04 -33.98
N VAL C 111 5.31 9.49 -33.12
CA VAL C 111 5.42 9.92 -31.74
C VAL C 111 5.78 11.41 -31.60
N TYR C 112 6.31 11.99 -32.67
CA TYR C 112 6.74 13.37 -32.69
C TYR C 112 6.20 14.10 -33.93
N THR C 113 6.86 15.18 -34.35
CA THR C 113 6.44 15.95 -35.52
C THR C 113 6.50 15.09 -36.79
N PRO C 114 5.47 15.16 -37.64
CA PRO C 114 4.24 15.96 -37.55
C PRO C 114 3.03 15.42 -36.78
N THR C 115 2.96 14.10 -36.60
CA THR C 115 1.80 13.47 -35.93
C THR C 115 1.43 14.02 -34.57
N VAL C 116 2.43 14.42 -33.78
CA VAL C 116 2.16 14.97 -32.47
C VAL C 116 1.25 16.19 -32.63
N GLY C 117 1.60 17.04 -33.59
CA GLY C 117 0.81 18.23 -33.85
C GLY C 117 -0.64 17.87 -34.05
N LEU C 118 -0.91 16.91 -34.92
CA LEU C 118 -2.28 16.49 -35.19
C LEU C 118 -2.93 15.85 -33.97
N ALA C 119 -2.13 15.24 -33.10
CA ALA C 119 -2.66 14.64 -31.89
C ALA C 119 -3.10 15.77 -30.94
N CYS C 120 -2.28 16.80 -30.82
CA CYS C 120 -2.60 17.92 -29.97
C CYS C 120 -3.89 18.59 -30.44
N SER C 121 -4.02 18.74 -31.75
CA SER C 121 -5.19 19.36 -32.34
C SER C 121 -6.51 18.76 -31.89
N GLN C 122 -6.46 17.54 -31.37
CA GLN C 122 -7.68 16.88 -30.92
C GLN C 122 -7.41 16.05 -29.68
N TYR C 123 -6.44 16.48 -28.91
CA TYR C 123 -6.08 15.79 -27.70
C TYR C 123 -7.32 15.38 -26.91
N GLY C 124 -8.30 16.28 -26.87
CA GLY C 124 -9.50 16.01 -26.12
C GLY C 124 -10.37 14.91 -26.68
N HIS C 125 -10.21 14.60 -27.97
CA HIS C 125 -11.03 13.57 -28.60
C HIS C 125 -10.42 12.20 -28.48
N ILE C 126 -9.09 12.14 -28.49
CA ILE C 126 -8.36 10.88 -28.42
C ILE C 126 -7.84 10.55 -27.02
N PHE C 127 -8.33 11.25 -26.02
CA PHE C 127 -7.90 11.04 -24.64
C PHE C 127 -8.33 9.69 -24.06
N ARG C 128 -7.38 8.98 -23.47
CA ARG C 128 -7.66 7.70 -22.85
C ARG C 128 -7.22 7.84 -21.40
N ARG C 129 -5.91 7.97 -21.22
CA ARG C 129 -5.30 8.10 -19.91
C ARG C 129 -4.52 9.42 -19.83
N PRO C 130 -4.54 10.10 -18.68
CA PRO C 130 -3.82 11.37 -18.55
C PRO C 130 -2.32 11.20 -18.37
N LYS C 131 -1.58 12.17 -18.89
CA LYS C 131 -0.13 12.11 -18.81
C LYS C 131 0.30 13.47 -18.30
N GLY C 132 1.29 13.49 -17.41
CA GLY C 132 1.78 14.76 -16.91
C GLY C 132 1.06 15.36 -15.71
N LEU C 133 1.57 16.52 -15.29
CA LEU C 133 1.04 17.27 -14.15
C LEU C 133 0.33 18.50 -14.70
N PHE C 134 -0.90 18.73 -14.25
CA PHE C 134 -1.70 19.88 -14.72
C PHE C 134 -1.87 20.95 -13.65
N ILE C 135 -1.46 22.18 -13.95
CA ILE C 135 -1.58 23.29 -13.01
C ILE C 135 -2.38 24.43 -13.62
N SER C 136 -3.61 24.63 -13.14
CA SER C 136 -4.45 25.70 -13.68
C SER C 136 -4.44 26.96 -12.80
N ILE C 137 -4.61 28.11 -13.43
CA ILE C 137 -4.59 29.38 -12.71
C ILE C 137 -5.58 29.38 -11.53
N SER C 138 -6.50 28.42 -11.53
CA SER C 138 -7.50 28.27 -10.49
C SER C 138 -6.92 27.60 -9.25
N ASP C 139 -5.70 27.07 -9.39
CA ASP C 139 -5.05 26.43 -8.27
C ASP C 139 -4.01 27.38 -7.67
N ARG C 140 -4.09 28.65 -8.06
CA ARG C 140 -3.18 29.67 -7.56
C ARG C 140 -3.19 29.66 -6.03
N GLY C 141 -2.00 29.72 -5.44
CA GLY C 141 -1.87 29.70 -3.99
C GLY C 141 -1.75 28.30 -3.43
N HIS C 142 -2.00 27.30 -4.27
CA HIS C 142 -1.93 25.90 -3.83
C HIS C 142 -1.07 25.04 -4.75
N VAL C 143 -0.36 25.70 -5.67
CA VAL C 143 0.49 24.99 -6.63
C VAL C 143 1.40 23.93 -6.03
N ARG C 144 1.83 24.16 -4.79
CA ARG C 144 2.72 23.23 -4.11
C ARG C 144 2.03 21.96 -3.65
N SER C 145 0.74 22.00 -3.39
CA SER C 145 0.05 20.79 -2.96
C SER C 145 -0.03 19.87 -4.18
N ILE C 146 -0.18 20.51 -5.35
CA ILE C 146 -0.27 19.80 -6.63
C ILE C 146 1.04 19.11 -6.95
N VAL C 147 2.13 19.85 -6.78
CA VAL C 147 3.45 19.32 -7.02
C VAL C 147 3.70 18.12 -6.12
N ASP C 148 3.30 18.22 -4.85
CA ASP C 148 3.49 17.14 -3.89
C ASP C 148 2.65 15.91 -4.22
N ASN C 149 1.76 16.07 -5.18
CA ASN C 149 0.87 15.00 -5.61
C ASN C 149 1.54 14.10 -6.64
N TRP C 150 2.61 14.58 -7.27
CA TRP C 150 3.32 13.80 -8.25
C TRP C 150 3.88 12.59 -7.52
N PRO C 151 3.66 11.38 -8.07
CA PRO C 151 4.12 10.12 -7.48
C PRO C 151 5.63 9.93 -7.39
N GLU C 152 6.35 10.41 -8.40
CA GLU C 152 7.79 10.29 -8.43
C GLU C 152 8.45 11.31 -7.53
N ASN C 153 9.39 10.83 -6.73
CA ASN C 153 10.09 11.66 -5.75
C ASN C 153 11.41 12.31 -6.13
N HIS C 154 12.03 11.86 -7.22
CA HIS C 154 13.30 12.45 -7.61
C HIS C 154 13.33 12.95 -9.05
N VAL C 155 12.45 13.90 -9.35
CA VAL C 155 12.40 14.50 -10.67
C VAL C 155 13.69 15.31 -10.90
N LYS C 156 14.20 15.28 -12.12
CA LYS C 156 15.44 16.01 -12.44
C LYS C 156 15.22 16.87 -13.65
N ALA C 157 14.14 16.58 -14.37
CA ALA C 157 13.85 17.32 -15.58
C ALA C 157 12.37 17.56 -15.77
N VAL C 158 12.03 18.82 -16.06
CA VAL C 158 10.65 19.22 -16.27
C VAL C 158 10.54 19.96 -17.58
N VAL C 159 9.54 19.62 -18.38
CA VAL C 159 9.32 20.35 -19.61
C VAL C 159 7.93 20.89 -19.37
N VAL C 160 7.80 22.21 -19.44
CA VAL C 160 6.55 22.88 -19.17
C VAL C 160 6.05 23.78 -20.30
N THR C 161 4.73 23.81 -20.45
CA THR C 161 4.07 24.64 -21.48
C THR C 161 2.77 25.26 -20.97
N ASP C 162 2.34 26.32 -21.63
CA ASP C 162 1.06 26.93 -21.30
C ASP C 162 0.21 26.86 -22.58
N GLY C 163 0.72 26.09 -23.54
CA GLY C 163 0.07 25.85 -24.81
C GLY C 163 -0.31 27.02 -25.69
N GLU C 164 0.36 28.14 -25.50
CA GLU C 164 0.03 29.31 -26.29
C GLU C 164 0.60 29.32 -27.70
N ARG C 165 1.71 28.62 -27.90
CA ARG C 165 2.33 28.54 -29.21
C ARG C 165 2.74 27.10 -29.54
N ILE C 166 1.76 26.20 -29.57
CA ILE C 166 2.01 24.81 -29.85
C ILE C 166 2.43 24.69 -31.31
N LEU C 167 3.73 24.46 -31.52
CA LEU C 167 4.30 24.34 -32.86
C LEU C 167 3.83 25.55 -33.64
N GLY C 168 3.45 25.34 -34.91
CA GLY C 168 2.99 26.46 -35.70
C GLY C 168 1.49 26.48 -35.69
N LEU C 169 0.90 25.70 -34.78
CA LEU C 169 -0.54 25.57 -34.65
C LEU C 169 -1.23 26.65 -33.79
N GLY C 170 -0.44 27.41 -33.04
CA GLY C 170 -1.00 28.44 -32.21
C GLY C 170 -1.52 27.95 -30.88
N ASP C 171 -2.34 28.79 -30.24
CA ASP C 171 -2.91 28.50 -28.92
C ASP C 171 -3.86 27.31 -28.90
N LEU C 172 -3.39 26.23 -28.28
CA LEU C 172 -4.19 25.02 -28.18
C LEU C 172 -4.58 24.74 -26.75
N GLY C 173 -4.27 25.68 -25.85
CA GLY C 173 -4.61 25.54 -24.44
C GLY C 173 -4.08 24.28 -23.79
N VAL C 174 -4.91 23.61 -23.01
CA VAL C 174 -4.53 22.38 -22.32
C VAL C 174 -4.36 21.22 -23.31
N TYR C 175 -4.80 21.41 -24.55
CA TYR C 175 -4.67 20.41 -25.59
C TYR C 175 -3.18 20.28 -25.98
N GLY C 176 -2.38 21.25 -25.56
CA GLY C 176 -0.95 21.22 -25.88
C GLY C 176 -0.11 20.39 -24.92
N GLY C 178 0.38 17.46 -25.12
CA GLY C 178 1.02 16.40 -25.86
C GLY C 178 2.45 16.79 -26.21
N ILE C 179 2.72 18.08 -26.22
CA ILE C 179 4.06 18.55 -26.54
C ILE C 179 5.06 18.16 -25.46
N PRO C 180 4.86 18.64 -24.21
CA PRO C 180 5.82 18.27 -23.16
C PRO C 180 5.91 16.75 -22.98
N VAL C 181 4.82 16.07 -23.26
CA VAL C 181 4.79 14.61 -23.14
C VAL C 181 5.72 13.97 -24.17
N GLY C 182 5.80 14.53 -25.38
CA GLY C 182 6.67 13.95 -26.40
C GLY C 182 8.13 14.38 -26.31
N LYS C 183 8.38 15.57 -25.78
CA LYS C 183 9.74 16.05 -25.68
C LYS C 183 10.49 15.21 -24.66
N LEU C 184 9.79 14.80 -23.61
CA LEU C 184 10.42 14.00 -22.58
C LEU C 184 10.56 12.57 -23.03
N CYS C 185 9.79 12.19 -24.04
CA CYS C 185 9.89 10.84 -24.57
C CYS C 185 11.23 10.79 -25.27
N LEU C 186 11.54 11.84 -26.02
CA LEU C 186 12.80 11.92 -26.74
C LEU C 186 13.96 12.26 -25.83
N TYR C 187 13.68 12.42 -24.55
CA TYR C 187 14.71 12.70 -23.54
C TYR C 187 15.29 11.32 -23.23
N THR C 188 14.38 10.37 -23.05
CA THR C 188 14.78 9.01 -22.74
C THR C 188 15.21 8.24 -23.99
N ALA C 189 14.46 8.40 -25.08
CA ALA C 189 14.74 7.69 -26.33
C ALA C 189 16.04 8.10 -27.00
N CYS C 190 16.42 9.37 -26.88
CA CYS C 190 17.65 9.83 -27.51
C CYS C 190 18.83 9.91 -26.55
N ALA C 191 18.61 10.39 -25.33
CA ALA C 191 19.74 10.53 -24.40
C ALA C 191 19.76 9.61 -23.20
N GLY C 192 18.77 8.72 -23.09
CA GLY C 192 18.75 7.79 -21.98
C GLY C 192 18.55 8.36 -20.59
N ILE C 193 17.70 9.38 -20.50
CA ILE C 193 17.38 10.03 -19.25
C ILE C 193 16.29 9.18 -18.61
N ARG C 194 16.46 8.79 -17.36
CA ARG C 194 15.46 7.96 -16.69
C ARG C 194 14.08 8.52 -16.88
N PRO C 195 13.12 7.67 -17.25
CA PRO C 195 11.74 8.13 -17.47
C PRO C 195 11.04 8.63 -16.21
N ASP C 196 11.41 8.11 -15.04
CA ASP C 196 10.75 8.53 -13.81
C ASP C 196 11.44 9.73 -13.17
N ARG C 197 12.41 10.29 -13.88
CA ARG C 197 13.11 11.46 -13.39
C ARG C 197 12.67 12.64 -14.22
N CYS C 198 11.64 12.41 -15.04
CA CYS C 198 11.09 13.42 -15.92
C CYS C 198 9.65 13.78 -15.57
N LEU C 199 9.29 15.04 -15.80
CA LEU C 199 7.94 15.50 -15.52
C LEU C 199 7.49 16.57 -16.47
N PRO C 200 6.47 16.27 -17.29
CA PRO C 200 5.92 17.22 -18.25
C PRO C 200 4.84 17.99 -17.48
N VAL C 201 4.78 19.30 -17.68
CA VAL C 201 3.79 20.08 -16.96
C VAL C 201 3.01 20.97 -17.87
N CYS C 202 1.76 21.19 -17.50
CA CYS C 202 0.90 22.07 -18.27
C CYS C 202 0.32 23.17 -17.38
N ILE C 203 0.52 24.41 -17.80
CA ILE C 203 0.00 25.54 -17.06
C ILE C 203 -1.21 26.05 -17.81
N ASP C 204 -2.39 25.74 -17.28
CA ASP C 204 -3.64 26.15 -17.88
C ASP C 204 -4.13 27.45 -17.26
N VAL C 205 -4.03 28.54 -18.02
CA VAL C 205 -4.51 29.85 -17.56
C VAL C 205 -5.63 30.32 -18.49
N GLY C 206 -6.16 29.37 -19.29
CA GLY C 206 -7.22 29.68 -20.23
C GLY C 206 -6.69 29.58 -21.65
N THR C 207 -7.55 29.86 -22.64
CA THR C 207 -7.17 29.79 -24.05
C THR C 207 -7.91 30.87 -24.79
N ASP C 208 -7.33 31.35 -25.89
CA ASP C 208 -7.96 32.37 -26.71
C ASP C 208 -8.61 31.72 -27.93
N ASN C 209 -8.46 30.40 -28.01
CA ASN C 209 -8.99 29.57 -29.10
C ASN C 209 -10.51 29.37 -28.98
N ILE C 210 -11.24 30.23 -29.69
CA ILE C 210 -12.70 30.20 -29.68
C ILE C 210 -13.24 28.79 -29.85
N ALA C 211 -12.71 28.11 -30.86
CA ALA C 211 -13.12 26.75 -31.17
C ALA C 211 -13.06 25.82 -29.98
N LEU C 212 -11.93 25.82 -29.26
CA LEU C 212 -11.79 24.96 -28.09
C LEU C 212 -12.70 25.41 -26.96
N LEU C 213 -12.97 26.71 -26.92
CA LEU C 213 -13.84 27.26 -25.89
C LEU C 213 -15.27 26.74 -26.06
N LYS C 214 -15.65 26.50 -27.31
CA LYS C 214 -16.97 26.00 -27.63
C LYS C 214 -16.97 24.49 -27.83
N ASP C 215 -15.88 23.82 -27.42
CA ASP C 215 -15.77 22.37 -27.56
C ASP C 215 -16.02 21.64 -26.25
N PRO C 216 -17.01 20.73 -26.25
CA PRO C 216 -17.40 19.93 -25.09
C PRO C 216 -16.31 18.99 -24.63
N PHE C 217 -15.31 18.78 -25.48
CA PHE C 217 -14.25 17.87 -25.10
C PHE C 217 -12.99 18.55 -24.61
N TYR C 218 -12.94 19.88 -24.68
CA TYR C 218 -11.76 20.60 -24.22
C TYR C 218 -11.41 20.13 -22.81
N GLY C 220 -9.38 21.89 -20.51
CA GLY C 220 -8.95 22.93 -19.59
C GLY C 220 -10.05 23.88 -19.13
N LEU C 221 -9.63 25.06 -18.69
CA LEU C 221 -10.54 26.09 -18.21
C LEU C 221 -11.24 26.72 -19.41
N TYR C 222 -12.54 26.91 -19.30
CA TYR C 222 -13.28 27.55 -20.38
C TYR C 222 -13.24 29.02 -20.01
N GLN C 223 -12.16 29.67 -20.44
CA GLN C 223 -12.01 31.06 -20.15
C GLN C 223 -10.84 31.54 -20.97
N LYS C 224 -10.92 32.80 -21.38
CA LYS C 224 -9.86 33.43 -22.16
C LYS C 224 -8.54 33.41 -21.37
N ARG C 225 -7.42 33.53 -22.08
CA ARG C 225 -6.12 33.50 -21.45
C ARG C 225 -5.96 34.61 -20.44
N ASP C 226 -5.48 34.24 -19.27
CA ASP C 226 -5.26 35.22 -18.21
C ASP C 226 -3.91 35.85 -18.48
N ARG C 227 -3.90 37.13 -18.79
CA ARG C 227 -2.64 37.81 -19.08
C ARG C 227 -2.37 38.94 -18.11
N THR C 228 -2.73 38.72 -16.85
CA THR C 228 -2.53 39.72 -15.82
C THR C 228 -1.41 39.25 -14.90
N GLN C 229 -1.09 40.06 -13.90
CA GLN C 229 -0.05 39.71 -12.96
C GLN C 229 -0.34 38.37 -12.27
N GLN C 230 -1.59 37.92 -12.36
CA GLN C 230 -2.02 36.64 -11.77
C GLN C 230 -1.28 35.48 -12.43
N TYR C 231 -0.99 35.65 -13.71
CA TYR C 231 -0.27 34.67 -14.50
C TYR C 231 1.21 34.58 -14.08
N ASP C 232 1.91 35.72 -14.11
CA ASP C 232 3.31 35.79 -13.72
C ASP C 232 3.55 35.24 -12.33
N ASP C 233 2.57 35.40 -11.44
CA ASP C 233 2.72 34.93 -10.08
C ASP C 233 2.53 33.42 -10.03
N LEU C 234 1.75 32.89 -10.98
CA LEU C 234 1.54 31.45 -11.05
C LEU C 234 2.81 30.78 -11.53
N ILE C 235 3.43 31.33 -12.57
CA ILE C 235 4.67 30.76 -13.08
C ILE C 235 5.66 30.72 -11.94
N ASP C 236 5.80 31.86 -11.27
CA ASP C 236 6.70 32.02 -10.15
C ASP C 236 6.46 30.99 -9.09
N GLU C 237 5.20 30.86 -8.67
CA GLU C 237 4.84 29.89 -7.65
C GLU C 237 5.20 28.48 -8.08
N PHE C 238 5.14 28.22 -9.38
CA PHE C 238 5.46 26.93 -9.94
C PHE C 238 6.95 26.68 -9.84
N LYS C 240 9.04 27.92 -7.91
CA LYS C 240 9.38 27.75 -6.50
C LYS C 240 8.94 26.41 -5.94
N ALA C 241 7.70 26.03 -6.22
CA ALA C 241 7.17 24.78 -5.72
C ALA C 241 7.97 23.60 -6.22
N ILE C 242 8.32 23.64 -7.50
CA ILE C 242 9.09 22.58 -8.13
C ILE C 242 10.49 22.43 -7.54
N THR C 243 11.25 23.53 -7.46
CA THR C 243 12.60 23.48 -6.89
C THR C 243 12.60 23.18 -5.39
N ASP C 244 11.51 23.50 -4.70
CA ASP C 244 11.40 23.25 -3.27
C ASP C 244 11.28 21.79 -2.96
N ARG C 245 10.68 21.06 -3.88
CA ARG C 245 10.47 19.63 -3.69
C ARG C 245 11.59 18.77 -4.28
N TYR C 246 12.16 19.22 -5.40
CA TYR C 246 13.17 18.44 -6.08
C TYR C 246 14.59 18.99 -6.13
N GLY C 247 14.78 20.27 -5.80
CA GLY C 247 16.13 20.82 -5.82
C GLY C 247 16.26 22.07 -6.64
N ARG C 248 17.16 22.95 -6.22
CA ARG C 248 17.37 24.21 -6.93
C ARG C 248 17.87 23.99 -8.35
N ASN C 249 18.65 22.94 -8.56
CA ASN C 249 19.18 22.70 -9.90
C ASN C 249 18.36 21.73 -10.77
N THR C 250 17.05 21.62 -10.49
CA THR C 250 16.16 20.77 -11.28
C THR C 250 16.05 21.43 -12.66
N LEU C 251 16.19 20.64 -13.73
CA LEU C 251 16.13 21.20 -15.07
C LEU C 251 14.73 21.58 -15.48
N ILE C 252 14.54 22.84 -15.85
CA ILE C 252 13.23 23.28 -16.30
C ILE C 252 13.41 23.77 -17.73
N GLN C 253 12.76 23.13 -18.68
CA GLN C 253 12.87 23.53 -20.07
C GLN C 253 11.54 24.07 -20.52
N PHE C 254 11.51 25.35 -20.87
CA PHE C 254 10.27 25.98 -21.31
C PHE C 254 10.02 25.63 -22.75
N GLU C 255 8.80 25.16 -23.04
CA GLU C 255 8.48 24.79 -24.41
C GLU C 255 7.16 25.34 -24.89
N ASP C 256 7.19 25.89 -26.09
CA ASP C 256 6.01 26.43 -26.74
C ASP C 256 5.14 27.44 -25.97
N PHE C 257 5.79 28.49 -25.47
CA PHE C 257 5.11 29.58 -24.77
C PHE C 257 4.99 30.67 -25.83
N GLY C 258 4.23 31.72 -25.52
CA GLY C 258 4.10 32.78 -26.49
C GLY C 258 5.40 33.55 -26.58
N ASN C 259 5.58 34.20 -27.72
CA ASN C 259 6.79 34.99 -27.95
C ASN C 259 7.18 35.84 -26.75
N HIS C 260 6.28 36.76 -26.38
CA HIS C 260 6.48 37.67 -25.26
C HIS C 260 6.98 37.01 -23.99
N ASN C 261 6.21 36.02 -23.54
CA ASN C 261 6.51 35.27 -22.34
C ASN C 261 7.78 34.46 -22.41
N ALA C 262 8.04 33.86 -23.55
CA ALA C 262 9.23 33.05 -23.74
C ALA C 262 10.46 33.79 -23.30
N PHE C 263 10.65 34.96 -23.90
CA PHE C 263 11.78 35.81 -23.63
C PHE C 263 11.74 36.38 -22.22
N ARG C 264 10.58 36.87 -21.84
CA ARG C 264 10.35 37.46 -20.52
C ARG C 264 10.78 36.50 -19.42
N PHE C 265 10.28 35.27 -19.52
CA PHE C 265 10.55 34.23 -18.54
C PHE C 265 11.99 33.73 -18.55
N LEU C 266 12.58 33.65 -19.74
CA LEU C 266 13.93 33.16 -19.90
C LEU C 266 14.93 34.12 -19.27
N ARG C 267 14.77 35.41 -19.53
CA ARG C 267 15.66 36.41 -18.96
C ARG C 267 15.46 36.46 -17.46
N LYS C 268 14.19 36.42 -17.06
CA LYS C 268 13.80 36.45 -15.65
C LYS C 268 14.31 35.29 -14.79
N TYR C 269 14.41 34.09 -15.34
CA TYR C 269 14.86 32.96 -14.54
C TYR C 269 16.17 32.27 -14.91
N ARG C 270 16.71 32.53 -16.09
CA ARG C 270 17.94 31.85 -16.49
C ARG C 270 19.10 31.93 -15.49
N GLU C 271 19.12 32.98 -14.68
CA GLU C 271 20.17 33.15 -13.69
C GLU C 271 19.69 32.76 -12.32
N LYS C 272 18.38 32.58 -12.16
CA LYS C 272 17.83 32.21 -10.86
C LYS C 272 17.75 30.68 -10.73
N TYR C 273 17.16 30.04 -11.72
CA TYR C 273 17.03 28.59 -11.71
C TYR C 273 17.87 27.99 -12.83
N CYS C 274 17.89 26.65 -12.90
CA CYS C 274 18.63 25.95 -13.95
C CYS C 274 17.58 25.69 -15.01
N THR C 275 17.34 26.69 -15.86
CA THR C 275 16.30 26.59 -16.88
C THR C 275 16.75 27.15 -18.23
N PHE C 276 16.06 26.72 -19.29
CA PHE C 276 16.36 27.19 -20.64
C PHE C 276 15.14 27.10 -21.52
N ASN C 277 15.19 27.79 -22.66
CA ASN C 277 14.07 27.78 -23.58
C ASN C 277 14.42 27.02 -24.85
N ASP C 278 13.69 25.94 -25.08
CA ASP C 278 13.93 25.13 -26.25
C ASP C 278 13.66 25.81 -27.56
N ASP C 279 12.54 26.50 -27.67
CA ASP C 279 12.23 27.14 -28.92
C ASP C 279 13.19 28.28 -29.25
N ILE C 280 13.84 28.85 -28.25
CA ILE C 280 14.74 29.96 -28.51
C ILE C 280 16.17 29.48 -28.63
N GLN C 281 16.59 28.70 -27.65
CA GLN C 281 17.96 28.20 -27.61
C GLN C 281 18.20 26.81 -28.22
N GLY C 282 17.22 25.93 -28.16
CA GLY C 282 17.41 24.60 -28.73
C GLY C 282 17.46 24.72 -30.23
N THR C 283 16.57 25.56 -30.76
CA THR C 283 16.48 25.82 -32.18
C THR C 283 17.77 26.45 -32.69
N ALA C 284 18.28 27.41 -31.91
CA ALA C 284 19.49 28.12 -32.26
C ALA C 284 20.66 27.19 -32.45
N ALA C 285 20.82 26.23 -31.56
CA ALA C 285 21.93 25.29 -31.68
C ALA C 285 21.86 24.48 -32.98
N VAL C 286 20.69 23.94 -33.32
CA VAL C 286 20.52 23.12 -34.52
C VAL C 286 20.64 23.90 -35.82
N ALA C 287 20.15 25.14 -35.83
CA ALA C 287 20.25 25.92 -37.05
C ALA C 287 21.70 26.32 -37.25
N LEU C 288 22.44 26.38 -36.15
CA LEU C 288 23.84 26.74 -36.23
C LEU C 288 24.64 25.55 -36.71
N ALA C 289 24.36 24.37 -36.14
CA ALA C 289 25.04 23.16 -36.54
C ALA C 289 24.85 23.00 -38.05
N GLY C 290 23.60 23.07 -38.50
CA GLY C 290 23.31 22.96 -39.91
C GLY C 290 23.99 24.03 -40.73
N LEU C 291 23.96 25.27 -40.26
CA LEU C 291 24.61 26.38 -40.96
C LEU C 291 26.11 26.15 -41.00
N LEU C 292 26.63 25.50 -39.99
CA LEU C 292 28.05 25.22 -39.92
C LEU C 292 28.43 24.23 -41.01
N ALA C 293 27.67 23.14 -41.12
CA ALA C 293 27.92 22.11 -42.12
C ALA C 293 27.83 22.69 -43.52
N ALA C 294 26.84 23.55 -43.73
CA ALA C 294 26.61 24.17 -45.01
C ALA C 294 27.82 24.96 -45.44
N GLN C 295 28.46 25.64 -44.50
CA GLN C 295 29.65 26.45 -44.78
C GLN C 295 30.81 25.55 -45.22
N LYS C 296 30.80 24.31 -44.76
CA LYS C 296 31.84 23.37 -45.12
C LYS C 296 31.78 23.07 -46.62
N VAL C 297 30.59 23.03 -47.18
CA VAL C 297 30.50 22.74 -48.60
C VAL C 297 30.70 24.03 -49.40
N ILE C 298 30.27 25.15 -48.85
CA ILE C 298 30.38 26.43 -49.53
C ILE C 298 31.69 27.18 -49.27
N SER C 299 32.14 27.14 -48.03
CA SER C 299 33.35 27.84 -47.65
C SER C 299 33.35 29.29 -48.16
N LYS C 300 32.21 29.95 -48.02
CA LYS C 300 32.03 31.34 -48.43
C LYS C 300 32.74 32.25 -47.43
N PRO C 301 33.31 33.37 -47.91
CA PRO C 301 34.01 34.29 -47.01
C PRO C 301 33.06 34.96 -46.04
N ILE C 302 33.40 34.88 -44.76
CA ILE C 302 32.59 35.45 -43.70
C ILE C 302 32.05 36.82 -44.06
N SER C 303 32.89 37.63 -44.70
CA SER C 303 32.49 38.97 -45.09
C SER C 303 31.29 39.00 -46.02
N GLU C 304 31.24 38.08 -46.98
CA GLU C 304 30.15 38.03 -47.95
C GLU C 304 28.82 37.45 -47.46
N HIS C 305 28.82 36.86 -46.28
CA HIS C 305 27.59 36.29 -45.75
C HIS C 305 26.51 37.32 -45.54
N LYS C 306 25.28 36.88 -45.73
CA LYS C 306 24.10 37.72 -45.59
C LYS C 306 22.91 36.80 -45.36
N ILE C 307 22.27 36.89 -44.20
CA ILE C 307 21.13 36.02 -43.87
C ILE C 307 19.81 36.80 -43.81
N LEU C 308 18.72 36.14 -44.17
CA LEU C 308 17.40 36.76 -44.14
C LEU C 308 16.40 35.75 -43.60
N PHE C 309 15.79 36.09 -42.46
CA PHE C 309 14.82 35.20 -41.85
C PHE C 309 13.42 35.58 -42.31
N LEU C 310 12.55 34.58 -42.39
CA LEU C 310 11.15 34.83 -42.70
C LEU C 310 10.59 34.57 -41.30
N GLY C 311 10.31 35.64 -40.57
CA GLY C 311 9.82 35.51 -39.22
C GLY C 311 10.81 36.26 -38.35
N ALA C 312 10.44 36.63 -37.14
CA ALA C 312 11.36 37.37 -36.28
C ALA C 312 10.97 37.17 -34.83
N GLY C 313 10.53 35.96 -34.51
CA GLY C 313 10.12 35.64 -33.17
C GLY C 313 11.16 34.80 -32.46
N GLU C 314 10.68 33.98 -31.53
CA GLU C 314 11.55 33.12 -30.73
C GLU C 314 12.72 32.52 -31.49
N ALA C 315 12.45 31.57 -32.37
CA ALA C 315 13.48 30.88 -33.13
C ALA C 315 14.41 31.77 -33.96
N ALA C 316 13.85 32.71 -34.70
CA ALA C 316 14.67 33.60 -35.51
C ALA C 316 15.66 34.39 -34.67
N LEU C 317 15.18 34.99 -33.58
CA LEU C 317 16.06 35.76 -32.70
C LEU C 317 17.05 34.84 -31.99
N GLY C 318 16.59 33.65 -31.60
CA GLY C 318 17.47 32.72 -30.92
C GLY C 318 18.60 32.27 -31.82
N ILE C 319 18.28 32.06 -33.09
CA ILE C 319 19.26 31.64 -34.08
C ILE C 319 20.13 32.84 -34.44
N ALA C 320 19.51 33.99 -34.72
CA ALA C 320 20.28 35.17 -35.07
C ALA C 320 21.33 35.43 -33.99
N ASN C 321 20.96 35.18 -32.74
CA ASN C 321 21.87 35.39 -31.63
C ASN C 321 23.10 34.49 -31.73
N LEU C 322 22.88 33.18 -31.77
CA LEU C 322 23.97 32.23 -31.83
C LEU C 322 24.84 32.40 -33.08
N ILE C 323 24.22 32.77 -34.21
CA ILE C 323 24.96 33.02 -35.44
C ILE C 323 26.00 34.09 -35.15
N VAL C 324 25.51 35.26 -34.77
CA VAL C 324 26.35 36.40 -34.43
C VAL C 324 27.47 36.01 -33.48
N SER C 326 28.92 33.18 -33.19
CA SER C 326 29.92 32.40 -33.92
C SER C 326 30.78 33.36 -34.71
N VAL C 328 31.48 36.38 -34.27
CA VAL C 328 32.36 37.15 -33.41
C VAL C 328 33.57 36.33 -32.97
N GLU C 329 33.34 35.05 -32.72
CA GLU C 329 34.40 34.17 -32.31
C GLU C 329 35.31 33.89 -33.50
N ASN C 330 34.84 34.22 -34.69
CA ASN C 330 35.63 34.00 -35.89
C ASN C 330 36.01 35.31 -36.55
N GLY C 331 36.37 36.30 -35.74
CA GLY C 331 36.75 37.60 -36.27
C GLY C 331 35.66 38.60 -36.00
N LEU C 332 34.93 38.98 -37.05
CA LEU C 332 33.80 39.93 -36.99
C LEU C 332 33.40 40.42 -35.61
N SER C 333 33.12 41.71 -35.53
CA SER C 333 32.67 42.32 -34.29
C SER C 333 31.18 42.06 -34.19
N GLU C 334 30.68 41.95 -32.96
CA GLU C 334 29.25 41.72 -32.77
C GLU C 334 28.43 42.74 -33.55
N GLN C 335 28.97 43.94 -33.71
CA GLN C 335 28.25 44.99 -34.41
C GLN C 335 28.12 44.70 -35.90
N GLU C 336 29.21 44.29 -36.54
CA GLU C 336 29.14 44.02 -37.96
C GLU C 336 28.56 42.63 -38.23
N ALA C 337 28.54 41.83 -37.19
CA ALA C 337 27.99 40.51 -37.32
C ALA C 337 26.51 40.78 -37.51
N GLN C 338 25.92 41.44 -36.52
CA GLN C 338 24.49 41.75 -36.57
C GLN C 338 24.04 42.31 -37.91
N LYS C 339 24.86 43.18 -38.49
CA LYS C 339 24.51 43.82 -39.76
C LYS C 339 24.42 42.87 -40.96
N LYS C 340 24.81 41.61 -40.77
CA LYS C 340 24.74 40.62 -41.84
C LYS C 340 23.40 39.89 -41.79
N ILE C 341 22.67 40.08 -40.68
CA ILE C 341 21.37 39.45 -40.47
C ILE C 341 20.23 40.44 -40.67
N TRP C 342 19.22 40.00 -41.41
CA TRP C 342 18.03 40.78 -41.72
C TRP C 342 16.81 39.95 -41.35
N PHE C 344 12.31 39.54 -41.66
CA PHE C 344 11.09 39.90 -42.35
C PHE C 344 9.93 39.19 -41.66
N ASP C 345 9.17 39.91 -40.85
CA ASP C 345 8.03 39.29 -40.18
C ASP C 345 6.71 39.61 -40.87
N LYS C 346 5.60 39.26 -40.21
CA LYS C 346 4.26 39.47 -40.78
C LYS C 346 3.93 40.87 -41.24
N TYR C 347 4.73 41.86 -40.88
CA TYR C 347 4.48 43.24 -41.31
C TYR C 347 5.54 43.65 -42.31
N GLY C 348 6.40 42.72 -42.69
CA GLY C 348 7.44 43.04 -43.65
C GLY C 348 8.86 43.10 -43.09
N LEU C 349 9.72 43.82 -43.79
CA LEU C 349 11.12 43.94 -43.39
C LEU C 349 11.34 44.76 -42.13
N LEU C 350 12.05 44.21 -41.16
CA LEU C 350 12.35 44.94 -39.95
C LEU C 350 13.38 45.99 -40.34
N VAL C 351 12.95 47.24 -40.38
CA VAL C 351 13.84 48.35 -40.71
C VAL C 351 13.58 49.51 -39.75
N LYS C 352 14.64 50.22 -39.40
CA LYS C 352 14.55 51.34 -38.48
C LYS C 352 13.47 52.28 -38.98
N GLY C 353 12.62 52.70 -38.05
CA GLY C 353 11.56 53.63 -38.35
C GLY C 353 10.32 53.10 -39.04
N ARG C 354 10.13 51.79 -39.08
CA ARG C 354 8.93 51.27 -39.72
C ARG C 354 7.75 51.47 -38.78
N LYS C 355 6.53 51.45 -39.32
CA LYS C 355 5.34 51.63 -38.50
C LYS C 355 5.13 50.50 -37.50
N ALA C 356 5.14 49.27 -37.97
CA ALA C 356 4.99 48.14 -37.06
C ALA C 356 6.08 48.27 -36.01
N LYS C 357 5.85 47.68 -34.84
CA LYS C 357 6.82 47.78 -33.77
C LYS C 357 7.92 46.73 -33.81
N ILE C 358 9.10 47.12 -33.34
CA ILE C 358 10.25 46.25 -33.26
C ILE C 358 10.46 46.25 -31.77
N ASP C 359 11.08 45.20 -31.21
CA ASP C 359 11.29 45.18 -29.77
C ASP C 359 12.77 45.19 -29.37
N SER C 360 13.01 45.07 -28.08
CA SER C 360 14.35 45.06 -27.52
C SER C 360 15.28 44.05 -28.20
N TYR C 361 14.77 42.85 -28.47
CA TYR C 361 15.59 41.81 -29.06
C TYR C 361 15.86 41.91 -30.54
N GLN C 362 14.98 42.61 -31.26
CA GLN C 362 15.11 42.78 -32.68
C GLN C 362 15.83 44.04 -33.09
N GLU C 363 15.99 44.97 -32.16
CA GLU C 363 16.66 46.21 -32.50
C GLU C 363 18.00 46.00 -33.19
N PRO C 364 18.82 45.06 -32.70
CA PRO C 364 20.13 44.81 -33.32
C PRO C 364 20.05 44.34 -34.79
N PHE C 365 18.86 43.94 -35.23
CA PHE C 365 18.70 43.43 -36.58
C PHE C 365 17.77 44.27 -37.43
N THR C 366 17.42 45.44 -36.90
CA THR C 366 16.55 46.38 -37.57
C THR C 366 17.47 47.44 -38.11
N HIS C 367 17.62 47.49 -39.42
CA HIS C 367 18.55 48.42 -40.04
C HIS C 367 17.92 49.51 -40.89
N SER C 368 18.73 50.53 -41.20
CA SER C 368 18.28 51.64 -42.03
C SER C 368 17.74 50.95 -43.26
N ALA C 369 16.49 51.22 -43.62
CA ALA C 369 15.86 50.62 -44.79
C ALA C 369 16.71 50.66 -46.05
N PRO C 370 16.64 49.59 -46.86
CA PRO C 370 17.41 49.51 -48.11
C PRO C 370 16.87 50.50 -49.17
N GLU C 371 17.55 50.58 -50.31
CA GLU C 371 17.17 51.49 -51.39
C GLU C 371 15.68 51.38 -51.71
N SER C 372 15.18 50.17 -51.68
CA SER C 372 13.76 49.95 -51.96
C SER C 372 13.21 49.10 -50.84
N ILE C 373 11.95 49.34 -50.49
CA ILE C 373 11.33 48.56 -49.43
C ILE C 373 10.49 47.42 -49.98
N PRO C 374 10.86 46.17 -49.65
CA PRO C 374 10.16 44.96 -50.09
C PRO C 374 8.73 44.87 -49.62
N ASP C 375 7.83 44.58 -50.55
CA ASP C 375 6.43 44.42 -50.22
C ASP C 375 6.22 42.98 -49.78
N THR C 376 6.83 42.06 -50.53
CA THR C 376 6.74 40.63 -50.25
C THR C 376 8.12 40.05 -50.01
N PHE C 377 8.16 38.85 -49.46
CA PHE C 377 9.44 38.19 -49.17
C PHE C 377 10.33 37.96 -50.37
N GLU C 378 9.71 37.83 -51.54
CA GLU C 378 10.44 37.63 -52.79
C GLU C 378 11.18 38.93 -53.11
N ASP C 379 10.54 40.05 -52.80
CA ASP C 379 11.10 41.38 -53.00
C ASP C 379 12.31 41.50 -52.13
N ALA C 380 12.18 41.00 -50.91
CA ALA C 380 13.27 41.05 -49.97
C ALA C 380 14.47 40.30 -50.53
N VAL C 381 14.25 39.06 -50.96
CA VAL C 381 15.31 38.22 -51.51
C VAL C 381 16.05 38.85 -52.69
N ASN C 382 15.36 39.68 -53.43
CA ASN C 382 15.97 40.33 -54.59
C ASN C 382 16.64 41.65 -54.28
N ILE C 383 16.06 42.38 -53.33
CA ILE C 383 16.65 43.64 -52.94
C ILE C 383 17.85 43.28 -52.07
N LEU C 384 17.64 42.38 -51.13
CA LEU C 384 18.69 42.00 -50.22
C LEU C 384 19.72 41.05 -50.80
N LYS C 385 19.27 40.09 -51.59
CA LYS C 385 20.19 39.11 -52.20
C LYS C 385 21.01 38.37 -51.17
N PRO C 386 20.35 37.70 -50.23
CA PRO C 386 21.04 36.94 -49.18
C PRO C 386 21.57 35.60 -49.66
N SER C 387 22.57 35.10 -48.95
CA SER C 387 23.17 33.80 -49.27
C SER C 387 22.39 32.71 -48.56
N THR C 388 21.74 33.09 -47.46
CA THR C 388 20.97 32.17 -46.65
C THR C 388 19.58 32.70 -46.35
N ILE C 389 18.62 31.79 -46.41
CA ILE C 389 17.24 32.11 -46.17
C ILE C 389 16.74 31.14 -45.10
N ILE C 390 16.33 31.69 -43.95
CA ILE C 390 15.84 30.86 -42.85
C ILE C 390 14.36 31.11 -42.54
N GLY C 391 13.51 30.14 -42.89
CA GLY C 391 12.08 30.24 -42.67
C GLY C 391 11.70 29.71 -41.32
N VAL C 392 10.97 30.51 -40.56
CA VAL C 392 10.60 30.10 -39.23
C VAL C 392 9.40 30.93 -38.73
N ALA C 393 8.46 31.16 -39.65
CA ALA C 393 7.25 31.93 -39.36
C ALA C 393 6.10 31.08 -38.88
N GLY C 394 6.09 29.82 -39.31
CA GLY C 394 5.00 28.92 -38.93
C GLY C 394 3.73 29.31 -39.65
N ALA C 395 3.88 29.94 -40.82
CA ALA C 395 2.76 30.42 -41.63
C ALA C 395 2.41 29.64 -42.91
N GLY C 396 3.10 28.54 -43.20
CA GLY C 396 2.79 27.81 -44.42
C GLY C 396 3.88 27.94 -45.47
N ARG C 397 3.52 27.75 -46.74
CA ARG C 397 4.47 27.81 -47.83
C ARG C 397 4.78 29.25 -48.27
N LEU C 398 5.59 29.96 -47.50
CA LEU C 398 5.92 31.33 -47.84
C LEU C 398 7.16 31.41 -48.74
N PHE C 399 7.89 30.30 -48.81
CA PHE C 399 9.06 30.19 -49.67
C PHE C 399 8.45 29.66 -50.99
N THR C 400 7.85 30.57 -51.76
CA THR C 400 7.20 30.25 -53.02
C THR C 400 8.24 29.84 -54.03
N PRO C 401 7.83 29.07 -55.06
CA PRO C 401 8.79 28.65 -56.08
C PRO C 401 9.63 29.83 -56.58
N ASP C 402 9.03 31.00 -56.67
CA ASP C 402 9.76 32.18 -57.12
C ASP C 402 10.81 32.61 -56.14
N VAL C 403 10.48 32.51 -54.85
CA VAL C 403 11.43 32.85 -53.81
C VAL C 403 12.59 31.90 -54.05
N ILE C 404 12.24 30.64 -54.36
CA ILE C 404 13.24 29.61 -54.58
C ILE C 404 14.03 29.82 -55.83
N ARG C 405 13.35 30.03 -56.95
CA ARG C 405 14.05 30.25 -58.20
C ARG C 405 14.93 31.50 -58.05
N ALA C 406 14.44 32.47 -57.28
CA ALA C 406 15.16 33.72 -57.05
C ALA C 406 16.48 33.46 -56.34
N ALA C 408 18.27 30.51 -56.15
CA ALA C 408 19.19 29.73 -56.99
C ALA C 408 19.84 30.62 -58.06
N SER C 409 19.17 31.71 -58.39
CA SER C 409 19.70 32.62 -59.39
C SER C 409 20.66 33.57 -58.71
N ILE C 410 20.36 33.94 -57.48
CA ILE C 410 21.22 34.85 -56.74
C ILE C 410 22.46 34.13 -56.27
N ASN C 411 22.34 32.86 -55.91
CA ASN C 411 23.49 32.10 -55.43
C ASN C 411 23.72 30.80 -56.16
N GLU C 412 25.00 30.37 -56.22
CA GLU C 412 25.32 29.11 -56.89
C GLU C 412 24.81 28.00 -56.01
N ARG C 413 25.12 28.11 -54.73
CA ARG C 413 24.65 27.15 -53.75
C ARG C 413 23.85 27.88 -52.65
N PRO C 414 22.56 28.19 -52.93
CA PRO C 414 21.78 28.88 -51.91
C PRO C 414 21.53 27.96 -50.72
N VAL C 415 21.39 28.53 -49.53
CA VAL C 415 21.13 27.74 -48.35
C VAL C 415 19.67 28.04 -48.00
N ILE C 416 18.83 27.00 -47.95
CA ILE C 416 17.41 27.17 -47.67
C ILE C 416 16.93 26.38 -46.47
N PHE C 417 16.43 27.09 -45.46
CA PHE C 417 15.96 26.44 -44.25
C PHE C 417 14.46 26.68 -44.00
N ALA C 418 13.68 25.61 -44.11
CA ALA C 418 12.23 25.65 -43.88
C ALA C 418 12.02 24.92 -42.55
N LEU C 419 12.21 25.66 -41.45
CA LEU C 419 12.12 25.08 -40.10
C LEU C 419 10.79 25.04 -39.37
N SER C 420 9.77 25.73 -39.85
CA SER C 420 8.48 25.72 -39.18
C SER C 420 7.82 24.34 -39.18
N ASN C 421 7.20 23.99 -38.07
CA ASN C 421 6.50 22.71 -37.91
C ASN C 421 5.05 23.03 -37.64
N PRO C 422 4.14 22.08 -37.93
CA PRO C 422 4.47 20.77 -38.49
C PRO C 422 4.58 20.94 -40.00
N THR C 423 4.70 19.82 -40.71
CA THR C 423 4.83 19.84 -42.16
C THR C 423 3.92 20.84 -42.90
N ALA C 424 2.65 20.93 -42.51
CA ALA C 424 1.72 21.87 -43.17
C ALA C 424 2.08 23.34 -43.00
N GLN C 425 2.83 23.67 -41.95
CA GLN C 425 3.26 25.06 -41.66
C GLN C 425 4.58 25.40 -42.33
N ALA C 426 5.30 24.38 -42.78
CA ALA C 426 6.60 24.52 -43.42
C ALA C 426 6.60 25.47 -44.61
N GLU C 427 7.68 26.24 -44.75
CA GLU C 427 7.82 27.20 -45.84
C GLU C 427 7.89 26.60 -47.24
N CYS C 428 8.36 25.36 -47.33
CA CYS C 428 8.45 24.64 -48.58
C CYS C 428 8.90 23.21 -48.31
N THR C 429 8.88 22.36 -49.33
CA THR C 429 9.28 20.96 -49.17
C THR C 429 10.64 20.73 -49.78
N ALA C 430 11.26 19.60 -49.44
CA ALA C 430 12.56 19.27 -50.00
C ALA C 430 12.37 19.21 -51.50
N GLU C 431 11.35 18.47 -51.94
CA GLU C 431 11.04 18.34 -53.35
C GLU C 431 11.10 19.66 -54.10
N GLU C 432 10.53 20.70 -53.53
CA GLU C 432 10.52 22.01 -54.18
C GLU C 432 11.89 22.66 -54.09
N ALA C 433 12.54 22.53 -52.94
CA ALA C 433 13.86 23.11 -52.73
C ALA C 433 14.85 22.58 -53.76
N TYR C 434 15.06 21.27 -53.75
CA TYR C 434 15.99 20.61 -54.68
C TYR C 434 15.67 20.73 -56.16
N THR C 435 14.45 20.36 -56.55
CA THR C 435 14.07 20.41 -57.94
C THR C 435 14.08 21.82 -58.51
N LEU C 436 13.60 22.81 -57.74
CA LEU C 436 13.55 24.21 -58.21
C LEU C 436 14.91 24.89 -58.36
N THR C 437 15.91 24.38 -57.64
CA THR C 437 17.27 24.93 -57.68
C THR C 437 18.24 24.03 -58.44
N GLU C 438 17.70 22.93 -58.99
CA GLU C 438 18.50 21.98 -59.75
C GLU C 438 19.53 21.31 -58.86
N GLY C 439 19.07 20.78 -57.73
CA GLY C 439 19.97 20.10 -56.81
C GLY C 439 21.17 20.90 -56.32
N ARG C 440 21.13 22.21 -56.54
CA ARG C 440 22.22 23.08 -56.11
C ARG C 440 22.10 23.49 -54.64
N CYS C 441 20.90 23.89 -54.25
CA CYS C 441 20.61 24.30 -52.90
C CYS C 441 21.14 23.35 -51.83
N LEU C 442 21.14 23.85 -50.60
CA LEU C 442 21.58 23.11 -49.42
C LEU C 442 20.40 23.29 -48.47
N PHE C 443 19.60 22.24 -48.37
CA PHE C 443 18.37 22.23 -47.61
C PHE C 443 18.34 21.55 -46.25
N ALA C 444 17.45 22.09 -45.40
CA ALA C 444 17.19 21.58 -44.05
C ALA C 444 15.76 22.04 -43.74
N SER C 445 14.99 21.16 -43.10
CA SER C 445 13.60 21.45 -42.75
C SER C 445 13.37 21.03 -41.30
N GLY C 446 12.35 21.60 -40.66
CA GLY C 446 12.09 21.25 -39.29
C GLY C 446 11.38 19.94 -39.18
N SER C 447 10.57 19.63 -40.17
CA SER C 447 9.82 18.37 -40.19
C SER C 447 10.40 17.37 -41.17
N PRO C 448 10.11 16.08 -40.98
CA PRO C 448 10.63 15.01 -41.84
C PRO C 448 10.23 15.10 -43.31
N PHE C 449 11.22 14.93 -44.18
CA PHE C 449 11.01 14.94 -45.62
C PHE C 449 11.83 13.80 -46.21
N GLY C 450 11.23 13.03 -47.11
CA GLY C 450 11.97 11.92 -47.69
C GLY C 450 12.98 12.34 -48.75
N PRO C 451 13.88 11.42 -49.16
CA PRO C 451 14.90 11.65 -50.18
C PRO C 451 14.24 12.04 -51.49
N VAL C 452 14.91 12.88 -52.27
CA VAL C 452 14.37 13.35 -53.53
C VAL C 452 15.28 13.01 -54.70
N LYS C 453 14.75 12.22 -55.62
CA LYS C 453 15.52 11.86 -56.78
C LYS C 453 15.12 12.79 -57.90
N LEU C 454 16.10 13.49 -58.46
CA LEU C 454 15.79 14.40 -59.53
C LEU C 454 15.63 13.56 -60.78
N THR C 455 15.07 14.15 -61.82
CA THR C 455 14.88 13.42 -63.07
C THR C 455 16.24 13.02 -63.62
N ASP C 456 17.26 13.82 -63.33
CA ASP C 456 18.59 13.50 -63.83
C ASP C 456 19.24 12.43 -62.97
N GLY C 457 18.42 11.73 -62.19
CA GLY C 457 18.91 10.64 -61.36
C GLY C 457 19.51 10.96 -59.99
N ARG C 458 19.99 12.18 -59.81
CA ARG C 458 20.58 12.61 -58.55
C ARG C 458 19.59 12.43 -57.41
N VAL C 459 20.03 11.86 -56.30
CA VAL C 459 19.16 11.66 -55.15
C VAL C 459 19.68 12.40 -53.93
N PHE C 460 18.89 13.34 -53.43
CA PHE C 460 19.29 14.11 -52.25
C PHE C 460 18.47 13.69 -51.05
N THR C 461 19.17 13.49 -49.93
CA THR C 461 18.56 13.11 -48.67
C THR C 461 18.61 14.33 -47.75
N PRO C 462 17.50 15.09 -47.64
CA PRO C 462 17.46 16.27 -46.79
C PRO C 462 17.65 15.98 -45.32
N GLY C 463 18.21 16.95 -44.59
CA GLY C 463 18.41 16.78 -43.17
C GLY C 463 17.32 17.52 -42.41
N GLN C 464 17.07 17.06 -41.19
CA GLN C 464 16.05 17.68 -40.34
C GLN C 464 16.60 18.59 -39.26
N GLY C 465 16.45 19.89 -39.49
CA GLY C 465 16.88 20.90 -38.54
C GLY C 465 15.85 20.98 -37.43
N ASN C 466 15.96 20.06 -36.48
CA ASN C 466 15.05 20.01 -35.36
C ASN C 466 15.84 19.98 -34.07
N ASN C 467 15.38 20.76 -33.09
CA ASN C 467 16.05 20.87 -31.80
C ASN C 467 16.12 19.55 -31.04
N VAL C 468 15.44 18.52 -31.54
CA VAL C 468 15.47 17.22 -30.90
C VAL C 468 16.88 16.67 -31.00
N TYR C 469 17.66 17.26 -31.90
CA TYR C 469 19.05 16.89 -32.11
C TYR C 469 19.90 17.51 -30.99
N ILE C 470 19.35 18.55 -30.37
CA ILE C 470 20.06 19.28 -29.32
C ILE C 470 19.56 19.09 -27.87
N PHE C 471 18.27 19.30 -27.62
CA PHE C 471 17.84 19.21 -26.23
C PHE C 471 18.11 17.91 -25.47
N PRO C 472 17.97 16.74 -26.11
CA PRO C 472 18.25 15.54 -25.32
C PRO C 472 19.70 15.44 -24.86
N GLY C 473 20.63 15.79 -25.74
CA GLY C 473 22.03 15.70 -25.37
C GLY C 473 22.42 16.75 -24.35
N VAL C 474 21.96 17.96 -24.59
CA VAL C 474 22.27 19.05 -23.66
C VAL C 474 21.66 18.78 -22.29
N ALA C 475 20.43 18.27 -22.28
CA ALA C 475 19.75 17.98 -21.01
C ALA C 475 20.49 16.96 -20.17
N LEU C 476 20.93 15.86 -20.78
CA LEU C 476 21.64 14.83 -20.03
C LEU C 476 22.89 15.37 -19.38
N ALA C 477 23.66 16.17 -20.12
CA ALA C 477 24.89 16.76 -19.60
C ALA C 477 24.60 17.62 -18.37
N VAL C 478 23.73 18.62 -18.55
CA VAL C 478 23.38 19.52 -17.47
C VAL C 478 22.92 18.79 -16.21
N ILE C 479 22.17 17.70 -16.38
CA ILE C 479 21.69 16.94 -15.24
C ILE C 479 22.84 16.24 -14.56
N LEU C 480 23.56 15.43 -15.34
CA LEU C 480 24.69 14.67 -14.84
C LEU C 480 25.76 15.51 -14.18
N CYS C 481 25.90 16.75 -14.64
CA CYS C 481 26.91 17.69 -14.13
C CYS C 481 26.45 18.51 -12.95
N ASN C 482 25.19 18.36 -12.54
CA ASN C 482 24.62 19.14 -11.44
C ASN C 482 24.85 20.62 -11.72
N THR C 483 24.73 21.02 -12.98
CA THR C 483 24.91 22.42 -13.37
C THR C 483 23.75 23.25 -12.83
N ARG C 484 24.05 24.48 -12.42
CA ARG C 484 23.06 25.38 -11.84
C ARG C 484 22.31 26.28 -12.78
N HIS C 485 22.99 26.75 -13.82
CA HIS C 485 22.37 27.62 -14.80
C HIS C 485 22.97 27.30 -16.15
N ILE C 486 22.18 27.48 -17.20
CA ILE C 486 22.62 27.18 -18.53
C ILE C 486 22.88 28.41 -19.37
N SER C 487 24.15 28.67 -19.68
CA SER C 487 24.52 29.83 -20.48
C SER C 487 24.37 29.56 -21.97
N ASP C 488 24.27 30.64 -22.74
CA ASP C 488 24.14 30.57 -24.18
C ASP C 488 25.32 29.84 -24.85
N SER C 489 26.53 30.05 -24.32
CA SER C 489 27.73 29.41 -24.89
C SER C 489 27.67 27.88 -24.80
N VAL C 490 26.78 27.36 -23.97
CA VAL C 490 26.63 25.93 -23.82
C VAL C 490 25.90 25.39 -25.04
N PHE C 491 25.07 26.23 -25.67
CA PHE C 491 24.34 25.82 -26.87
C PHE C 491 25.20 26.02 -28.08
N LEU C 492 26.20 26.91 -27.94
CA LEU C 492 27.15 27.18 -29.00
C LEU C 492 28.01 25.94 -29.16
N GLU C 493 28.37 25.36 -28.01
CA GLU C 493 29.21 24.19 -27.92
C GLU C 493 28.45 22.93 -28.32
N ALA C 494 27.14 22.96 -28.16
CA ALA C 494 26.33 21.82 -28.50
C ALA C 494 26.13 21.82 -30.02
N ALA C 495 26.34 22.98 -30.64
CA ALA C 495 26.19 23.12 -32.09
C ALA C 495 27.42 22.54 -32.76
N LYS C 496 28.58 22.86 -32.19
CA LYS C 496 29.84 22.37 -32.69
C LYS C 496 29.87 20.86 -32.51
N ALA C 497 29.48 20.39 -31.33
CA ALA C 497 29.49 18.95 -31.05
C ALA C 497 28.53 18.15 -31.92
N LEU C 498 27.56 18.82 -32.52
CA LEU C 498 26.60 18.13 -33.34
C LEU C 498 27.14 18.09 -34.76
N THR C 499 27.61 19.24 -35.23
CA THR C 499 28.15 19.35 -36.57
C THR C 499 29.44 18.56 -36.71
N SER C 500 30.15 18.39 -35.60
CA SER C 500 31.41 17.67 -35.63
C SER C 500 31.19 16.18 -35.79
N GLN C 501 29.93 15.76 -35.96
CA GLN C 501 29.66 14.35 -36.11
C GLN C 501 29.19 13.97 -37.50
N LEU C 502 29.02 14.98 -38.36
CA LEU C 502 28.59 14.76 -39.72
C LEU C 502 29.79 14.27 -40.54
N THR C 503 29.67 13.08 -41.12
CA THR C 503 30.72 12.51 -41.94
C THR C 503 30.66 13.09 -43.34
N ASP C 504 31.79 13.06 -44.02
CA ASP C 504 31.92 13.57 -45.37
C ASP C 504 30.97 12.84 -46.32
N GLU C 505 30.82 11.53 -46.12
CA GLU C 505 29.93 10.74 -46.97
C GLU C 505 28.47 11.20 -46.80
N GLU C 506 28.08 11.41 -45.55
CA GLU C 506 26.73 11.87 -45.23
C GLU C 506 26.56 13.27 -45.80
N LEU C 507 27.64 14.05 -45.76
CA LEU C 507 27.63 15.41 -46.28
C LEU C 507 27.44 15.34 -47.77
N ALA C 508 28.11 14.35 -48.35
CA ALA C 508 28.07 14.10 -49.77
C ALA C 508 26.66 13.86 -50.30
N GLN C 509 25.78 13.30 -49.48
CA GLN C 509 24.43 13.03 -49.94
C GLN C 509 23.38 14.10 -49.64
N GLY C 510 23.83 15.32 -49.33
CA GLY C 510 22.92 16.42 -49.03
C GLY C 510 22.51 16.59 -47.57
N ARG C 511 22.99 15.71 -46.69
CA ARG C 511 22.68 15.77 -45.27
C ARG C 511 23.49 16.84 -44.58
N LEU C 512 22.80 17.80 -43.95
CA LEU C 512 23.48 18.84 -43.21
C LEU C 512 23.48 18.42 -41.75
N TYR C 513 22.98 17.20 -41.50
CA TYR C 513 22.91 16.64 -40.15
C TYR C 513 23.11 15.14 -40.20
N PRO C 514 23.64 14.56 -39.11
CA PRO C 514 23.88 13.12 -39.02
C PRO C 514 22.54 12.42 -39.14
N PRO C 515 22.51 11.26 -39.79
CA PRO C 515 21.24 10.52 -39.95
C PRO C 515 20.46 10.47 -38.63
N LEU C 516 19.13 10.47 -38.72
CA LEU C 516 18.33 10.42 -37.52
C LEU C 516 18.32 9.03 -36.93
N ALA C 517 18.86 8.07 -37.69
CA ALA C 517 18.92 6.69 -37.25
C ALA C 517 19.95 6.60 -36.12
N ASN C 518 20.94 7.49 -36.17
CA ASN C 518 21.98 7.53 -35.14
C ASN C 518 21.78 8.66 -34.13
N ILE C 519 20.53 9.12 -33.94
CA ILE C 519 20.24 10.21 -33.02
C ILE C 519 20.64 9.91 -31.57
N GLN C 520 20.47 8.66 -31.15
CA GLN C 520 20.81 8.23 -29.81
C GLN C 520 22.31 8.40 -29.52
N GLU C 521 23.14 7.94 -30.44
CA GLU C 521 24.58 8.04 -30.24
C GLU C 521 25.05 9.45 -30.47
N VAL C 522 24.38 10.18 -31.36
CA VAL C 522 24.76 11.56 -31.64
C VAL C 522 24.50 12.37 -30.36
N SER C 523 23.34 12.12 -29.76
CA SER C 523 22.94 12.79 -28.54
C SER C 523 23.91 12.54 -27.39
N ILE C 524 24.30 11.29 -27.16
CA ILE C 524 25.23 11.00 -26.09
C ILE C 524 26.60 11.63 -26.36
N ASN C 525 27.02 11.66 -27.62
CA ASN C 525 28.32 12.24 -27.96
C ASN C 525 28.29 13.73 -27.68
N ILE C 526 27.13 14.35 -27.91
CA ILE C 526 26.95 15.77 -27.64
C ILE C 526 26.93 15.92 -26.14
N ALA C 527 26.34 14.94 -25.46
CA ALA C 527 26.27 14.97 -24.02
C ALA C 527 27.68 15.05 -23.46
N ILE C 528 28.55 14.13 -23.90
CA ILE C 528 29.92 14.12 -23.43
C ILE C 528 30.68 15.41 -23.71
N LYS C 529 30.51 15.95 -24.91
CA LYS C 529 31.20 17.20 -25.25
C LYS C 529 30.73 18.34 -24.34
N VAL C 530 29.43 18.42 -24.09
CA VAL C 530 28.94 19.49 -23.23
C VAL C 530 29.43 19.30 -21.78
N THR C 531 29.51 18.06 -21.30
CA THR C 531 30.00 17.85 -19.93
C THR C 531 31.45 18.26 -19.81
N GLU C 532 32.22 17.88 -20.82
CA GLU C 532 33.63 18.22 -20.86
C GLU C 532 33.74 19.75 -20.76
N TYR C 533 32.88 20.43 -21.52
CA TYR C 533 32.83 21.88 -21.55
C TYR C 533 32.44 22.50 -20.19
N LEU C 534 31.39 21.96 -19.60
CA LEU C 534 30.92 22.46 -18.31
C LEU C 534 32.01 22.38 -17.25
N TYR C 535 32.56 21.19 -17.05
CA TYR C 535 33.62 21.05 -16.06
C TYR C 535 34.80 21.96 -16.40
N ALA C 536 35.05 22.12 -17.70
CA ALA C 536 36.15 22.94 -18.17
C ALA C 536 35.94 24.40 -17.84
N ASN C 537 34.68 24.82 -17.76
CA ASN C 537 34.40 26.21 -17.47
C ASN C 537 33.92 26.48 -16.05
N LYS C 538 34.07 25.49 -15.18
CA LYS C 538 33.68 25.68 -13.80
C LYS C 538 32.19 26.01 -13.75
N ALA C 540 30.11 22.91 -13.73
CA ALA C 540 29.60 21.60 -13.33
C ALA C 540 29.91 21.41 -11.86
N PHE C 541 28.91 21.04 -11.08
CA PHE C 541 29.12 20.89 -9.65
C PHE C 541 29.06 19.50 -9.07
N ARG C 542 29.09 18.50 -9.94
CA ARG C 542 29.08 17.11 -9.49
C ARG C 542 30.49 16.74 -9.04
N TYR C 543 30.63 16.30 -7.79
CA TYR C 543 31.94 15.92 -7.29
C TYR C 543 31.97 14.41 -7.07
N PRO C 544 33.11 13.77 -7.33
CA PRO C 544 34.34 14.39 -7.81
C PRO C 544 34.29 14.51 -9.31
N GLU C 545 35.23 15.22 -9.91
CA GLU C 545 35.20 15.35 -11.36
C GLU C 545 35.65 14.06 -11.97
N PRO C 546 34.83 13.51 -12.89
CA PRO C 546 35.10 12.25 -13.59
C PRO C 546 36.29 12.47 -14.52
N GLU C 547 37.36 11.70 -14.34
CA GLU C 547 38.55 11.87 -15.18
C GLU C 547 38.23 11.61 -16.65
N ASP C 548 37.49 10.53 -16.88
CA ASP C 548 37.10 10.12 -18.21
C ASP C 548 35.63 10.42 -18.43
N LYS C 549 35.36 11.59 -18.99
CA LYS C 549 34.00 12.03 -19.24
C LYS C 549 33.19 11.01 -20.03
N ALA C 550 33.72 10.61 -21.19
CA ALA C 550 33.03 9.66 -22.05
C ALA C 550 32.43 8.46 -21.32
N LYS C 551 33.22 7.74 -20.54
CA LYS C 551 32.72 6.58 -19.81
C LYS C 551 31.77 6.98 -18.68
N TYR C 552 32.03 8.13 -18.09
CA TYR C 552 31.21 8.63 -17.01
C TYR C 552 29.78 8.72 -17.50
N VAL C 553 29.60 9.28 -18.69
CA VAL C 553 28.27 9.45 -19.28
C VAL C 553 27.61 8.14 -19.71
N LYS C 554 28.25 7.41 -20.60
CA LYS C 554 27.69 6.15 -21.08
C LYS C 554 27.42 5.23 -19.93
N GLU C 555 28.17 5.39 -18.85
CA GLU C 555 28.01 4.57 -17.66
C GLU C 555 26.64 4.85 -17.00
N ARG C 556 26.06 6.02 -17.27
CA ARG C 556 24.81 6.38 -16.64
C ARG C 556 23.61 6.68 -17.54
N THR C 557 23.44 5.92 -18.60
CA THR C 557 22.30 6.13 -19.47
C THR C 557 21.30 5.04 -19.17
N TRP C 558 20.03 5.40 -19.10
CA TRP C 558 18.97 4.46 -18.80
C TRP C 558 18.76 3.49 -19.97
N ARG C 559 18.70 2.19 -19.68
CA ARG C 559 18.54 1.17 -20.72
C ARG C 559 17.14 0.59 -20.76
N SER C 560 16.73 0.11 -21.93
CA SER C 560 15.38 -0.44 -22.13
C SER C 560 15.21 -1.92 -21.82
N GLU C 561 16.28 -2.59 -21.47
CA GLU C 561 16.21 -4.01 -21.17
C GLU C 561 15.54 -4.26 -19.84
N TYR C 562 14.67 -5.26 -19.79
CA TYR C 562 13.98 -5.56 -18.55
C TYR C 562 15.01 -5.88 -17.49
N ASP C 563 14.79 -5.35 -16.28
CA ASP C 563 15.68 -5.60 -15.15
C ASP C 563 15.00 -6.68 -14.33
N SER C 564 15.76 -7.35 -13.47
CA SER C 564 15.18 -8.40 -12.64
C SER C 564 14.52 -7.83 -11.38
N LEU C 565 13.33 -8.34 -11.07
CA LEU C 565 12.60 -7.90 -9.90
C LEU C 565 12.80 -8.83 -8.72
N LEU C 566 13.49 -9.94 -8.95
CA LEU C 566 13.72 -10.89 -7.87
C LEU C 566 14.52 -10.29 -6.72
N PRO C 567 14.21 -10.72 -5.48
CA PRO C 567 14.90 -10.22 -4.29
C PRO C 567 16.31 -10.78 -4.23
N ASP C 568 17.12 -10.26 -3.32
CA ASP C 568 18.50 -10.71 -3.16
C ASP C 568 18.64 -11.84 -2.14
N VAL C 569 18.37 -13.06 -2.58
CA VAL C 569 18.47 -14.24 -1.72
C VAL C 569 19.86 -14.89 -1.89
N TYR C 570 20.41 -15.34 -0.77
CA TYR C 570 21.70 -15.95 -0.72
C TYR C 570 21.83 -16.61 0.63
N GLU C 571 22.62 -17.67 0.70
CA GLU C 571 22.82 -18.42 1.93
C GLU C 571 23.79 -17.73 2.87
N TRP C 572 23.73 -18.08 4.15
CA TRP C 572 24.61 -17.51 5.15
C TRP C 572 25.65 -18.53 5.62
N PRO C 573 26.92 -18.10 5.78
CA PRO C 573 28.03 -18.95 6.22
C PRO C 573 27.84 -19.54 7.61
N ILE D 21 -13.08 1.84 -0.20
CA ILE D 21 -11.77 2.23 -0.82
C ILE D 21 -10.78 2.61 0.27
N LYS D 22 -9.57 2.05 0.21
CA LYS D 22 -8.57 2.37 1.21
C LYS D 22 -7.32 2.99 0.62
N GLU D 23 -7.36 3.34 -0.66
CA GLU D 23 -6.17 3.92 -1.27
C GLU D 23 -6.40 5.27 -1.89
N LYS D 24 -5.39 6.12 -1.79
CA LYS D 24 -5.46 7.45 -2.36
C LYS D 24 -4.32 7.71 -3.33
N GLY D 25 -4.44 8.79 -4.08
CA GLY D 25 -3.40 9.13 -5.04
C GLY D 25 -3.49 8.34 -6.32
N LYS D 26 -2.42 8.40 -7.10
CA LYS D 26 -2.34 7.71 -8.38
C LYS D 26 -2.96 6.31 -8.42
N PRO D 27 -2.75 5.50 -7.36
CA PRO D 27 -3.32 4.15 -7.35
C PRO D 27 -4.80 4.06 -7.64
N LEU D 28 -5.53 5.15 -7.40
CA LEU D 28 -6.97 5.14 -7.63
C LEU D 28 -7.27 5.26 -9.13
N LEU D 30 -5.05 4.15 -11.46
CA LEU D 30 -4.52 2.94 -12.08
C LEU D 30 -5.52 1.81 -11.95
N ASN D 31 -6.11 1.67 -10.77
CA ASN D 31 -7.11 0.63 -10.55
C ASN D 31 -8.34 1.07 -11.35
N PRO D 32 -8.77 0.26 -12.35
CA PRO D 32 -9.94 0.59 -13.17
C PRO D 32 -11.27 0.42 -12.47
N ARG D 33 -11.27 -0.34 -11.39
CA ARG D 33 -12.48 -0.57 -10.63
C ARG D 33 -12.84 0.65 -9.79
N THR D 34 -11.94 1.62 -9.73
CA THR D 34 -12.13 2.85 -8.95
C THR D 34 -12.00 4.10 -9.83
N ASN D 35 -11.14 4.02 -10.84
CA ASN D 35 -10.88 5.12 -11.76
C ASN D 35 -12.15 5.72 -12.36
N LYS D 36 -12.26 7.05 -12.36
CA LYS D 36 -13.43 7.73 -12.89
C LYS D 36 -12.97 8.63 -14.01
N GLY D 37 -11.66 8.75 -14.17
CA GLY D 37 -11.13 9.62 -15.19
C GLY D 37 -11.42 11.04 -14.77
N ALA D 39 -13.83 12.30 -14.35
CA ALA D 39 -15.14 12.30 -13.73
C ALA D 39 -15.01 12.52 -12.22
N PHE D 40 -13.78 12.43 -11.71
CA PHE D 40 -13.56 12.65 -10.28
C PHE D 40 -13.94 14.11 -10.06
N THR D 41 -14.75 14.38 -9.04
CA THR D 41 -15.16 15.76 -8.75
C THR D 41 -13.95 16.49 -8.18
N LEU D 42 -13.98 17.81 -8.20
CA LEU D 42 -12.85 18.61 -7.70
C LEU D 42 -12.58 18.34 -6.23
N GLN D 43 -13.65 18.05 -5.51
CA GLN D 43 -13.59 17.76 -4.10
C GLN D 43 -12.83 16.45 -3.88
N GLU D 44 -13.16 15.45 -4.70
CA GLU D 44 -12.48 14.16 -4.62
C GLU D 44 -11.03 14.29 -5.07
N ARG D 45 -10.78 15.06 -6.12
CA ARG D 45 -9.41 15.23 -6.60
C ARG D 45 -8.56 15.78 -5.46
N GLN D 46 -9.00 16.91 -4.91
CA GLN D 46 -8.32 17.59 -3.80
C GLN D 46 -8.21 16.70 -2.57
N LEU D 48 -8.52 13.29 -2.30
CA LEU D 48 -7.82 12.02 -2.46
C LEU D 48 -6.42 12.09 -3.05
N GLY D 49 -5.93 13.30 -3.27
CA GLY D 49 -4.60 13.48 -3.80
C GLY D 49 -4.40 13.38 -5.30
N LEU D 50 -5.45 13.62 -6.09
CA LEU D 50 -5.38 13.54 -7.54
C LEU D 50 -5.33 14.90 -8.22
N GLN D 51 -5.48 15.97 -7.45
CA GLN D 51 -5.45 17.31 -8.00
C GLN D 51 -4.12 17.56 -8.72
N GLY D 52 -4.17 17.86 -10.01
CA GLY D 52 -2.96 18.11 -10.75
C GLY D 52 -2.62 16.93 -11.63
N LEU D 53 -3.05 15.74 -11.22
CA LEU D 53 -2.79 14.54 -12.01
C LEU D 53 -3.84 14.34 -13.10
N LEU D 54 -4.84 15.21 -13.10
CA LEU D 54 -5.92 15.16 -14.09
C LEU D 54 -6.07 16.55 -14.69
N PRO D 55 -6.51 16.63 -15.95
CA PRO D 55 -6.68 17.97 -16.56
C PRO D 55 -7.72 18.80 -15.82
N PRO D 56 -7.51 20.12 -15.74
CA PRO D 56 -8.40 21.08 -15.06
C PRO D 56 -9.89 20.83 -15.25
N LYS D 57 -10.27 20.21 -16.36
CA LYS D 57 -11.68 19.91 -16.65
C LYS D 57 -12.30 18.83 -15.78
N ILE D 58 -13.59 18.96 -15.54
CA ILE D 58 -14.33 17.95 -14.77
C ILE D 58 -15.47 17.52 -15.69
N GLU D 59 -15.43 16.28 -16.15
CA GLU D 59 -16.44 15.77 -17.06
C GLU D 59 -17.49 14.95 -16.34
N THR D 60 -18.56 14.65 -17.05
CA THR D 60 -19.62 13.85 -16.49
C THR D 60 -19.53 12.53 -17.23
N GLN D 61 -20.15 11.50 -16.68
CA GLN D 61 -20.11 10.23 -17.34
C GLN D 61 -20.74 10.41 -18.70
N ASP D 62 -21.69 11.33 -18.78
CA ASP D 62 -22.39 11.58 -20.03
C ASP D 62 -21.52 12.05 -21.19
N ILE D 63 -20.49 12.85 -20.91
CA ILE D 63 -19.61 13.31 -21.99
C ILE D 63 -18.56 12.26 -22.26
N GLN D 64 -18.24 11.47 -21.25
CA GLN D 64 -17.25 10.43 -21.40
C GLN D 64 -17.74 9.40 -22.40
N ALA D 65 -19.02 9.06 -22.34
CA ALA D 65 -19.61 8.08 -23.26
C ALA D 65 -19.76 8.68 -24.65
N LEU D 66 -19.96 10.00 -24.69
CA LEU D 66 -20.10 10.74 -25.93
C LEU D 66 -18.80 10.63 -26.72
N ARG D 67 -17.68 10.82 -26.02
CA ARG D 67 -16.36 10.72 -26.64
C ARG D 67 -16.19 9.32 -27.20
N PHE D 68 -16.59 8.32 -26.42
CA PHE D 68 -16.45 6.94 -26.86
C PHE D 68 -17.33 6.63 -28.08
N HIS D 69 -18.63 6.87 -27.99
CA HIS D 69 -19.50 6.57 -29.12
C HIS D 69 -19.08 7.28 -30.38
N ARG D 70 -18.54 8.47 -30.21
CA ARG D 70 -18.10 9.26 -31.34
C ARG D 70 -16.84 8.70 -31.96
N ASN D 71 -15.96 8.18 -31.10
CA ASN D 71 -14.69 7.57 -31.50
C ASN D 71 -14.93 6.23 -32.14
N LEU D 72 -15.91 5.52 -31.62
CA LEU D 72 -16.27 4.19 -32.10
C LEU D 72 -16.98 4.24 -33.46
N LYS D 73 -17.80 5.26 -33.68
CA LYS D 73 -18.50 5.39 -34.95
C LYS D 73 -17.52 5.59 -36.10
N LYS D 74 -16.26 5.89 -35.77
CA LYS D 74 -15.23 6.10 -36.77
C LYS D 74 -14.52 4.77 -37.12
N THR D 76 -13.83 1.02 -38.32
CA THR D 76 -14.38 0.27 -39.43
C THR D 76 -14.63 -1.21 -39.16
N SER D 77 -13.66 -1.90 -38.60
CA SER D 77 -13.89 -3.31 -38.35
C SER D 77 -14.26 -3.57 -36.89
N PRO D 78 -15.07 -4.61 -36.66
CA PRO D 78 -15.55 -5.07 -35.36
C PRO D 78 -14.46 -5.50 -34.39
N LEU D 79 -13.40 -6.12 -34.90
CA LEU D 79 -12.34 -6.53 -33.98
C LEU D 79 -11.59 -5.29 -33.47
N GLU D 80 -11.49 -4.27 -34.32
CA GLU D 80 -10.84 -3.02 -33.95
C GLU D 80 -11.75 -2.32 -32.93
N LYS D 81 -13.06 -2.59 -33.01
CA LYS D 81 -14.03 -2.00 -32.10
C LYS D 81 -13.99 -2.79 -30.81
N TYR D 82 -14.01 -4.11 -30.94
CA TYR D 82 -13.94 -5.00 -29.79
C TYR D 82 -12.72 -4.67 -28.94
N ILE D 83 -11.61 -4.37 -29.58
CA ILE D 83 -10.38 -4.02 -28.87
C ILE D 83 -10.54 -2.69 -28.15
N TYR D 84 -11.30 -1.78 -28.74
CA TYR D 84 -11.53 -0.47 -28.16
C TYR D 84 -12.46 -0.50 -26.95
N ILE D 85 -13.53 -1.27 -27.03
CA ILE D 85 -14.46 -1.32 -25.93
C ILE D 85 -13.92 -2.16 -24.78
N GLY D 87 -10.96 -2.43 -23.90
CA GLY D 87 -9.87 -1.73 -23.25
C GLY D 87 -10.39 -0.72 -22.25
N ILE D 88 -11.64 -0.30 -22.44
CA ILE D 88 -12.28 0.66 -21.56
C ILE D 88 -12.44 -0.05 -20.22
N GLN D 89 -12.80 -1.32 -20.29
CA GLN D 89 -12.99 -2.14 -19.10
C GLN D 89 -11.73 -2.21 -18.26
N GLU D 90 -10.58 -2.14 -18.93
CA GLU D 90 -9.30 -2.23 -18.25
C GLU D 90 -8.80 -0.85 -17.85
N ARG D 91 -9.62 0.17 -18.11
CA ARG D 91 -9.26 1.54 -17.77
C ARG D 91 -10.24 2.21 -16.80
N ASN D 92 -11.53 2.11 -17.09
CA ASN D 92 -12.59 2.68 -16.24
C ASN D 92 -13.80 1.76 -16.32
N GLU D 93 -13.91 0.87 -15.35
CA GLU D 93 -15.00 -0.11 -15.30
C GLU D 93 -16.43 0.42 -15.38
N LYS D 94 -16.75 1.45 -14.58
CA LYS D 94 -18.09 2.01 -14.60
C LYS D 94 -18.41 2.64 -15.94
N LEU D 95 -17.41 3.19 -16.60
CA LEU D 95 -17.70 3.80 -17.90
C LEU D 95 -17.91 2.68 -18.92
N PHE D 96 -17.23 1.56 -18.74
CA PHE D 96 -17.32 0.42 -19.64
C PHE D 96 -18.76 -0.09 -19.65
N TYR D 97 -19.31 -0.36 -18.48
CA TYR D 97 -20.68 -0.84 -18.41
C TYR D 97 -21.69 0.24 -18.78
N ARG D 98 -21.29 1.48 -18.70
CA ARG D 98 -22.18 2.56 -19.05
C ARG D 98 -22.38 2.54 -20.56
N ILE D 99 -21.28 2.39 -21.30
CA ILE D 99 -21.38 2.34 -22.76
C ILE D 99 -22.15 1.11 -23.20
N LEU D 100 -21.94 0.01 -22.47
CA LEU D 100 -22.62 -1.23 -22.77
C LEU D 100 -24.11 -0.95 -22.59
N GLN D 101 -24.47 -0.45 -21.42
CA GLN D 101 -25.86 -0.12 -21.11
C GLN D 101 -26.48 0.80 -22.16
N ASP D 102 -25.72 1.80 -22.58
CA ASP D 102 -26.21 2.74 -23.57
C ASP D 102 -26.87 2.13 -24.79
N ASP D 103 -26.32 1.02 -25.32
CA ASP D 103 -26.89 0.35 -26.50
C ASP D 103 -26.42 -1.10 -26.61
N ILE D 104 -26.93 -1.95 -25.74
CA ILE D 104 -26.55 -3.35 -25.71
C ILE D 104 -26.82 -4.11 -27.01
N GLU D 105 -27.87 -3.71 -27.69
CA GLU D 105 -28.27 -4.34 -28.94
C GLU D 105 -27.21 -4.15 -30.01
N SER D 106 -26.59 -2.98 -30.03
CA SER D 106 -25.58 -2.71 -31.04
C SER D 106 -24.22 -3.28 -30.68
N LEU D 107 -23.85 -3.18 -29.41
CA LEU D 107 -22.56 -3.66 -28.96
C LEU D 107 -22.50 -5.15 -28.70
N PRO D 109 -23.04 -7.83 -30.77
CA PRO D 109 -22.28 -8.55 -31.79
C PRO D 109 -20.78 -8.36 -31.73
N ILE D 110 -20.34 -7.26 -31.13
CA ILE D 110 -18.91 -6.98 -31.02
C ILE D 110 -18.34 -7.60 -29.74
N VAL D 111 -18.90 -7.22 -28.62
CA VAL D 111 -18.45 -7.72 -27.33
C VAL D 111 -18.77 -9.22 -27.16
N TYR D 112 -19.64 -9.74 -28.01
CA TYR D 112 -20.06 -11.14 -27.93
C TYR D 112 -20.11 -11.79 -29.34
N THR D 113 -20.88 -12.87 -29.49
CA THR D 113 -20.97 -13.54 -30.79
C THR D 113 -21.56 -12.57 -31.80
N PRO D 114 -20.96 -12.52 -32.99
CA PRO D 114 -19.81 -13.32 -33.44
C PRO D 114 -18.37 -12.80 -33.25
N THR D 115 -18.20 -11.53 -32.91
CA THR D 115 -16.86 -10.98 -32.79
C THR D 115 -16.00 -11.54 -31.68
N VAL D 116 -16.60 -12.09 -30.64
CA VAL D 116 -15.82 -12.67 -29.54
C VAL D 116 -15.05 -13.91 -30.00
N GLY D 117 -15.64 -14.66 -30.93
CA GLY D 117 -14.99 -15.85 -31.43
C GLY D 117 -13.83 -15.43 -32.32
N LEU D 118 -14.05 -14.38 -33.08
CA LEU D 118 -13.05 -13.84 -33.98
C LEU D 118 -11.85 -13.33 -33.18
N ALA D 119 -12.15 -12.70 -32.05
CA ALA D 119 -11.15 -12.17 -31.14
C ALA D 119 -10.34 -13.34 -30.59
N CYS D 120 -11.06 -14.34 -30.08
CA CYS D 120 -10.45 -15.54 -29.52
C CYS D 120 -9.49 -16.17 -30.54
N SER D 121 -9.96 -16.27 -31.78
CA SER D 121 -9.19 -16.83 -32.89
C SER D 121 -7.78 -16.29 -32.96
N GLN D 122 -7.57 -15.07 -32.45
CA GLN D 122 -6.24 -14.47 -32.45
C GLN D 122 -6.01 -13.63 -31.23
N TYR D 123 -6.39 -14.21 -30.10
CA TYR D 123 -6.28 -13.58 -28.81
C TYR D 123 -4.86 -13.13 -28.56
N GLY D 124 -3.90 -14.01 -28.87
CA GLY D 124 -2.48 -13.73 -28.65
C GLY D 124 -1.89 -12.60 -29.46
N HIS D 125 -2.54 -12.23 -30.54
CA HIS D 125 -2.04 -11.16 -31.38
C HIS D 125 -2.54 -9.81 -30.89
N ILE D 126 -3.80 -9.75 -30.49
CA ILE D 126 -4.40 -8.51 -30.02
C ILE D 126 -4.22 -8.31 -28.52
N PHE D 127 -3.47 -9.19 -27.89
CA PHE D 127 -3.25 -9.10 -26.44
C PHE D 127 -2.60 -7.83 -25.98
N ARG D 128 -3.29 -7.12 -25.08
CA ARG D 128 -2.74 -5.91 -24.51
C ARG D 128 -2.51 -6.20 -23.03
N ARG D 129 -3.60 -6.27 -22.27
CA ARG D 129 -3.55 -6.52 -20.83
C ARG D 129 -4.30 -7.77 -20.41
N PRO D 130 -3.74 -8.54 -19.45
CA PRO D 130 -4.40 -9.76 -19.00
C PRO D 130 -5.73 -9.57 -18.28
N LYS D 131 -6.63 -10.52 -18.47
CA LYS D 131 -7.95 -10.51 -17.83
C LYS D 131 -8.24 -11.92 -17.35
N GLY D 132 -8.75 -12.02 -16.13
CA GLY D 132 -9.08 -13.31 -15.56
C GLY D 132 -7.94 -14.06 -14.91
N LEU D 133 -8.25 -15.25 -14.39
CA LEU D 133 -7.29 -16.10 -13.74
C LEU D 133 -6.89 -17.25 -14.67
N PHE D 134 -5.62 -17.60 -14.70
CA PHE D 134 -5.14 -18.68 -15.55
C PHE D 134 -4.59 -19.80 -14.68
N ILE D 135 -4.95 -21.03 -14.99
CA ILE D 135 -4.48 -22.18 -14.24
C ILE D 135 -4.03 -23.28 -15.19
N SER D 136 -2.74 -23.52 -15.24
CA SER D 136 -2.21 -24.53 -16.13
C SER D 136 -1.92 -25.83 -15.40
N ILE D 137 -1.85 -26.90 -16.18
CA ILE D 137 -1.58 -28.22 -15.67
C ILE D 137 -0.22 -28.26 -14.97
N SER D 138 0.61 -27.27 -15.24
CA SER D 138 1.94 -27.18 -14.64
C SER D 138 1.93 -26.62 -13.22
N ASP D 139 0.75 -26.20 -12.75
CA ASP D 139 0.59 -25.64 -11.41
C ASP D 139 -0.10 -26.66 -10.52
N ARG D 140 -0.29 -27.87 -11.04
CA ARG D 140 -0.94 -28.92 -10.28
C ARG D 140 -0.25 -29.09 -8.94
N GLY D 141 -1.03 -28.93 -7.87
CA GLY D 141 -0.50 -29.04 -6.52
C GLY D 141 -0.34 -27.67 -5.87
N HIS D 142 -0.51 -26.61 -6.66
CA HIS D 142 -0.37 -25.26 -6.14
C HIS D 142 -1.50 -24.36 -6.65
N VAL D 143 -2.61 -24.97 -7.03
CA VAL D 143 -3.75 -24.22 -7.54
C VAL D 143 -4.29 -23.25 -6.50
N ARG D 144 -4.18 -23.61 -5.22
CA ARG D 144 -4.69 -22.75 -4.18
C ARG D 144 -3.88 -21.48 -4.06
N SER D 145 -2.60 -21.58 -4.36
CA SER D 145 -1.72 -20.42 -4.26
C SER D 145 -2.08 -19.46 -5.36
N ILE D 146 -2.47 -19.99 -6.50
CA ILE D 146 -2.86 -19.17 -7.66
C ILE D 146 -4.17 -18.44 -7.36
N VAL D 147 -5.13 -19.14 -6.76
CA VAL D 147 -6.41 -18.53 -6.44
C VAL D 147 -6.17 -17.43 -5.39
N ASP D 148 -5.35 -17.76 -4.40
CA ASP D 148 -5.04 -16.80 -3.35
C ASP D 148 -4.41 -15.55 -3.94
N ASN D 149 -3.94 -15.64 -5.18
CA ASN D 149 -3.30 -14.52 -5.85
C ASN D 149 -4.28 -13.55 -6.45
N TRP D 150 -5.55 -13.93 -6.50
CA TRP D 150 -6.59 -13.08 -7.08
C TRP D 150 -6.93 -11.88 -6.18
N PRO D 151 -6.81 -10.66 -6.70
CA PRO D 151 -7.10 -9.42 -5.95
C PRO D 151 -8.47 -9.31 -5.29
N GLU D 152 -9.51 -9.91 -5.84
CA GLU D 152 -10.82 -9.82 -5.20
C GLU D 152 -11.03 -10.95 -4.20
N ASN D 153 -11.50 -10.61 -3.00
CA ASN D 153 -11.70 -11.61 -1.95
C ASN D 153 -13.14 -11.98 -1.65
N HIS D 154 -14.08 -11.46 -2.44
CA HIS D 154 -15.49 -11.77 -2.25
C HIS D 154 -16.16 -12.21 -3.55
N VAL D 155 -15.52 -13.14 -4.26
CA VAL D 155 -16.09 -13.63 -5.53
C VAL D 155 -17.35 -14.45 -5.27
N LYS D 156 -18.33 -14.33 -6.14
CA LYS D 156 -19.57 -15.09 -5.98
C LYS D 156 -19.91 -15.87 -7.24
N ALA D 157 -19.36 -15.44 -8.38
CA ALA D 157 -19.60 -16.11 -9.64
C ALA D 157 -18.28 -16.33 -10.39
N VAL D 158 -18.14 -17.55 -10.94
CA VAL D 158 -16.96 -17.96 -11.70
C VAL D 158 -17.39 -18.59 -13.03
N VAL D 159 -16.76 -18.20 -14.14
CA VAL D 159 -17.07 -18.80 -15.43
C VAL D 159 -15.73 -19.37 -15.84
N VAL D 160 -15.66 -20.70 -15.89
CA VAL D 160 -14.41 -21.40 -16.21
C VAL D 160 -14.36 -22.17 -17.53
N THR D 161 -13.21 -22.12 -18.18
CA THR D 161 -13.03 -22.80 -19.45
C THR D 161 -11.65 -23.46 -19.59
N ASP D 162 -11.56 -24.35 -20.58
CA ASP D 162 -10.34 -25.06 -20.94
C ASP D 162 -10.16 -24.90 -22.46
N GLY D 163 -10.88 -23.94 -23.02
CA GLY D 163 -10.80 -23.66 -24.44
C GLY D 163 -10.79 -24.85 -25.38
N GLU D 164 -11.45 -25.93 -25.02
CA GLU D 164 -11.48 -27.11 -25.87
C GLU D 164 -12.55 -27.09 -26.96
N ARG D 165 -13.69 -26.48 -26.65
CA ARG D 165 -14.79 -26.39 -27.60
C ARG D 165 -15.24 -24.94 -27.65
N ILE D 166 -14.33 -24.04 -28.01
CA ILE D 166 -14.64 -22.62 -28.05
C ILE D 166 -15.60 -22.32 -29.17
N LEU D 167 -16.86 -22.09 -28.82
CA LEU D 167 -17.93 -21.83 -29.79
C LEU D 167 -17.87 -23.01 -30.75
N GLY D 168 -18.12 -22.76 -32.03
CA GLY D 168 -18.04 -23.82 -33.02
C GLY D 168 -16.69 -23.70 -33.71
N LEU D 169 -15.72 -23.18 -32.97
CA LEU D 169 -14.36 -22.97 -33.48
C LEU D 169 -13.42 -24.06 -33.00
N GLY D 170 -13.93 -24.94 -32.15
CA GLY D 170 -13.10 -26.01 -31.63
C GLY D 170 -12.08 -25.57 -30.60
N ASP D 171 -11.03 -26.37 -30.49
CA ASP D 171 -9.91 -26.21 -29.57
C ASP D 171 -9.04 -24.96 -29.82
N LEU D 172 -9.11 -23.99 -28.92
CA LEU D 172 -8.30 -22.79 -29.06
C LEU D 172 -7.36 -22.62 -27.86
N GLY D 173 -7.28 -23.65 -27.02
CA GLY D 173 -6.42 -23.57 -25.87
C GLY D 173 -6.67 -22.34 -25.04
N VAL D 174 -5.60 -21.65 -24.64
CA VAL D 174 -5.70 -20.45 -23.83
C VAL D 174 -6.20 -19.25 -24.62
N TYR D 175 -6.19 -19.35 -25.93
CA TYR D 175 -6.69 -18.24 -26.75
C TYR D 175 -8.17 -18.15 -26.49
N GLY D 176 -8.68 -19.08 -25.69
CA GLY D 176 -10.10 -19.12 -25.38
C GLY D 176 -10.58 -18.40 -24.13
N GLY D 178 -11.07 -15.49 -23.85
CA GLY D 178 -11.97 -14.43 -24.27
C GLY D 178 -13.41 -14.79 -23.97
N ILE D 179 -13.73 -16.06 -24.04
CA ILE D 179 -15.11 -16.50 -23.79
C ILE D 179 -15.55 -16.25 -22.34
N PRO D 180 -14.85 -16.81 -21.33
CA PRO D 180 -15.30 -16.55 -19.95
C PRO D 180 -15.22 -15.07 -19.55
N VAL D 181 -14.44 -14.29 -20.28
CA VAL D 181 -14.35 -12.88 -19.97
C VAL D 181 -15.67 -12.29 -20.44
N GLY D 182 -16.00 -12.54 -21.71
CA GLY D 182 -17.22 -12.02 -22.29
C GLY D 182 -18.53 -12.44 -21.65
N LYS D 183 -18.56 -13.63 -21.07
CA LYS D 183 -19.77 -14.11 -20.43
C LYS D 183 -19.97 -13.35 -19.12
N LEU D 184 -18.88 -13.12 -18.41
CA LEU D 184 -18.98 -12.42 -17.14
C LEU D 184 -19.31 -10.95 -17.38
N CYS D 185 -19.22 -10.52 -18.63
CA CYS D 185 -19.53 -9.13 -18.96
C CYS D 185 -21.04 -8.97 -19.11
N LEU D 186 -21.71 -10.05 -19.51
CA LEU D 186 -23.15 -10.03 -19.70
C LEU D 186 -23.85 -10.28 -18.38
N TYR D 187 -23.08 -10.79 -17.43
CA TYR D 187 -23.52 -11.07 -16.08
C TYR D 187 -23.85 -9.70 -15.50
N THR D 188 -22.93 -8.77 -15.71
CA THR D 188 -23.09 -7.44 -15.19
C THR D 188 -23.92 -6.58 -16.12
N ALA D 189 -23.66 -6.66 -17.42
CA ALA D 189 -24.41 -5.88 -18.38
C ALA D 189 -25.89 -6.23 -18.47
N CYS D 190 -26.26 -7.43 -18.04
CA CYS D 190 -27.65 -7.85 -18.11
C CYS D 190 -28.35 -8.09 -16.78
N ALA D 191 -27.68 -8.71 -15.82
CA ALA D 191 -28.31 -8.97 -14.53
C ALA D 191 -27.76 -8.07 -13.40
N GLY D 192 -26.87 -7.15 -13.76
CA GLY D 192 -26.31 -6.26 -12.77
C GLY D 192 -25.58 -6.98 -11.66
N ILE D 193 -24.76 -7.97 -12.01
CA ILE D 193 -24.00 -8.67 -10.99
C ILE D 193 -22.75 -7.82 -10.85
N ARG D 194 -22.25 -7.72 -9.62
CA ARG D 194 -21.06 -6.89 -9.35
C ARG D 194 -19.82 -7.45 -10.02
N PRO D 195 -19.18 -6.66 -10.90
CA PRO D 195 -17.98 -7.08 -11.62
C PRO D 195 -16.90 -7.64 -10.69
N ASP D 196 -16.67 -6.95 -9.58
CA ASP D 196 -15.66 -7.41 -8.63
C ASP D 196 -16.03 -8.69 -7.91
N ARG D 197 -17.21 -9.23 -8.19
CA ARG D 197 -17.65 -10.46 -7.54
C ARG D 197 -17.63 -11.61 -8.55
N CYS D 198 -17.16 -11.32 -9.77
CA CYS D 198 -17.06 -12.29 -10.85
C CYS D 198 -15.61 -12.66 -11.18
N LEU D 199 -15.37 -13.94 -11.48
CA LEU D 199 -14.01 -14.38 -11.80
C LEU D 199 -13.95 -15.33 -12.99
N PRO D 200 -13.30 -14.89 -14.07
CA PRO D 200 -13.17 -15.74 -15.26
C PRO D 200 -11.92 -16.58 -15.10
N VAL D 201 -12.03 -17.88 -15.34
CA VAL D 201 -10.89 -18.78 -15.19
C VAL D 201 -10.61 -19.62 -16.42
N CYS D 202 -9.33 -19.69 -16.80
CA CYS D 202 -8.97 -20.51 -17.96
C CYS D 202 -8.03 -21.59 -17.52
N ILE D 203 -8.37 -22.85 -17.79
CA ILE D 203 -7.49 -23.94 -17.40
C ILE D 203 -6.69 -24.44 -18.58
N ASP D 204 -5.38 -24.23 -18.54
CA ASP D 204 -4.50 -24.67 -19.62
C ASP D 204 -3.89 -26.03 -19.31
N VAL D 205 -4.32 -27.04 -20.07
CA VAL D 205 -3.86 -28.40 -19.91
C VAL D 205 -3.18 -28.84 -21.20
N GLY D 206 -3.01 -27.87 -22.11
CA GLY D 206 -2.40 -28.14 -23.38
C GLY D 206 -3.39 -27.89 -24.49
N THR D 207 -3.00 -28.18 -25.72
CA THR D 207 -3.87 -27.98 -26.85
C THR D 207 -3.51 -28.93 -27.98
N ASP D 208 -4.49 -29.21 -28.82
CA ASP D 208 -4.29 -30.10 -29.95
C ASP D 208 -4.26 -29.29 -31.22
N ASN D 209 -4.44 -27.99 -31.09
CA ASN D 209 -4.43 -27.17 -32.27
C ASN D 209 -2.99 -26.95 -32.68
N ILE D 210 -2.55 -27.72 -33.67
CA ILE D 210 -1.18 -27.63 -34.16
C ILE D 210 -0.84 -26.21 -34.63
N ALA D 211 -1.82 -25.53 -35.21
CA ALA D 211 -1.60 -24.16 -35.68
C ALA D 211 -1.15 -23.28 -34.52
N LEU D 212 -1.73 -23.51 -33.35
CA LEU D 212 -1.38 -22.76 -32.15
C LEU D 212 -0.04 -23.22 -31.60
N LEU D 213 0.17 -24.53 -31.62
CA LEU D 213 1.40 -25.12 -31.10
C LEU D 213 2.66 -24.62 -31.76
N LYS D 214 2.53 -24.11 -32.99
CA LYS D 214 3.68 -23.58 -33.71
C LYS D 214 3.52 -22.07 -33.87
N ASP D 215 2.59 -21.49 -33.11
CA ASP D 215 2.34 -20.05 -33.14
C ASP D 215 3.22 -19.40 -32.07
N PRO D 216 4.11 -18.48 -32.47
CA PRO D 216 5.01 -17.82 -31.51
C PRO D 216 4.30 -16.89 -30.55
N PHE D 217 3.04 -16.58 -30.85
CA PHE D 217 2.30 -15.68 -30.00
C PHE D 217 1.34 -16.41 -29.07
N TYR D 218 1.21 -17.72 -29.25
CA TYR D 218 0.31 -18.48 -28.41
C TYR D 218 0.61 -18.19 -26.93
N GLY D 220 -0.53 -20.02 -24.19
CA GLY D 220 -0.62 -21.14 -23.26
C GLY D 220 0.58 -22.04 -23.32
N LEU D 221 0.40 -23.25 -22.82
CA LEU D 221 1.42 -24.29 -22.78
C LEU D 221 1.54 -24.95 -24.15
N TYR D 222 2.77 -24.98 -24.69
CA TYR D 222 3.01 -25.61 -25.99
C TYR D 222 3.07 -27.13 -25.81
N GLN D 223 1.92 -27.76 -25.61
CA GLN D 223 1.86 -29.19 -25.43
C GLN D 223 0.47 -29.64 -25.85
N LYS D 224 0.34 -30.90 -26.21
CA LYS D 224 -0.97 -31.37 -26.62
C LYS D 224 -1.83 -31.51 -25.36
N ARG D 225 -3.14 -31.44 -25.53
CA ARG D 225 -4.07 -31.52 -24.43
C ARG D 225 -3.83 -32.74 -23.56
N ASP D 226 -3.49 -32.54 -22.29
CA ASP D 226 -3.30 -33.66 -21.37
C ASP D 226 -4.67 -34.24 -21.04
N ARG D 227 -4.87 -35.52 -21.31
CA ARG D 227 -6.16 -36.14 -21.06
C ARG D 227 -6.15 -37.25 -20.02
N THR D 228 -5.11 -37.27 -19.18
CA THR D 228 -4.99 -38.30 -18.17
C THR D 228 -5.73 -37.92 -16.89
N GLN D 229 -5.57 -38.73 -15.84
CA GLN D 229 -6.23 -38.43 -14.56
C GLN D 229 -5.67 -37.12 -14.01
N GLN D 230 -4.46 -36.77 -14.45
CA GLN D 230 -3.82 -35.53 -14.00
C GLN D 230 -4.71 -34.34 -14.35
N TYR D 231 -5.56 -34.54 -15.33
CA TYR D 231 -6.49 -33.53 -15.79
C TYR D 231 -7.63 -33.48 -14.79
N ASP D 232 -8.14 -34.65 -14.42
CA ASP D 232 -9.24 -34.73 -13.48
C ASP D 232 -8.80 -34.18 -12.13
N ASP D 233 -7.57 -34.47 -11.71
CA ASP D 233 -7.04 -33.96 -10.45
C ASP D 233 -7.07 -32.44 -10.47
N LEU D 234 -6.56 -31.86 -11.55
CA LEU D 234 -6.51 -30.42 -11.65
C LEU D 234 -7.89 -29.77 -11.50
N ILE D 235 -8.84 -30.19 -12.32
CA ILE D 235 -10.17 -29.62 -12.22
C ILE D 235 -10.67 -29.75 -10.80
N ASP D 236 -10.35 -30.86 -10.15
CA ASP D 236 -10.79 -31.09 -8.77
C ASP D 236 -10.11 -30.15 -7.81
N GLU D 237 -8.81 -29.93 -8.03
CA GLU D 237 -8.00 -29.05 -7.18
C GLU D 237 -8.51 -27.61 -7.30
N PHE D 238 -8.98 -27.25 -8.48
CA PHE D 238 -9.51 -25.93 -8.73
C PHE D 238 -10.85 -25.77 -8.00
N LYS D 240 -12.00 -27.24 -5.45
CA LYS D 240 -11.81 -27.11 -4.01
C LYS D 240 -11.12 -25.79 -3.69
N ALA D 241 -10.05 -25.50 -4.39
CA ALA D 241 -9.32 -24.26 -4.17
C ALA D 241 -10.31 -23.11 -4.09
N ILE D 242 -11.13 -23.00 -5.13
CA ILE D 242 -12.16 -21.96 -5.25
C ILE D 242 -13.06 -21.85 -4.04
N THR D 243 -13.79 -22.93 -3.75
CA THR D 243 -14.72 -22.94 -2.62
C THR D 243 -14.03 -22.74 -1.29
N ASP D 244 -12.76 -23.11 -1.23
CA ASP D 244 -11.94 -22.96 -0.04
C ASP D 244 -11.77 -21.49 0.30
N ARG D 245 -11.56 -20.69 -0.74
CA ARG D 245 -11.35 -19.28 -0.57
C ARG D 245 -12.61 -18.44 -0.58
N TYR D 246 -13.63 -18.86 -1.32
CA TYR D 246 -14.85 -18.08 -1.43
C TYR D 246 -16.16 -18.68 -0.98
N GLY D 247 -16.13 -19.91 -0.48
CA GLY D 247 -17.38 -20.51 -0.02
C GLY D 247 -17.92 -21.66 -0.85
N ARG D 248 -18.62 -22.58 -0.19
CA ARG D 248 -19.19 -23.74 -0.85
C ARG D 248 -20.31 -23.49 -1.85
N ASN D 249 -20.91 -22.31 -1.87
CA ASN D 249 -21.96 -22.10 -2.84
C ASN D 249 -21.60 -21.06 -3.88
N THR D 250 -20.30 -20.86 -4.04
CA THR D 250 -19.80 -19.93 -5.03
C THR D 250 -20.26 -20.53 -6.35
N LEU D 251 -20.84 -19.71 -7.21
CA LEU D 251 -21.33 -20.16 -8.51
C LEU D 251 -20.21 -20.47 -9.51
N ILE D 252 -20.18 -21.71 -9.98
CA ILE D 252 -19.16 -22.10 -10.95
C ILE D 252 -19.85 -22.57 -12.23
N GLN D 253 -19.77 -21.73 -13.25
CA GLN D 253 -20.39 -22.02 -14.53
C GLN D 253 -19.36 -22.53 -15.55
N PHE D 254 -19.39 -23.82 -15.83
CA PHE D 254 -18.47 -24.43 -16.79
C PHE D 254 -18.93 -23.98 -18.16
N GLU D 255 -17.99 -23.55 -18.99
CA GLU D 255 -18.34 -23.07 -20.31
C GLU D 255 -17.37 -23.63 -21.32
N ASP D 256 -17.91 -24.01 -22.46
CA ASP D 256 -17.17 -24.55 -23.59
C ASP D 256 -16.04 -25.52 -23.28
N PHE D 257 -16.44 -26.66 -22.71
CA PHE D 257 -15.53 -27.74 -22.39
C PHE D 257 -15.84 -28.77 -23.48
N GLY D 258 -15.04 -29.82 -23.57
CA GLY D 258 -15.33 -30.80 -24.58
C GLY D 258 -16.58 -31.56 -24.19
N ASN D 259 -17.26 -32.13 -25.18
CA ASN D 259 -18.47 -32.92 -24.96
C ASN D 259 -18.32 -33.94 -23.81
N HIS D 260 -17.31 -34.80 -23.91
CA HIS D 260 -17.09 -35.82 -22.90
C HIS D 260 -16.98 -35.22 -21.50
N ASN D 261 -16.10 -34.24 -21.37
CA ASN D 261 -15.86 -33.56 -20.08
C ASN D 261 -17.03 -32.74 -19.56
N ALA D 262 -17.71 -32.03 -20.44
CA ALA D 262 -18.85 -31.20 -20.03
C ALA D 262 -19.83 -32.01 -19.20
N PHE D 263 -20.26 -33.14 -19.73
CA PHE D 263 -21.21 -34.03 -19.05
C PHE D 263 -20.59 -34.70 -17.84
N ARG D 264 -19.34 -35.09 -17.97
CA ARG D 264 -18.61 -35.78 -16.90
C ARG D 264 -18.62 -34.96 -15.64
N PHE D 265 -18.24 -33.69 -15.80
CA PHE D 265 -18.14 -32.78 -14.68
C PHE D 265 -19.50 -32.39 -14.12
N LEU D 266 -20.48 -32.16 -15.00
CA LEU D 266 -21.84 -31.81 -14.57
C LEU D 266 -22.31 -32.91 -13.64
N ARG D 267 -22.31 -34.14 -14.14
CA ARG D 267 -22.73 -35.29 -13.34
C ARG D 267 -21.93 -35.38 -12.05
N LYS D 268 -20.63 -35.11 -12.13
CA LYS D 268 -19.76 -35.22 -10.98
C LYS D 268 -19.87 -34.16 -9.87
N TYR D 269 -20.03 -32.89 -10.24
CA TYR D 269 -20.10 -31.83 -9.24
C TYR D 269 -21.48 -31.24 -8.93
N ARG D 270 -22.39 -31.25 -9.91
CA ARG D 270 -23.71 -30.66 -9.71
C ARG D 270 -24.29 -30.83 -8.31
N GLU D 271 -23.95 -31.92 -7.64
CA GLU D 271 -24.47 -32.18 -6.28
C GLU D 271 -23.50 -31.87 -5.16
N LYS D 272 -22.25 -31.56 -5.49
CA LYS D 272 -21.22 -31.28 -4.49
C LYS D 272 -20.96 -29.79 -4.35
N TYR D 273 -21.12 -29.09 -5.47
CA TYR D 273 -20.90 -27.67 -5.51
C TYR D 273 -22.12 -27.01 -6.11
N CYS D 274 -22.08 -25.69 -6.20
CA CYS D 274 -23.19 -24.96 -6.77
C CYS D 274 -22.72 -24.65 -8.18
N THR D 275 -22.91 -25.61 -9.09
CA THR D 275 -22.45 -25.47 -10.46
C THR D 275 -23.44 -25.88 -11.53
N PHE D 276 -23.19 -25.41 -12.75
CA PHE D 276 -24.03 -25.75 -13.87
C PHE D 276 -23.18 -25.58 -15.12
N ASN D 277 -23.67 -26.11 -16.24
CA ASN D 277 -22.94 -26.03 -17.50
C ASN D 277 -23.76 -25.23 -18.50
N ASP D 278 -23.25 -24.05 -18.84
CA ASP D 278 -23.96 -23.18 -19.73
C ASP D 278 -24.36 -23.81 -21.07
N ASP D 279 -23.41 -24.43 -21.75
CA ASP D 279 -23.70 -25.02 -23.04
C ASP D 279 -24.79 -26.10 -22.93
N ILE D 280 -24.79 -26.85 -21.83
CA ILE D 280 -25.76 -27.91 -21.66
C ILE D 280 -27.14 -27.42 -21.24
N GLN D 281 -27.25 -26.91 -20.01
CA GLN D 281 -28.54 -26.42 -19.47
C GLN D 281 -28.95 -25.03 -19.94
N GLY D 282 -27.98 -24.16 -20.13
CA GLY D 282 -28.31 -22.82 -20.58
C GLY D 282 -29.09 -22.87 -21.86
N THR D 283 -28.47 -23.44 -22.87
CA THR D 283 -29.08 -23.55 -24.18
C THR D 283 -30.45 -24.21 -24.08
N ALA D 284 -30.55 -25.25 -23.28
CA ALA D 284 -31.81 -25.95 -23.13
C ALA D 284 -32.89 -24.92 -22.85
N ALA D 285 -32.68 -24.15 -21.80
CA ALA D 285 -33.61 -23.12 -21.36
C ALA D 285 -34.03 -22.14 -22.44
N VAL D 286 -33.06 -21.62 -23.20
CA VAL D 286 -33.35 -20.66 -24.28
C VAL D 286 -34.01 -21.24 -25.50
N ALA D 287 -33.78 -22.53 -25.78
CA ALA D 287 -34.39 -23.16 -26.94
C ALA D 287 -35.83 -23.52 -26.61
N LEU D 288 -36.04 -23.99 -25.38
CA LEU D 288 -37.38 -24.35 -24.95
C LEU D 288 -38.28 -23.10 -24.94
N ALA D 289 -37.75 -21.97 -24.48
CA ALA D 289 -38.52 -20.73 -24.44
C ALA D 289 -38.93 -20.36 -25.87
N GLY D 290 -37.99 -20.53 -26.81
CA GLY D 290 -38.26 -20.23 -28.21
C GLY D 290 -39.27 -21.20 -28.79
N LEU D 291 -39.12 -22.47 -28.45
CA LEU D 291 -40.06 -23.48 -28.92
C LEU D 291 -41.44 -23.13 -28.37
N LEU D 292 -41.51 -22.94 -27.05
CA LEU D 292 -42.74 -22.56 -26.37
C LEU D 292 -43.46 -21.41 -27.04
N ALA D 293 -42.73 -20.35 -27.37
CA ALA D 293 -43.32 -19.19 -28.03
C ALA D 293 -43.96 -19.62 -29.34
N ALA D 294 -43.18 -20.38 -30.12
CA ALA D 294 -43.63 -20.89 -31.42
C ALA D 294 -44.89 -21.72 -31.30
N GLN D 295 -45.06 -22.42 -30.18
CA GLN D 295 -46.26 -23.22 -29.98
C GLN D 295 -47.46 -22.32 -29.76
N LYS D 296 -47.19 -21.04 -29.54
CA LYS D 296 -48.28 -20.12 -29.32
C LYS D 296 -48.90 -19.77 -30.66
N VAL D 297 -48.05 -19.77 -31.69
CA VAL D 297 -48.48 -19.44 -33.04
C VAL D 297 -48.98 -20.66 -33.81
N ILE D 298 -48.40 -21.80 -33.48
CA ILE D 298 -48.73 -23.06 -34.14
C ILE D 298 -49.90 -23.82 -33.50
N SER D 299 -49.92 -23.89 -32.17
CA SER D 299 -50.99 -24.60 -31.47
C SER D 299 -51.07 -26.08 -31.86
N LYS D 300 -50.03 -26.56 -32.54
CA LYS D 300 -49.96 -27.95 -32.94
C LYS D 300 -50.24 -28.90 -31.76
N PRO D 301 -50.96 -30.00 -32.02
CA PRO D 301 -51.25 -30.95 -30.93
C PRO D 301 -49.99 -31.69 -30.48
N ILE D 302 -49.71 -31.64 -29.19
CA ILE D 302 -48.55 -32.31 -28.60
C ILE D 302 -48.26 -33.63 -29.33
N SER D 303 -49.33 -34.36 -29.62
CA SER D 303 -49.27 -35.66 -30.30
C SER D 303 -48.50 -35.61 -31.62
N GLU D 304 -48.88 -34.66 -32.46
CA GLU D 304 -48.29 -34.46 -33.77
C GLU D 304 -46.88 -33.86 -33.79
N HIS D 305 -46.26 -33.71 -32.62
CA HIS D 305 -44.94 -33.10 -32.57
C HIS D 305 -43.82 -34.08 -32.77
N LYS D 306 -42.84 -33.66 -33.56
CA LYS D 306 -41.70 -34.48 -33.87
C LYS D 306 -40.52 -33.55 -34.08
N ILE D 307 -39.46 -33.79 -33.32
CA ILE D 307 -38.27 -32.97 -33.37
C ILE D 307 -37.02 -33.73 -33.82
N LEU D 308 -36.25 -33.08 -34.71
CA LEU D 308 -35.01 -33.66 -35.23
C LEU D 308 -33.85 -32.67 -35.05
N PHE D 309 -32.84 -33.09 -34.28
CA PHE D 309 -31.67 -32.27 -34.03
C PHE D 309 -30.56 -32.52 -35.05
N LEU D 310 -29.80 -31.47 -35.34
CA LEU D 310 -28.66 -31.59 -36.22
C LEU D 310 -27.55 -31.49 -35.20
N GLY D 311 -26.96 -32.61 -34.85
CA GLY D 311 -25.93 -32.62 -33.84
C GLY D 311 -26.49 -33.47 -32.74
N ALA D 312 -25.65 -33.96 -31.84
CA ALA D 312 -26.16 -34.80 -30.76
C ALA D 312 -25.30 -34.64 -29.53
N GLY D 313 -24.74 -33.45 -29.38
CA GLY D 313 -23.85 -33.20 -28.25
C GLY D 313 -24.46 -32.41 -27.11
N GLU D 314 -23.58 -31.69 -26.43
CA GLU D 314 -23.95 -30.87 -25.29
C GLU D 314 -25.29 -30.14 -25.47
N ALA D 315 -25.34 -29.22 -26.41
CA ALA D 315 -26.55 -28.45 -26.68
C ALA D 315 -27.82 -29.27 -26.98
N ALA D 316 -27.72 -30.18 -27.95
CA ALA D 316 -28.85 -31.02 -28.37
C ALA D 316 -29.40 -31.84 -27.22
N LEU D 317 -28.51 -32.55 -26.54
CA LEU D 317 -28.93 -33.38 -25.42
C LEU D 317 -29.56 -32.52 -24.32
N GLY D 318 -28.94 -31.36 -24.06
CA GLY D 318 -29.47 -30.45 -23.05
C GLY D 318 -30.87 -29.94 -23.42
N ILE D 319 -31.06 -29.55 -24.67
CA ILE D 319 -32.36 -29.10 -25.10
C ILE D 319 -33.33 -30.29 -25.05
N ALA D 320 -32.94 -31.38 -25.71
CA ALA D 320 -33.77 -32.59 -25.76
C ALA D 320 -34.39 -32.88 -24.40
N ASN D 321 -33.54 -33.05 -23.40
CA ASN D 321 -34.01 -33.33 -22.04
C ASN D 321 -34.94 -32.31 -21.41
N LEU D 322 -34.76 -31.03 -21.70
CA LEU D 322 -35.64 -30.03 -21.12
C LEU D 322 -36.98 -30.04 -21.86
N ILE D 323 -36.94 -30.32 -23.17
CA ILE D 323 -38.15 -30.38 -23.98
C ILE D 323 -39.00 -31.49 -23.36
N VAL D 324 -38.36 -32.64 -23.15
CA VAL D 324 -39.02 -33.78 -22.58
C VAL D 324 -39.61 -33.40 -21.23
N SER D 326 -40.78 -30.79 -20.29
CA SER D 326 -42.00 -30.02 -20.50
C SER D 326 -43.18 -30.87 -21.01
N VAL D 328 -43.65 -34.09 -20.49
CA VAL D 328 -44.05 -34.97 -19.41
C VAL D 328 -44.90 -34.19 -18.44
N GLU D 329 -44.58 -32.91 -18.31
CA GLU D 329 -45.28 -31.97 -17.43
C GLU D 329 -46.67 -31.69 -17.98
N ASN D 330 -46.86 -31.97 -19.26
CA ASN D 330 -48.15 -31.72 -19.92
C ASN D 330 -48.84 -32.99 -20.43
N GLY D 331 -48.66 -34.08 -19.70
CA GLY D 331 -49.29 -35.32 -20.11
C GLY D 331 -48.28 -36.35 -20.54
N LEU D 332 -47.85 -36.28 -21.80
CA LEU D 332 -46.88 -37.22 -22.36
C LEU D 332 -45.99 -37.85 -21.28
N SER D 333 -45.81 -39.16 -21.33
CA SER D 333 -44.96 -39.82 -20.37
C SER D 333 -43.53 -39.67 -20.86
N GLU D 334 -42.58 -39.79 -19.95
CA GLU D 334 -41.16 -39.69 -20.29
C GLU D 334 -40.89 -40.52 -21.54
N GLN D 335 -41.34 -41.76 -21.51
CA GLN D 335 -41.16 -42.67 -22.61
C GLN D 335 -41.67 -42.11 -23.93
N GLU D 336 -42.94 -41.76 -23.99
CA GLU D 336 -43.51 -41.24 -25.23
C GLU D 336 -43.04 -39.84 -25.57
N ALA D 337 -42.43 -39.19 -24.61
CA ALA D 337 -41.91 -37.84 -24.83
C ALA D 337 -40.68 -38.04 -25.71
N GLN D 338 -39.75 -38.84 -25.22
CA GLN D 338 -38.50 -39.12 -25.92
C GLN D 338 -38.74 -39.65 -27.33
N LYS D 339 -39.79 -40.45 -27.49
CA LYS D 339 -40.09 -40.99 -28.81
C LYS D 339 -40.28 -39.87 -29.82
N LYS D 340 -40.55 -38.66 -29.34
CA LYS D 340 -40.79 -37.54 -30.25
C LYS D 340 -39.51 -36.85 -30.71
N ILE D 341 -38.37 -37.29 -30.19
CA ILE D 341 -37.12 -36.64 -30.53
C ILE D 341 -36.11 -37.55 -31.19
N TRP D 342 -35.58 -37.06 -32.31
CA TRP D 342 -34.59 -37.76 -33.15
C TRP D 342 -33.32 -36.92 -33.28
N PHE D 344 -29.50 -36.54 -35.46
CA PHE D 344 -28.69 -36.89 -36.63
C PHE D 344 -27.29 -36.31 -36.44
N ASP D 345 -26.30 -37.13 -36.07
CA ASP D 345 -24.95 -36.59 -35.88
C ASP D 345 -24.00 -36.79 -37.06
N LYS D 346 -22.72 -36.49 -36.86
CA LYS D 346 -21.76 -36.58 -37.95
C LYS D 346 -21.66 -37.96 -38.59
N TYR D 347 -22.16 -38.96 -37.89
CA TYR D 347 -22.19 -40.34 -38.37
C TYR D 347 -23.57 -40.67 -38.88
N GLY D 348 -24.49 -39.70 -38.79
CA GLY D 348 -25.86 -39.91 -39.24
C GLY D 348 -26.91 -39.97 -38.13
N LEU D 349 -28.07 -40.57 -38.45
CA LEU D 349 -29.17 -40.69 -37.51
C LEU D 349 -28.81 -41.66 -36.39
N LEU D 350 -29.19 -41.31 -35.17
CA LEU D 350 -28.91 -42.17 -34.03
C LEU D 350 -30.06 -43.18 -33.99
N VAL D 351 -29.76 -44.42 -34.32
CA VAL D 351 -30.76 -45.49 -34.30
C VAL D 351 -30.17 -46.70 -33.60
N LYS D 352 -31.04 -47.59 -33.13
CA LYS D 352 -30.60 -48.79 -32.44
C LYS D 352 -29.83 -49.70 -33.41
N GLY D 353 -28.69 -50.19 -32.95
CA GLY D 353 -27.88 -51.08 -33.77
C GLY D 353 -26.86 -50.49 -34.73
N ARG D 354 -26.74 -49.17 -34.80
CA ARG D 354 -25.78 -48.51 -35.70
C ARG D 354 -24.32 -48.65 -35.22
N LYS D 355 -23.40 -48.72 -36.16
CA LYS D 355 -21.98 -48.87 -35.84
C LYS D 355 -21.45 -47.71 -35.01
N ALA D 356 -21.70 -46.48 -35.43
CA ALA D 356 -21.25 -45.33 -34.65
C ALA D 356 -21.86 -45.53 -33.26
N LYS D 357 -21.02 -45.44 -32.22
CA LYS D 357 -21.53 -45.64 -30.86
C LYS D 357 -22.51 -44.57 -30.35
N ILE D 358 -23.24 -44.94 -29.30
CA ILE D 358 -24.25 -44.11 -28.65
C ILE D 358 -23.89 -44.15 -27.16
N ASP D 359 -23.92 -43.00 -26.50
CA ASP D 359 -23.60 -43.00 -25.09
C ASP D 359 -24.85 -43.08 -24.22
N SER D 360 -24.62 -42.97 -22.92
CA SER D 360 -25.68 -43.03 -21.94
C SER D 360 -26.76 -41.98 -22.20
N TYR D 361 -26.33 -40.77 -22.52
CA TYR D 361 -27.24 -39.68 -22.75
C TYR D 361 -28.09 -39.77 -24.00
N GLN D 362 -27.51 -40.32 -25.05
CA GLN D 362 -28.24 -40.42 -26.32
C GLN D 362 -29.12 -41.65 -26.38
N GLU D 363 -28.83 -42.65 -25.55
CA GLU D 363 -29.63 -43.87 -25.55
C GLU D 363 -31.14 -43.59 -25.68
N PRO D 364 -31.69 -42.69 -24.83
CA PRO D 364 -33.12 -42.33 -24.81
C PRO D 364 -33.71 -41.84 -26.12
N PHE D 365 -32.86 -41.32 -27.00
CA PHE D 365 -33.34 -40.82 -28.27
C PHE D 365 -32.81 -41.64 -29.46
N THR D 366 -32.25 -42.79 -29.13
CA THR D 366 -31.72 -43.75 -30.08
C THR D 366 -32.85 -44.77 -30.30
N HIS D 367 -33.70 -44.51 -31.28
CA HIS D 367 -34.82 -45.40 -31.55
C HIS D 367 -34.57 -46.50 -32.57
N SER D 368 -35.55 -47.38 -32.72
CA SER D 368 -35.47 -48.49 -33.66
C SER D 368 -35.48 -47.78 -35.00
N ALA D 369 -34.56 -48.17 -35.88
CA ALA D 369 -34.42 -47.55 -37.19
C ALA D 369 -35.71 -47.39 -37.99
N PRO D 370 -35.84 -46.26 -38.71
CA PRO D 370 -37.07 -46.11 -39.49
C PRO D 370 -37.03 -47.05 -40.68
N GLU D 371 -38.04 -46.94 -41.54
CA GLU D 371 -38.11 -47.76 -42.73
C GLU D 371 -36.78 -47.63 -43.45
N SER D 372 -36.57 -46.46 -44.04
CA SER D 372 -35.35 -46.16 -44.78
C SER D 372 -34.36 -45.31 -44.00
N ILE D 373 -33.10 -45.77 -43.94
CA ILE D 373 -32.02 -45.07 -43.26
C ILE D 373 -31.56 -43.84 -44.08
N PRO D 374 -31.53 -42.64 -43.46
CA PRO D 374 -31.11 -41.43 -44.19
C PRO D 374 -29.60 -41.30 -44.24
N ASP D 375 -29.09 -40.92 -45.40
CA ASP D 375 -27.66 -40.76 -45.58
C ASP D 375 -27.28 -39.30 -45.34
N THR D 376 -28.22 -38.40 -45.63
CA THR D 376 -28.01 -36.98 -45.47
C THR D 376 -29.09 -36.41 -44.56
N PHE D 377 -28.87 -35.19 -44.05
CA PHE D 377 -29.88 -34.58 -43.19
C PHE D 377 -31.17 -34.39 -43.98
N GLU D 378 -31.07 -34.01 -45.26
CA GLU D 378 -32.24 -33.83 -46.10
C GLU D 378 -33.06 -35.11 -46.12
N ASP D 379 -32.38 -36.25 -46.13
CA ASP D 379 -33.06 -37.54 -46.12
C ASP D 379 -33.79 -37.76 -44.81
N ALA D 380 -33.10 -37.50 -43.71
CA ALA D 380 -33.70 -37.67 -42.39
C ALA D 380 -34.97 -36.84 -42.33
N VAL D 381 -34.88 -35.64 -42.89
CA VAL D 381 -35.98 -34.69 -42.91
C VAL D 381 -37.17 -35.24 -43.70
N ASN D 382 -36.89 -35.86 -44.85
CA ASN D 382 -37.96 -36.39 -45.66
C ASN D 382 -38.41 -37.75 -45.18
N ILE D 383 -37.54 -38.48 -44.51
CA ILE D 383 -37.87 -39.80 -43.96
C ILE D 383 -38.73 -39.56 -42.73
N LEU D 384 -38.18 -38.82 -41.77
CA LEU D 384 -38.88 -38.52 -40.53
C LEU D 384 -39.99 -37.49 -40.69
N LYS D 385 -39.77 -36.48 -41.52
CA LYS D 385 -40.76 -35.42 -41.74
C LYS D 385 -40.99 -34.70 -40.42
N PRO D 386 -39.95 -34.06 -39.85
CA PRO D 386 -40.14 -33.37 -38.57
C PRO D 386 -40.93 -32.08 -38.62
N SER D 387 -41.48 -31.72 -37.46
CA SER D 387 -42.26 -30.48 -37.34
C SER D 387 -41.29 -29.39 -36.88
N THR D 388 -40.20 -29.81 -36.23
CA THR D 388 -39.17 -28.90 -35.74
C THR D 388 -37.77 -29.41 -36.09
N ILE D 389 -36.96 -28.47 -36.55
CA ILE D 389 -35.58 -28.76 -36.94
C ILE D 389 -34.66 -27.85 -36.11
N ILE D 390 -33.76 -28.47 -35.37
CA ILE D 390 -32.84 -27.72 -34.51
C ILE D 390 -31.39 -28.03 -34.83
N GLY D 391 -30.74 -27.07 -35.48
CA GLY D 391 -29.35 -27.25 -35.85
C GLY D 391 -28.48 -26.84 -34.69
N VAL D 392 -27.57 -27.74 -34.29
CA VAL D 392 -26.69 -27.49 -33.17
C VAL D 392 -25.40 -28.32 -33.30
N ALA D 393 -24.86 -28.34 -34.52
CA ALA D 393 -23.64 -29.08 -34.83
C ALA D 393 -22.44 -28.15 -34.95
N GLY D 394 -22.70 -26.89 -35.28
CA GLY D 394 -21.60 -25.96 -35.42
C GLY D 394 -20.66 -26.44 -36.51
N ALA D 395 -21.25 -27.02 -37.56
CA ALA D 395 -20.50 -27.55 -38.68
C ALA D 395 -20.69 -26.76 -39.99
N GLY D 396 -21.43 -25.64 -39.93
CA GLY D 396 -21.63 -24.83 -41.11
C GLY D 396 -23.05 -24.90 -41.66
N ARG D 397 -23.23 -24.45 -42.91
CA ARG D 397 -24.56 -24.43 -43.56
C ARG D 397 -25.15 -25.81 -43.89
N LEU D 398 -25.52 -26.57 -42.87
CA LEU D 398 -26.07 -27.89 -43.11
C LEU D 398 -27.58 -27.89 -43.32
N PHE D 399 -28.19 -26.73 -43.13
CA PHE D 399 -29.61 -26.56 -43.37
C PHE D 399 -29.67 -25.96 -44.77
N THR D 400 -29.29 -26.79 -45.73
CA THR D 400 -29.26 -26.43 -47.14
C THR D 400 -30.63 -25.96 -47.58
N PRO D 401 -30.71 -25.22 -48.68
CA PRO D 401 -31.99 -24.72 -49.19
C PRO D 401 -32.97 -25.89 -49.41
N ASP D 402 -32.40 -27.02 -49.81
CA ASP D 402 -33.18 -28.23 -50.05
C ASP D 402 -33.76 -28.70 -48.73
N VAL D 403 -32.96 -28.61 -47.66
CA VAL D 403 -33.40 -28.98 -46.33
C VAL D 403 -34.51 -28.05 -45.91
N ILE D 404 -34.36 -26.78 -46.26
CA ILE D 404 -35.37 -25.80 -45.90
C ILE D 404 -36.63 -25.95 -46.74
N ARG D 405 -36.46 -25.94 -48.05
CA ARG D 405 -37.60 -26.09 -48.95
C ARG D 405 -38.38 -27.34 -48.51
N ALA D 406 -37.67 -28.38 -48.12
CA ALA D 406 -38.30 -29.62 -47.69
C ALA D 406 -39.16 -29.38 -46.45
N ALA D 408 -40.46 -26.54 -45.49
CA ALA D 408 -41.60 -25.71 -45.85
C ALA D 408 -42.68 -26.52 -46.56
N SER D 409 -42.25 -27.60 -47.23
CA SER D 409 -43.17 -28.45 -47.96
C SER D 409 -43.88 -29.37 -46.99
N ILE D 410 -43.10 -29.94 -46.07
CA ILE D 410 -43.62 -30.85 -45.05
C ILE D 410 -44.57 -30.13 -44.07
N ASN D 411 -44.16 -28.95 -43.60
CA ASN D 411 -44.95 -28.18 -42.64
C ASN D 411 -45.42 -26.82 -43.14
N GLU D 412 -46.67 -26.48 -42.86
CA GLU D 412 -47.20 -25.18 -43.28
C GLU D 412 -46.35 -24.12 -42.54
N ARG D 413 -46.13 -24.36 -41.26
CA ARG D 413 -45.33 -23.48 -40.42
C ARG D 413 -44.21 -24.29 -39.81
N PRO D 414 -43.06 -24.38 -40.50
CA PRO D 414 -41.94 -25.15 -39.95
C PRO D 414 -41.10 -24.30 -39.00
N VAL D 415 -40.58 -24.95 -37.96
CA VAL D 415 -39.73 -24.28 -36.98
C VAL D 415 -38.28 -24.61 -37.24
N ILE D 416 -37.54 -23.62 -37.69
CA ILE D 416 -36.13 -23.80 -38.00
C ILE D 416 -35.21 -23.03 -37.04
N PHE D 417 -34.40 -23.77 -36.29
CA PHE D 417 -33.47 -23.14 -35.36
C PHE D 417 -31.99 -23.37 -35.76
N ALA D 418 -31.34 -22.30 -36.20
CA ALA D 418 -29.93 -22.36 -36.59
C ALA D 418 -29.12 -21.87 -35.39
N LEU D 419 -28.98 -22.72 -34.38
CA LEU D 419 -28.30 -22.34 -33.15
C LEU D 419 -26.77 -22.35 -33.05
N SER D 420 -26.05 -22.76 -34.08
CA SER D 420 -24.60 -22.81 -34.01
C SER D 420 -23.91 -21.44 -34.10
N ASN D 421 -22.79 -21.33 -33.37
CA ASN D 421 -21.99 -20.11 -33.29
C ASN D 421 -20.51 -20.36 -33.61
N PRO D 422 -19.82 -19.37 -34.18
CA PRO D 422 -20.32 -18.05 -34.57
C PRO D 422 -21.16 -18.11 -35.85
N THR D 423 -21.53 -16.96 -36.35
CA THR D 423 -22.36 -16.87 -37.54
C THR D 423 -21.91 -17.75 -38.70
N ALA D 424 -20.61 -17.92 -38.89
CA ALA D 424 -20.09 -18.73 -40.00
C ALA D 424 -20.42 -20.22 -39.89
N GLN D 425 -20.53 -20.72 -38.67
CA GLN D 425 -20.86 -22.13 -38.44
C GLN D 425 -22.36 -22.33 -38.31
N ALA D 426 -23.12 -21.25 -38.42
CA ALA D 426 -24.57 -21.34 -38.31
C ALA D 426 -25.10 -22.18 -39.47
N GLU D 427 -26.09 -23.02 -39.16
CA GLU D 427 -26.72 -23.94 -40.09
C GLU D 427 -27.24 -23.26 -41.34
N CYS D 428 -27.76 -22.05 -41.17
CA CYS D 428 -28.27 -21.26 -42.27
C CYS D 428 -28.50 -19.82 -41.81
N THR D 429 -28.93 -18.96 -42.72
CA THR D 429 -29.16 -17.57 -42.37
C THR D 429 -30.64 -17.24 -42.26
N ALA D 430 -30.94 -16.06 -41.70
CA ALA D 430 -32.32 -15.61 -41.56
C ALA D 430 -32.91 -15.48 -42.96
N GLU D 431 -32.19 -14.81 -43.86
CA GLU D 431 -32.64 -14.64 -45.23
C GLU D 431 -32.93 -15.97 -45.91
N GLU D 432 -32.06 -16.96 -45.76
CA GLU D 432 -32.29 -18.26 -46.37
C GLU D 432 -33.63 -18.79 -45.83
N ALA D 433 -33.74 -18.89 -44.50
CA ALA D 433 -34.94 -19.38 -43.85
C ALA D 433 -36.27 -18.79 -44.35
N TYR D 434 -36.46 -17.50 -44.07
CA TYR D 434 -37.68 -16.77 -44.44
C TYR D 434 -37.96 -16.72 -45.92
N THR D 435 -36.92 -16.46 -46.70
CA THR D 435 -37.05 -16.34 -48.15
C THR D 435 -37.41 -17.66 -48.80
N LEU D 436 -36.71 -18.74 -48.41
CA LEU D 436 -36.97 -20.05 -49.00
C LEU D 436 -38.32 -20.66 -48.62
N THR D 437 -38.84 -20.30 -47.45
CA THR D 437 -40.13 -20.83 -46.99
C THR D 437 -41.22 -19.76 -47.13
N GLU D 438 -40.86 -18.68 -47.81
CA GLU D 438 -41.79 -17.57 -48.03
C GLU D 438 -42.44 -17.12 -46.75
N GLY D 439 -41.63 -16.56 -45.88
CA GLY D 439 -42.09 -16.05 -44.61
C GLY D 439 -43.02 -16.95 -43.82
N ARG D 440 -43.04 -18.25 -44.10
CA ARG D 440 -43.93 -19.15 -43.38
C ARG D 440 -43.24 -19.72 -42.15
N CYS D 441 -41.94 -19.91 -42.23
CA CYS D 441 -41.23 -20.51 -41.10
C CYS D 441 -41.18 -19.68 -39.83
N LEU D 442 -40.62 -20.30 -38.80
CA LEU D 442 -40.45 -19.70 -37.48
C LEU D 442 -38.98 -19.91 -37.19
N PHE D 443 -38.20 -18.87 -37.41
CA PHE D 443 -36.76 -18.90 -37.24
C PHE D 443 -36.20 -18.30 -35.95
N ALA D 444 -35.06 -18.85 -35.54
CA ALA D 444 -34.32 -18.43 -34.36
C ALA D 444 -32.87 -18.85 -34.59
N SER D 445 -31.95 -17.92 -34.41
CA SER D 445 -30.53 -18.19 -34.60
C SER D 445 -29.79 -17.97 -33.30
N GLY D 446 -28.63 -18.59 -33.18
CA GLY D 446 -27.85 -18.41 -31.96
C GLY D 446 -26.95 -17.20 -32.16
N SER D 447 -26.84 -16.73 -33.40
CA SER D 447 -26.01 -15.58 -33.71
C SER D 447 -26.88 -14.51 -34.34
N PRO D 448 -26.48 -13.23 -34.20
CA PRO D 448 -27.25 -12.10 -34.75
C PRO D 448 -27.48 -12.06 -36.26
N PHE D 449 -28.71 -11.72 -36.64
CA PHE D 449 -29.08 -11.61 -38.04
C PHE D 449 -30.00 -10.43 -38.14
N GLY D 450 -29.90 -9.68 -39.24
CA GLY D 450 -30.76 -8.53 -39.41
C GLY D 450 -32.17 -8.93 -39.83
N PRO D 451 -33.11 -7.98 -39.90
CA PRO D 451 -34.46 -8.36 -40.30
C PRO D 451 -34.44 -8.71 -41.79
N VAL D 452 -35.43 -9.48 -42.21
CA VAL D 452 -35.52 -9.87 -43.61
C VAL D 452 -36.79 -9.34 -44.25
N LYS D 453 -36.60 -8.56 -45.29
CA LYS D 453 -37.71 -7.99 -46.04
C LYS D 453 -37.90 -8.85 -47.29
N LEU D 454 -39.10 -9.38 -47.46
CA LEU D 454 -39.39 -10.21 -48.62
C LEU D 454 -39.85 -9.31 -49.75
N THR D 455 -39.69 -9.82 -50.97
CA THR D 455 -40.06 -9.09 -52.17
C THR D 455 -41.48 -8.54 -52.07
N ASP D 456 -42.32 -9.23 -51.32
CA ASP D 456 -43.71 -8.81 -51.17
C ASP D 456 -43.88 -7.77 -50.07
N GLY D 457 -42.76 -7.16 -49.66
CA GLY D 457 -42.81 -6.13 -48.64
C GLY D 457 -42.79 -6.59 -47.21
N ARG D 458 -43.20 -7.82 -46.94
CA ARG D 458 -43.22 -8.34 -45.59
C ARG D 458 -41.82 -8.34 -44.97
N VAL D 459 -41.72 -7.89 -43.72
CA VAL D 459 -40.44 -7.84 -43.01
C VAL D 459 -40.45 -8.67 -41.72
N PHE D 460 -39.52 -9.61 -41.63
CA PHE D 460 -39.41 -10.48 -40.47
C PHE D 460 -38.19 -10.16 -39.62
N THR D 461 -38.40 -10.23 -38.31
CA THR D 461 -37.36 -9.95 -37.35
C THR D 461 -37.13 -11.24 -36.59
N PRO D 462 -36.03 -11.95 -36.90
CA PRO D 462 -35.66 -13.22 -36.26
C PRO D 462 -35.17 -13.07 -34.81
N GLY D 463 -35.56 -14.01 -33.95
CA GLY D 463 -35.13 -13.95 -32.57
C GLY D 463 -33.76 -14.56 -32.44
N GLN D 464 -33.07 -14.29 -31.33
CA GLN D 464 -31.76 -14.86 -31.15
C GLN D 464 -31.79 -15.87 -30.02
N GLY D 465 -31.81 -17.15 -30.37
CA GLY D 465 -31.83 -18.20 -29.37
C GLY D 465 -30.45 -18.38 -28.79
N ASN D 466 -30.06 -17.47 -27.90
CA ASN D 466 -28.75 -17.54 -27.25
C ASN D 466 -28.96 -17.61 -25.75
N ASN D 467 -28.15 -18.42 -25.05
CA ASN D 467 -28.32 -18.57 -23.61
C ASN D 467 -28.07 -17.28 -22.83
N VAL D 468 -27.63 -16.24 -23.53
CA VAL D 468 -27.39 -14.93 -22.92
C VAL D 468 -28.70 -14.42 -22.32
N TYR D 469 -29.81 -14.92 -22.85
CA TYR D 469 -31.13 -14.55 -22.37
C TYR D 469 -31.37 -15.32 -21.08
N ILE D 470 -30.52 -16.31 -20.80
CA ILE D 470 -30.73 -17.12 -19.61
C ILE D 470 -29.67 -17.11 -18.50
N PHE D 471 -28.41 -17.32 -18.84
CA PHE D 471 -27.41 -17.38 -17.78
C PHE D 471 -27.26 -16.16 -16.88
N PRO D 472 -27.49 -14.93 -17.40
CA PRO D 472 -27.34 -13.81 -16.47
C PRO D 472 -28.39 -13.79 -15.34
N GLY D 473 -29.67 -13.69 -15.70
CA GLY D 473 -30.74 -13.65 -14.73
C GLY D 473 -30.79 -14.85 -13.82
N VAL D 474 -30.38 -16.00 -14.32
CA VAL D 474 -30.39 -17.21 -13.52
C VAL D 474 -29.24 -17.18 -12.51
N ALA D 475 -28.09 -16.64 -12.91
CA ALA D 475 -26.92 -16.56 -12.05
C ALA D 475 -27.23 -15.57 -10.92
N LEU D 476 -27.90 -14.48 -11.26
CA LEU D 476 -28.28 -13.48 -10.29
C LEU D 476 -29.11 -14.10 -9.17
N ALA D 477 -30.20 -14.75 -9.56
CA ALA D 477 -31.09 -15.38 -8.59
C ALA D 477 -30.40 -16.39 -7.68
N VAL D 478 -29.55 -17.24 -8.26
CA VAL D 478 -28.83 -18.27 -7.50
C VAL D 478 -27.86 -17.67 -6.50
N ILE D 479 -27.22 -16.59 -6.92
CA ILE D 479 -26.29 -15.87 -6.08
C ILE D 479 -27.08 -15.25 -4.93
N LEU D 480 -28.08 -14.47 -5.31
CA LEU D 480 -28.93 -13.79 -4.34
C LEU D 480 -29.65 -14.68 -3.32
N CYS D 481 -30.05 -15.88 -3.74
CA CYS D 481 -30.77 -16.79 -2.83
C CYS D 481 -29.90 -17.80 -2.14
N ASN D 482 -28.59 -17.63 -2.25
CA ASN D 482 -27.60 -18.52 -1.64
C ASN D 482 -27.91 -20.01 -1.85
N THR D 483 -28.42 -20.32 -3.04
CA THR D 483 -28.77 -21.69 -3.41
C THR D 483 -27.49 -22.53 -3.39
N ARG D 484 -27.60 -23.76 -2.92
CA ARG D 484 -26.44 -24.66 -2.82
C ARG D 484 -26.18 -25.49 -4.09
N HIS D 485 -27.27 -25.91 -4.74
CA HIS D 485 -27.16 -26.72 -5.96
C HIS D 485 -28.23 -26.30 -6.96
N ILE D 486 -27.87 -26.29 -8.24
CA ILE D 486 -28.82 -25.91 -9.29
C ILE D 486 -29.45 -27.12 -9.98
N SER D 487 -30.75 -27.31 -9.76
CA SER D 487 -31.50 -28.40 -10.36
C SER D 487 -31.88 -28.03 -11.78
N ASP D 488 -32.34 -29.02 -12.54
CA ASP D 488 -32.74 -28.79 -13.94
C ASP D 488 -34.11 -28.10 -14.05
N SER D 489 -34.89 -28.18 -12.99
CA SER D 489 -36.22 -27.56 -12.96
C SER D 489 -36.05 -26.06 -13.00
N VAL D 490 -34.95 -25.61 -12.42
CA VAL D 490 -34.63 -24.21 -12.36
C VAL D 490 -34.59 -23.64 -13.77
N PHE D 491 -34.06 -24.42 -14.71
CA PHE D 491 -33.96 -23.99 -16.08
C PHE D 491 -35.29 -24.12 -16.76
N LEU D 492 -36.12 -25.02 -16.27
CA LEU D 492 -37.44 -25.14 -16.87
C LEU D 492 -38.17 -23.83 -16.58
N GLU D 493 -38.16 -23.44 -15.30
CA GLU D 493 -38.83 -22.21 -14.88
C GLU D 493 -38.25 -21.00 -15.58
N ALA D 494 -36.93 -20.97 -15.75
CA ALA D 494 -36.27 -19.86 -16.43
C ALA D 494 -36.73 -19.74 -17.87
N ALA D 495 -37.16 -20.87 -18.44
CA ALA D 495 -37.64 -20.88 -19.82
C ALA D 495 -39.04 -20.29 -19.86
N LYS D 496 -39.87 -20.65 -18.90
CA LYS D 496 -41.22 -20.14 -18.86
C LYS D 496 -41.15 -18.64 -18.56
N ALA D 497 -40.32 -18.29 -17.59
CA ALA D 497 -40.14 -16.90 -17.18
C ALA D 497 -39.66 -16.04 -18.33
N LEU D 498 -38.97 -16.65 -19.28
CA LEU D 498 -38.46 -15.92 -20.43
C LEU D 498 -39.54 -15.82 -21.52
N THR D 499 -40.19 -16.94 -21.80
CA THR D 499 -41.21 -16.94 -22.84
C THR D 499 -42.43 -16.14 -22.40
N SER D 500 -42.56 -15.93 -21.08
CA SER D 500 -43.70 -15.20 -20.55
C SER D 500 -43.55 -13.70 -20.70
N GLN D 501 -42.45 -13.27 -21.29
CA GLN D 501 -42.17 -11.85 -21.49
C GLN D 501 -42.30 -11.42 -22.95
N LEU D 502 -42.56 -12.41 -23.81
CA LEU D 502 -42.75 -12.14 -25.23
C LEU D 502 -44.12 -11.52 -25.35
N THR D 503 -44.26 -10.51 -26.21
CA THR D 503 -45.55 -9.84 -26.38
C THR D 503 -46.22 -10.15 -27.71
N ASP D 504 -47.55 -10.23 -27.68
CA ASP D 504 -48.37 -10.51 -28.85
C ASP D 504 -47.79 -9.83 -30.10
N GLU D 505 -47.64 -8.51 -30.04
CA GLU D 505 -47.11 -7.73 -31.13
C GLU D 505 -45.67 -8.08 -31.46
N GLU D 506 -44.90 -8.44 -30.43
CA GLU D 506 -43.51 -8.82 -30.62
C GLU D 506 -43.53 -10.12 -31.43
N LEU D 507 -44.42 -11.03 -31.03
CA LEU D 507 -44.59 -12.31 -31.70
C LEU D 507 -44.92 -11.96 -33.11
N ALA D 508 -45.89 -11.05 -33.21
CA ALA D 508 -46.44 -10.55 -34.47
C ALA D 508 -45.40 -10.28 -35.54
N GLN D 509 -44.19 -9.90 -35.14
CA GLN D 509 -43.14 -9.62 -36.11
C GLN D 509 -42.17 -10.79 -36.26
N GLY D 510 -42.57 -11.96 -35.80
CA GLY D 510 -41.71 -13.13 -35.92
C GLY D 510 -40.66 -13.31 -34.85
N ARG D 511 -40.84 -12.63 -33.72
CA ARG D 511 -39.87 -12.74 -32.63
C ARG D 511 -40.29 -13.86 -31.70
N LEU D 512 -39.42 -14.85 -31.54
CA LEU D 512 -39.70 -15.97 -30.64
C LEU D 512 -39.05 -15.62 -29.31
N TYR D 513 -38.47 -14.42 -29.24
CA TYR D 513 -37.82 -13.93 -28.04
C TYR D 513 -38.02 -12.44 -27.89
N PRO D 514 -38.03 -11.95 -26.64
CA PRO D 514 -38.21 -10.52 -26.39
C PRO D 514 -37.07 -9.76 -27.05
N PRO D 515 -37.30 -8.50 -27.44
CA PRO D 515 -36.23 -7.73 -28.09
C PRO D 515 -34.96 -7.76 -27.23
N LEU D 516 -33.81 -7.69 -27.88
CA LEU D 516 -32.54 -7.71 -27.18
C LEU D 516 -32.32 -6.39 -26.43
N ALA D 517 -32.96 -5.34 -26.92
CA ALA D 517 -32.82 -4.04 -26.31
C ALA D 517 -33.32 -4.07 -24.87
N ASN D 518 -34.25 -4.98 -24.56
CA ASN D 518 -34.79 -5.09 -23.21
C ASN D 518 -34.08 -6.20 -22.45
N ILE D 519 -32.99 -6.70 -22.99
CA ILE D 519 -32.28 -7.81 -22.35
C ILE D 519 -32.06 -7.65 -20.83
N GLN D 520 -31.87 -6.43 -20.36
CA GLN D 520 -31.64 -6.20 -18.94
C GLN D 520 -32.87 -6.51 -18.10
N GLU D 521 -33.99 -5.87 -18.42
CA GLU D 521 -35.22 -6.10 -17.67
C GLU D 521 -35.65 -7.54 -17.74
N VAL D 522 -35.54 -8.12 -18.92
CA VAL D 522 -35.92 -9.51 -19.07
C VAL D 522 -35.13 -10.31 -18.05
N SER D 523 -33.81 -10.15 -18.08
CA SER D 523 -32.94 -10.87 -17.14
C SER D 523 -33.43 -10.70 -15.70
N ILE D 524 -33.58 -9.45 -15.27
CA ILE D 524 -34.02 -9.20 -13.91
C ILE D 524 -35.34 -9.91 -13.67
N ASN D 525 -36.26 -9.81 -14.63
CA ASN D 525 -37.56 -10.45 -14.48
C ASN D 525 -37.42 -11.95 -14.31
N ILE D 526 -36.52 -12.55 -15.08
CA ILE D 526 -36.30 -13.98 -14.97
C ILE D 526 -35.63 -14.25 -13.62
N ALA D 527 -34.76 -13.34 -13.22
CA ALA D 527 -34.07 -13.50 -11.95
C ALA D 527 -35.10 -13.60 -10.84
N ILE D 528 -36.07 -12.69 -10.83
CA ILE D 528 -37.10 -12.69 -9.78
C ILE D 528 -37.99 -13.92 -9.84
N LYS D 529 -38.48 -14.27 -11.01
CA LYS D 529 -39.32 -15.46 -11.14
C LYS D 529 -38.59 -16.69 -10.58
N VAL D 530 -37.28 -16.77 -10.81
CA VAL D 530 -36.47 -17.88 -10.34
C VAL D 530 -36.24 -17.91 -8.81
N THR D 531 -36.00 -16.76 -8.20
CA THR D 531 -35.78 -16.74 -6.75
C THR D 531 -37.11 -17.04 -6.05
N GLU D 532 -38.21 -16.57 -6.64
CA GLU D 532 -39.52 -16.84 -6.06
C GLU D 532 -39.61 -18.37 -6.07
N TYR D 533 -39.20 -18.94 -7.19
CA TYR D 533 -39.20 -20.39 -7.38
C TYR D 533 -38.28 -21.11 -6.39
N LEU D 534 -37.03 -20.66 -6.32
CA LEU D 534 -36.05 -21.27 -5.43
C LEU D 534 -36.58 -21.31 -4.03
N TYR D 535 -37.12 -20.18 -3.58
CA TYR D 535 -37.65 -20.06 -2.23
C TYR D 535 -38.87 -20.97 -2.04
N ALA D 536 -39.74 -20.98 -3.04
CA ALA D 536 -40.94 -21.80 -2.99
C ALA D 536 -40.64 -23.27 -2.98
N ASN D 537 -39.42 -23.63 -3.36
CA ASN D 537 -39.03 -25.03 -3.39
C ASN D 537 -37.98 -25.39 -2.36
N LYS D 538 -37.83 -24.50 -1.39
CA LYS D 538 -36.87 -24.73 -0.32
C LYS D 538 -35.49 -25.00 -0.90
N ALA D 540 -33.47 -22.08 -1.63
CA ALA D 540 -32.76 -20.84 -1.34
C ALA D 540 -32.48 -20.79 0.17
N PHE D 541 -31.26 -20.43 0.55
CA PHE D 541 -30.88 -20.39 1.94
C PHE D 541 -30.50 -19.03 2.49
N ARG D 542 -30.92 -17.98 1.81
CA ARG D 542 -30.65 -16.62 2.27
C ARG D 542 -31.71 -16.34 3.36
N TYR D 543 -31.27 -16.05 4.59
CA TYR D 543 -32.19 -15.75 5.70
C TYR D 543 -32.20 -14.26 6.07
N PRO D 544 -33.39 -13.67 6.23
CA PRO D 544 -34.72 -14.24 6.09
C PRO D 544 -35.29 -14.13 4.67
N GLU D 545 -36.44 -14.76 4.43
CA GLU D 545 -37.05 -14.74 3.10
C GLU D 545 -37.76 -13.44 2.79
N PRO D 546 -37.26 -12.72 1.79
CA PRO D 546 -37.93 -11.45 1.46
C PRO D 546 -39.40 -11.69 1.19
N GLU D 547 -40.26 -10.79 1.63
CA GLU D 547 -41.68 -10.94 1.40
C GLU D 547 -41.97 -10.61 -0.06
N ASP D 548 -41.39 -9.52 -0.57
CA ASP D 548 -41.56 -9.11 -1.96
C ASP D 548 -40.28 -9.35 -2.77
N LYS D 549 -40.26 -10.47 -3.47
CA LYS D 549 -39.12 -10.87 -4.30
C LYS D 549 -38.72 -9.81 -5.31
N ALA D 550 -39.70 -9.26 -6.00
CA ALA D 550 -39.42 -8.25 -7.00
C ALA D 550 -38.52 -7.14 -6.48
N LYS D 551 -38.95 -6.48 -5.41
CA LYS D 551 -38.17 -5.38 -4.85
C LYS D 551 -36.81 -5.87 -4.34
N TYR D 552 -36.81 -7.06 -3.76
CA TYR D 552 -35.60 -7.67 -3.19
C TYR D 552 -34.47 -7.74 -4.22
N VAL D 553 -34.86 -8.11 -5.44
CA VAL D 553 -33.91 -8.24 -6.55
C VAL D 553 -33.49 -6.90 -7.14
N LYS D 554 -34.42 -6.06 -7.54
CA LYS D 554 -34.05 -4.76 -8.11
C LYS D 554 -33.26 -3.99 -7.07
N GLU D 555 -33.53 -4.29 -5.82
CA GLU D 555 -32.85 -3.65 -4.70
C GLU D 555 -31.34 -3.83 -4.81
N ARG D 556 -30.94 -5.06 -5.15
CA ARG D 556 -29.53 -5.41 -5.22
C ARG D 556 -28.85 -5.49 -6.56
N THR D 557 -29.16 -4.62 -7.49
CA THR D 557 -28.48 -4.69 -8.77
C THR D 557 -27.44 -3.59 -8.90
N TRP D 558 -26.23 -3.98 -9.26
CA TRP D 558 -25.09 -3.08 -9.46
C TRP D 558 -25.45 -2.10 -10.57
N ARG D 559 -25.20 -0.82 -10.32
CA ARG D 559 -25.50 0.28 -11.25
C ARG D 559 -24.22 0.86 -11.84
N SER D 560 -24.31 1.41 -13.05
CA SER D 560 -23.14 1.95 -13.73
C SER D 560 -22.78 3.41 -13.38
N GLU D 561 -23.61 4.06 -12.57
CA GLU D 561 -23.37 5.45 -12.19
C GLU D 561 -22.23 5.57 -11.19
N TYR D 562 -21.40 6.60 -11.37
CA TYR D 562 -20.25 6.80 -10.49
C TYR D 562 -20.67 6.97 -9.04
N ASP D 563 -19.98 6.28 -8.15
CA ASP D 563 -20.27 6.42 -6.73
C ASP D 563 -19.32 7.49 -6.19
N SER D 564 -19.74 8.20 -5.15
CA SER D 564 -18.89 9.22 -4.57
C SER D 564 -17.84 8.50 -3.73
N LEU D 565 -16.59 8.97 -3.78
CA LEU D 565 -15.53 8.33 -3.00
C LEU D 565 -15.13 9.20 -1.83
N LEU D 566 -15.85 10.31 -1.67
CA LEU D 566 -15.57 11.27 -0.60
C LEU D 566 -15.78 10.63 0.76
N PRO D 567 -14.82 10.84 1.69
CA PRO D 567 -14.93 10.29 3.05
C PRO D 567 -16.15 10.90 3.74
N ASP D 568 -16.60 10.27 4.81
CA ASP D 568 -17.76 10.76 5.56
C ASP D 568 -17.38 11.76 6.63
N VAL D 569 -17.38 13.04 6.27
CA VAL D 569 -17.02 14.07 7.23
C VAL D 569 -18.28 14.75 7.74
N TYR D 570 -18.39 14.82 9.05
CA TYR D 570 -19.55 15.42 9.70
C TYR D 570 -19.19 16.10 11.01
N GLU D 571 -19.94 17.15 11.34
CA GLU D 571 -19.74 17.92 12.55
C GLU D 571 -20.19 17.20 13.81
N TRP D 572 -19.46 17.41 14.90
CA TRP D 572 -19.82 16.81 16.16
C TRP D 572 -20.57 17.86 16.99
N PRO D 573 -21.63 17.44 17.72
CA PRO D 573 -22.46 18.31 18.56
C PRO D 573 -21.74 18.94 19.77
#